data_3BHE
# 
_entry.id   3BHE 
# 
_audit_conform.dict_name       mmcif_pdbx.dic 
_audit_conform.dict_version    5.380 
_audit_conform.dict_location   http://mmcif.pdb.org/dictionaries/ascii/mmcif_pdbx.dic 
# 
loop_
_database_2.database_id 
_database_2.database_code 
_database_2.pdbx_database_accession 
_database_2.pdbx_DOI 
PDB   3BHE         pdb_00003bhe 10.2210/pdb3bhe/pdb 
RCSB  RCSB045523   ?            ?                   
WWPDB D_1000045523 ?            ?                   
# 
_pdbx_database_status.status_code                     REL 
_pdbx_database_status.entry_id                        3BHE 
_pdbx_database_status.recvd_initial_deposition_date   2007-11-28 
_pdbx_database_status.deposit_site                    RCSB 
_pdbx_database_status.process_site                    PDBJ 
_pdbx_database_status.status_code_sf                  REL 
_pdbx_database_status.status_code_mr                  ? 
_pdbx_database_status.SG_entry                        ? 
_pdbx_database_status.pdb_format_compatible           Y 
_pdbx_database_status.status_code_cs                  ? 
_pdbx_database_status.status_code_nmr_data            ? 
_pdbx_database_status.methods_development_category    ? 
# 
loop_
_audit_author.name 
_audit_author.pdbx_ordinal 
'Boettcher, J.'   1 
'Blum, A.'        2 
'Heine, A.'       3 
'Diederich, W.E.' 4 
'Klebe, G.'       5 
# 
_citation.id                        primary 
_citation.title                     'HIV-1 protease in complex with a three armed pyrrolidine derivative' 
_citation.journal_abbrev            'To be Published' 
_citation.journal_volume            ? 
_citation.page_first                ? 
_citation.page_last                 ? 
_citation.year                      ? 
_citation.journal_id_ASTM           ? 
_citation.country                   ? 
_citation.journal_id_ISSN           ? 
_citation.journal_id_CSD            0353 
_citation.book_publisher            ? 
_citation.pdbx_database_id_PubMed   ? 
_citation.pdbx_database_id_DOI      ? 
# 
loop_
_citation_author.citation_id 
_citation_author.name 
_citation_author.ordinal 
_citation_author.identifier_ORCID 
primary 'Boettcher, J.'   1 ? 
primary 'Blum, A.'        2 ? 
primary 'Heine, A.'       3 ? 
primary 'Diederich, W.E.' 4 ? 
primary 'Klebe, G.'       5 ? 
# 
_cell.entry_id           3BHE 
_cell.length_a           51.920 
_cell.length_b           57.662 
_cell.length_c           61.823 
_cell.angle_alpha        90.00 
_cell.angle_beta         90.00 
_cell.angle_gamma        90.00 
_cell.Z_PDB              8 
_cell.pdbx_unique_axis   ? 
_cell.length_a_esd       ? 
_cell.length_b_esd       ? 
_cell.length_c_esd       ? 
_cell.angle_alpha_esd    ? 
_cell.angle_beta_esd     ? 
_cell.angle_gamma_esd    ? 
# 
_symmetry.entry_id                         3BHE 
_symmetry.space_group_name_H-M             'P 21 21 21' 
_symmetry.pdbx_full_space_group_name_H-M   ? 
_symmetry.cell_setting                     ? 
_symmetry.Int_Tables_number                19 
_symmetry.space_group_name_Hall            ? 
# 
loop_
_entity.id 
_entity.type 
_entity.src_method 
_entity.pdbx_description 
_entity.formula_weight 
_entity.pdbx_number_of_molecules 
_entity.pdbx_ec 
_entity.pdbx_mutation 
_entity.pdbx_fragment 
_entity.details 
1 polymer     man Protease                                                                                        10803.756 2  
3.4.23.16 ? ? ? 
2 non-polymer syn 'N-({(3R,4R)-4-[(benzyloxy)methyl]pyrrolidin-3-yl}methyl)-N-(2-methylpropyl)benzenesulfonamide' 416.577   1  ? ? 
? ? 
3 water       nat water                                                                                           18.015    79 ? ? 
? ? 
# 
_entity_poly.entity_id                      1 
_entity_poly.type                           'polypeptide(L)' 
_entity_poly.nstd_linkage                   no 
_entity_poly.nstd_monomer                   no 
_entity_poly.pdbx_seq_one_letter_code       
;PQITLWQRPLVTIKIGGQLKEALLDTGADDTVLEEMSLPGRWKPKMIGGIGGFIKVRQYDQILIEICGHKAIGTVLVGPT
PVNIIGRNLLTQIGCTLNF
;
_entity_poly.pdbx_seq_one_letter_code_can   
;PQITLWQRPLVTIKIGGQLKEALLDTGADDTVLEEMSLPGRWKPKMIGGIGGFIKVRQYDQILIEICGHKAIGTVLVGPT
PVNIIGRNLLTQIGCTLNF
;
_entity_poly.pdbx_strand_id                 A,B 
_entity_poly.pdbx_target_identifier         ? 
# 
loop_
_entity_poly_seq.entity_id 
_entity_poly_seq.num 
_entity_poly_seq.mon_id 
_entity_poly_seq.hetero 
1 1  PRO n 
1 2  GLN n 
1 3  ILE n 
1 4  THR n 
1 5  LEU n 
1 6  TRP n 
1 7  GLN n 
1 8  ARG n 
1 9  PRO n 
1 10 LEU n 
1 11 VAL n 
1 12 THR n 
1 13 ILE n 
1 14 LYS n 
1 15 ILE n 
1 16 GLY n 
1 17 GLY n 
1 18 GLN n 
1 19 LEU n 
1 20 LYS n 
1 21 GLU n 
1 22 ALA n 
1 23 LEU n 
1 24 LEU n 
1 25 ASP n 
1 26 THR n 
1 27 GLY n 
1 28 ALA n 
1 29 ASP n 
1 30 ASP n 
1 31 THR n 
1 32 VAL n 
1 33 LEU n 
1 34 GLU n 
1 35 GLU n 
1 36 MET n 
1 37 SER n 
1 38 LEU n 
1 39 PRO n 
1 40 GLY n 
1 41 ARG n 
1 42 TRP n 
1 43 LYS n 
1 44 PRO n 
1 45 LYS n 
1 46 MET n 
1 47 ILE n 
1 48 GLY n 
1 49 GLY n 
1 50 ILE n 
1 51 GLY n 
1 52 GLY n 
1 53 PHE n 
1 54 ILE n 
1 55 LYS n 
1 56 VAL n 
1 57 ARG n 
1 58 GLN n 
1 59 TYR n 
1 60 ASP n 
1 61 GLN n 
1 62 ILE n 
1 63 LEU n 
1 64 ILE n 
1 65 GLU n 
1 66 ILE n 
1 67 CYS n 
1 68 GLY n 
1 69 HIS n 
1 70 LYS n 
1 71 ALA n 
1 72 ILE n 
1 73 GLY n 
1 74 THR n 
1 75 VAL n 
1 76 LEU n 
1 77 VAL n 
1 78 GLY n 
1 79 PRO n 
1 80 THR n 
1 81 PRO n 
1 82 VAL n 
1 83 ASN n 
1 84 ILE n 
1 85 ILE n 
1 86 GLY n 
1 87 ARG n 
1 88 ASN n 
1 89 LEU n 
1 90 LEU n 
1 91 THR n 
1 92 GLN n 
1 93 ILE n 
1 94 GLY n 
1 95 CYS n 
1 96 THR n 
1 97 LEU n 
1 98 ASN n 
1 99 PHE n 
# 
_entity_src_gen.entity_id                          1 
_entity_src_gen.pdbx_src_id                        1 
_entity_src_gen.pdbx_alt_source_flag               sample 
_entity_src_gen.pdbx_seq_type                      ? 
_entity_src_gen.pdbx_beg_seq_num                   ? 
_entity_src_gen.pdbx_end_seq_num                   ? 
_entity_src_gen.gene_src_common_name               ? 
_entity_src_gen.gene_src_genus                     ? 
_entity_src_gen.pdbx_gene_src_gene                 gag-pol 
_entity_src_gen.gene_src_species                   ? 
_entity_src_gen.gene_src_strain                    ? 
_entity_src_gen.gene_src_tissue                    ? 
_entity_src_gen.gene_src_tissue_fraction           ? 
_entity_src_gen.gene_src_details                   ? 
_entity_src_gen.pdbx_gene_src_fragment             ? 
_entity_src_gen.pdbx_gene_src_scientific_name      'Human immunodeficiency virus type 1 (BRU ISOLATE)' 
_entity_src_gen.pdbx_gene_src_ncbi_taxonomy_id     11686 
_entity_src_gen.pdbx_gene_src_variant              ? 
_entity_src_gen.pdbx_gene_src_cell_line            ? 
_entity_src_gen.pdbx_gene_src_atcc                 ? 
_entity_src_gen.pdbx_gene_src_organ                ? 
_entity_src_gen.pdbx_gene_src_organelle            ? 
_entity_src_gen.pdbx_gene_src_cell                 ? 
_entity_src_gen.pdbx_gene_src_cellular_location    ? 
_entity_src_gen.host_org_common_name               ? 
_entity_src_gen.pdbx_host_org_scientific_name      'Escherichia coli' 
_entity_src_gen.pdbx_host_org_ncbi_taxonomy_id     562 
_entity_src_gen.host_org_genus                     ? 
_entity_src_gen.pdbx_host_org_gene                 ? 
_entity_src_gen.pdbx_host_org_organ                ? 
_entity_src_gen.host_org_species                   ? 
_entity_src_gen.pdbx_host_org_tissue               ? 
_entity_src_gen.pdbx_host_org_tissue_fraction      ? 
_entity_src_gen.pdbx_host_org_strain               'BL21(D3)pLysS' 
_entity_src_gen.pdbx_host_org_variant              ? 
_entity_src_gen.pdbx_host_org_cell_line            ? 
_entity_src_gen.pdbx_host_org_atcc                 ? 
_entity_src_gen.pdbx_host_org_culture_collection   ? 
_entity_src_gen.pdbx_host_org_cell                 ? 
_entity_src_gen.pdbx_host_org_organelle            ? 
_entity_src_gen.pdbx_host_org_cellular_location    ? 
_entity_src_gen.pdbx_host_org_vector_type          plasmid 
_entity_src_gen.pdbx_host_org_vector               ? 
_entity_src_gen.host_org_details                   ? 
_entity_src_gen.expression_system_id               ? 
_entity_src_gen.plasmid_name                       pET11a 
_entity_src_gen.plasmid_details                    ? 
_entity_src_gen.pdbx_description                   ? 
# 
_struct_ref.id                         1 
_struct_ref.db_name                    UNP 
_struct_ref.db_code                    POL_HV1BR 
_struct_ref.pdbx_db_accession          P03367 
_struct_ref.entity_id                  1 
_struct_ref.pdbx_seq_one_letter_code   
;PQITLWQRPLVTIKIGGQLKEALLDTGADDTVLEEMSLPGRWKPKMIGGIGGFIKVRQYQILIEICGHKAIGTVLVGPTP
VNIIGRNLLTQIGCTLNF
;
_struct_ref.pdbx_align_begin           501 
_struct_ref.pdbx_db_isoform            ? 
# 
loop_
_struct_ref_seq.align_id 
_struct_ref_seq.ref_id 
_struct_ref_seq.pdbx_PDB_id_code 
_struct_ref_seq.pdbx_strand_id 
_struct_ref_seq.seq_align_beg 
_struct_ref_seq.pdbx_seq_align_beg_ins_code 
_struct_ref_seq.seq_align_end 
_struct_ref_seq.pdbx_seq_align_end_ins_code 
_struct_ref_seq.pdbx_db_accession 
_struct_ref_seq.db_align_beg 
_struct_ref_seq.pdbx_db_align_beg_ins_code 
_struct_ref_seq.db_align_end 
_struct_ref_seq.pdbx_db_align_end_ins_code 
_struct_ref_seq.pdbx_auth_seq_align_beg 
_struct_ref_seq.pdbx_auth_seq_align_end 
1 1 3BHE A 1 ? 99 ? P03367 501 ? 599 ? 1 99 
2 1 3BHE B 1 ? 99 ? P03367 501 ? 599 ? 1 99 
# 
loop_
_chem_comp.id 
_chem_comp.type 
_chem_comp.mon_nstd_flag 
_chem_comp.name 
_chem_comp.pdbx_synonyms 
_chem_comp.formula 
_chem_comp.formula_weight 
ALA 'L-peptide linking' y ALANINE                                                                                         ? 
'C3 H7 N O2'      89.093  
ARG 'L-peptide linking' y ARGININE                                                                                        ? 
'C6 H15 N4 O2 1'  175.209 
ASN 'L-peptide linking' y ASPARAGINE                                                                                      ? 
'C4 H8 N2 O3'     132.118 
ASP 'L-peptide linking' y 'ASPARTIC ACID'                                                                                 ? 
'C4 H7 N O4'      133.103 
BZN non-polymer         . 'N-({(3R,4R)-4-[(benzyloxy)methyl]pyrrolidin-3-yl}methyl)-N-(2-methylpropyl)benzenesulfonamide' 
'N-((3R,4R)-4-Benzyloxymethyl-pyrrolidin-3-ylmethyl)-N-isobutyl-benzene sulfonamide' 'C23 H32 N2 O3 S' 416.577 
CYS 'L-peptide linking' y CYSTEINE                                                                                        ? 
'C3 H7 N O2 S'    121.158 
GLN 'L-peptide linking' y GLUTAMINE                                                                                       ? 
'C5 H10 N2 O3'    146.144 
GLU 'L-peptide linking' y 'GLUTAMIC ACID'                                                                                 ? 
'C5 H9 N O4'      147.129 
GLY 'peptide linking'   y GLYCINE                                                                                         ? 
'C2 H5 N O2'      75.067  
HIS 'L-peptide linking' y HISTIDINE                                                                                       ? 
'C6 H10 N3 O2 1'  156.162 
HOH non-polymer         . WATER                                                                                           ? 'H2 O' 
18.015  
ILE 'L-peptide linking' y ISOLEUCINE                                                                                      ? 
'C6 H13 N O2'     131.173 
LEU 'L-peptide linking' y LEUCINE                                                                                         ? 
'C6 H13 N O2'     131.173 
LYS 'L-peptide linking' y LYSINE                                                                                          ? 
'C6 H15 N2 O2 1'  147.195 
MET 'L-peptide linking' y METHIONINE                                                                                      ? 
'C5 H11 N O2 S'   149.211 
PHE 'L-peptide linking' y PHENYLALANINE                                                                                   ? 
'C9 H11 N O2'     165.189 
PRO 'L-peptide linking' y PROLINE                                                                                         ? 
'C5 H9 N O2'      115.130 
SER 'L-peptide linking' y SERINE                                                                                          ? 
'C3 H7 N O3'      105.093 
THR 'L-peptide linking' y THREONINE                                                                                       ? 
'C4 H9 N O3'      119.119 
TRP 'L-peptide linking' y TRYPTOPHAN                                                                                      ? 
'C11 H12 N2 O2'   204.225 
TYR 'L-peptide linking' y TYROSINE                                                                                        ? 
'C9 H11 N O3'     181.189 
VAL 'L-peptide linking' y VALINE                                                                                          ? 
'C5 H11 N O2'     117.146 
# 
_exptl.entry_id          3BHE 
_exptl.method            'X-RAY DIFFRACTION' 
_exptl.crystals_number   1 
# 
_exptl_crystal.id                    1 
_exptl_crystal.density_meas          ? 
_exptl_crystal.density_Matthews      2.141428 
_exptl_crystal.density_percent_sol   42.56 
_exptl_crystal.description           ? 
_exptl_crystal.F_000                 ? 
_exptl_crystal.preparation           ? 
# 
_exptl_crystal_grow.crystal_id      1 
_exptl_crystal_grow.method          'VAPOR DIFFUSION, SITTING DROP' 
_exptl_crystal_grow.temp            293 
_exptl_crystal_grow.temp_details    ? 
_exptl_crystal_grow.pH              6.5 
_exptl_crystal_grow.pdbx_details    '2.7M NaCl, 0.1M Bis-Tris, pH 6.5, VAPOR DIFFUSION, SITTING DROP, temperature 293K' 
_exptl_crystal_grow.pdbx_pH_range   ? 
# 
_diffrn.id                     1 
_diffrn.ambient_temp           113 
_diffrn.ambient_temp_details   ? 
_diffrn.crystal_id             1 
# 
_diffrn_detector.diffrn_id              1 
_diffrn_detector.detector               'IMAGE PLATE' 
_diffrn_detector.type                   'RIGAKU RAXIS IV' 
_diffrn_detector.pdbx_collection_date   2005-03-16 
_diffrn_detector.details                ? 
# 
_diffrn_radiation.diffrn_id                        1 
_diffrn_radiation.wavelength_id                    1 
_diffrn_radiation.pdbx_monochromatic_or_laue_m_l   M 
_diffrn_radiation.monochromator                    ? 
_diffrn_radiation.pdbx_diffrn_protocol             'SINGLE WAVELENGTH' 
_diffrn_radiation.pdbx_scattering_type             x-ray 
# 
_diffrn_radiation_wavelength.id           1 
_diffrn_radiation_wavelength.wavelength   1.5418 
_diffrn_radiation_wavelength.wt           1.0 
# 
_diffrn_source.diffrn_id                   1 
_diffrn_source.source                      'ROTATING ANODE' 
_diffrn_source.type                        'RIGAKU RUH3R' 
_diffrn_source.pdbx_synchrotron_site       ? 
_diffrn_source.pdbx_synchrotron_beamline   ? 
_diffrn_source.pdbx_wavelength             ? 
_diffrn_source.pdbx_wavelength_list        1.5418 
# 
_reflns.entry_id                     3BHE 
_reflns.observed_criterion_sigma_F   0 
_reflns.observed_criterion_sigma_I   0 
_reflns.d_resolution_high            1.75 
_reflns.d_resolution_low             20 
_reflns.number_all                   ? 
_reflns.number_obs                   19041 
_reflns.percent_possible_obs         98.5 
_reflns.pdbx_Rmerge_I_obs            0.063 
_reflns.pdbx_Rsym_value              0.063 
_reflns.pdbx_netI_over_sigmaI        25.5 
_reflns.B_iso_Wilson_estimate        27.4 
_reflns.pdbx_redundancy              5.8 
_reflns.R_free_details               ? 
_reflns.limit_h_max                  ? 
_reflns.limit_h_min                  ? 
_reflns.limit_k_max                  ? 
_reflns.limit_k_min                  ? 
_reflns.limit_l_max                  ? 
_reflns.limit_l_min                  ? 
_reflns.observed_criterion_F_max     ? 
_reflns.observed_criterion_F_min     ? 
_reflns.pdbx_chi_squared             ? 
_reflns.pdbx_scaling_rejects         ? 
_reflns.pdbx_diffrn_id               1 
_reflns.pdbx_ordinal                 1 
# 
_reflns_shell.d_res_high             1.75 
_reflns_shell.d_res_low              1.78 
_reflns_shell.percent_possible_all   97.0 
_reflns_shell.Rmerge_I_obs           0.482 
_reflns_shell.pdbx_Rsym_value        0.482 
_reflns_shell.meanI_over_sigI_obs    3.4 
_reflns_shell.pdbx_redundancy        5.8 
_reflns_shell.percent_possible_obs   ? 
_reflns_shell.number_unique_all      914 
_reflns_shell.number_measured_all    ? 
_reflns_shell.number_measured_obs    ? 
_reflns_shell.number_unique_obs      ? 
_reflns_shell.pdbx_chi_squared       ? 
_reflns_shell.pdbx_diffrn_id         ? 
_reflns_shell.pdbx_ordinal           1 
# 
_refine.entry_id                                 3BHE 
_refine.ls_number_reflns_obs                     17940 
_refine.ls_number_reflns_all                     17940 
_refine.pdbx_ls_sigma_I                          2 
_refine.pdbx_ls_sigma_F                          4 
_refine.pdbx_data_cutoff_high_absF               ? 
_refine.pdbx_data_cutoff_low_absF                ? 
_refine.pdbx_data_cutoff_high_rms_absF           ? 
_refine.ls_d_res_low                             10.00 
_refine.ls_d_res_high                            1.75 
_refine.ls_percent_reflns_obs                    93.5 
_refine.ls_R_factor_obs                          0.194 
_refine.ls_R_factor_all                          0.2027 
_refine.ls_R_factor_R_work                       0.192 
_refine.ls_R_factor_R_free                       0.247 
_refine.ls_R_factor_R_free_error                 ? 
_refine.ls_R_factor_R_free_error_details         ? 
_refine.ls_percent_reflns_R_free                 ? 
_refine.ls_number_reflns_R_free                  952 
_refine.ls_number_parameters                     6463 
_refine.ls_number_restraints                     6300 
_refine.occupancy_min                            ? 
_refine.occupancy_max                            ? 
_refine.correlation_coeff_Fo_to_Fc               ? 
_refine.correlation_coeff_Fo_to_Fc_free          ? 
_refine.B_iso_mean                               ? 
_refine.aniso_B[1][1]                            ? 
_refine.aniso_B[2][2]                            ? 
_refine.aniso_B[3][3]                            ? 
_refine.aniso_B[1][2]                            ? 
_refine.aniso_B[1][3]                            ? 
_refine.aniso_B[2][3]                            ? 
_refine.solvent_model_details                    ? 
_refine.solvent_model_param_ksol                 ? 
_refine.solvent_model_param_bsol                 ? 
_refine.pdbx_solvent_vdw_probe_radii             ? 
_refine.pdbx_solvent_ion_probe_radii             ? 
_refine.pdbx_solvent_shrinkage_radii             ? 
_refine.pdbx_ls_cross_valid_method               'FREE R' 
_refine.details                                  ? 
_refine.pdbx_starting_model                      'pdb entry 1XL2' 
_refine.pdbx_method_to_determine_struct          'MOLECULAR REPLACEMENT' 
_refine.pdbx_isotropic_thermal_model             isotropic 
_refine.pdbx_stereochemistry_target_values       'Engh & Huber' 
_refine.pdbx_stereochem_target_val_spec_case     ? 
_refine.pdbx_R_Free_selection_details            RANDOM 
_refine.pdbx_overall_ESU_R                       ? 
_refine.pdbx_overall_ESU_R_Free                  ? 
_refine.overall_SU_ML                            ? 
_refine.overall_SU_B                             ? 
_refine.ls_redundancy_reflns_obs                 ? 
_refine.B_iso_min                                ? 
_refine.B_iso_max                                ? 
_refine.overall_SU_R_Cruickshank_DPI             ? 
_refine.overall_SU_R_free                        ? 
_refine.ls_wR_factor_R_free                      ? 
_refine.ls_wR_factor_R_work                      ? 
_refine.overall_FOM_free_R_set                   ? 
_refine.overall_FOM_work_R_set                   ? 
_refine.pdbx_overall_phase_error                 ? 
_refine.pdbx_refine_id                           'X-RAY DIFFRACTION' 
_refine.pdbx_diffrn_id                           1 
_refine.pdbx_TLS_residual_ADP_flag               ? 
_refine.pdbx_overall_SU_R_free_Cruickshank_DPI   ? 
_refine.pdbx_overall_SU_R_Blow_DPI               ? 
_refine.pdbx_overall_SU_R_free_Blow_DPI          ? 
# 
_refine_analyze.entry_id                        3BHE 
_refine_analyze.Luzzati_coordinate_error_obs    ? 
_refine_analyze.Luzzati_sigma_a_obs             ? 
_refine_analyze.Luzzati_d_res_low_obs           ? 
_refine_analyze.Luzzati_coordinate_error_free   ? 
_refine_analyze.Luzzati_sigma_a_free            ? 
_refine_analyze.Luzzati_d_res_low_free          ? 
_refine_analyze.number_disordered_residues      0 
_refine_analyze.occupancy_sum_hydrogen          1574.04 
_refine_analyze.occupancy_sum_non_hydrogen      1608.96 
_refine_analyze.pdbx_Luzzati_d_res_high_obs     ? 
_refine_analyze.pdbx_refine_id                  'X-RAY DIFFRACTION' 
# 
_refine_hist.pdbx_refine_id                   'X-RAY DIFFRACTION' 
_refine_hist.cycle_id                         LAST 
_refine_hist.pdbx_number_atoms_protein        1504 
_refine_hist.pdbx_number_atoms_nucleic_acid   0 
_refine_hist.pdbx_number_atoms_ligand         29 
_refine_hist.number_atoms_solvent             79 
_refine_hist.number_atoms_total               1612 
_refine_hist.d_res_high                       1.75 
_refine_hist.d_res_low                        10.00 
# 
loop_
_refine_ls_restr.type 
_refine_ls_restr.dev_ideal 
_refine_ls_restr.dev_ideal_target 
_refine_ls_restr.weight 
_refine_ls_restr.number 
_refine_ls_restr.pdbx_refine_id 
_refine_ls_restr.pdbx_restraint_function 
s_bond_d               0.006  ? ? ? 'X-RAY DIFFRACTION' ? 
s_angle_d              0.022  ? ? ? 'X-RAY DIFFRACTION' ? 
s_similar_dist         0.000  ? ? ? 'X-RAY DIFFRACTION' ? 
s_from_restr_planes    0.0267 ? ? ? 'X-RAY DIFFRACTION' ? 
s_zero_chiral_vol      0.034  ? ? ? 'X-RAY DIFFRACTION' ? 
s_non_zero_chiral_vol  0.038  ? ? ? 'X-RAY DIFFRACTION' ? 
s_anti_bump_dis_restr  0.007  ? ? ? 'X-RAY DIFFRACTION' ? 
s_rigid_bond_adp_cmpnt 0.000  ? ? ? 'X-RAY DIFFRACTION' ? 
s_similar_adp_cmpnt    0.073  ? ? ? 'X-RAY DIFFRACTION' ? 
s_approx_iso_adps      0.000  ? ? ? 'X-RAY DIFFRACTION' ? 
# 
_pdbx_refine.entry_id                                    3BHE 
_pdbx_refine.R_factor_all_no_cutoff                      0.2027 
_pdbx_refine.R_factor_obs_no_cutoff                      ? 
_pdbx_refine.free_R_factor_no_cutoff                     ? 
_pdbx_refine.free_R_val_test_set_size_perc_no_cutoff     ? 
_pdbx_refine.free_R_val_test_set_ct_no_cutoff            ? 
_pdbx_refine.R_factor_all_4sig_cutoff                    0.1923 
_pdbx_refine.R_factor_obs_4sig_cutoff                    ? 
_pdbx_refine.free_R_factor_4sig_cutoff                   ? 
_pdbx_refine.free_R_val_test_set_size_perc_4sig_cutoff   ? 
_pdbx_refine.free_R_val_test_set_ct_4sig_cutoff          ? 
_pdbx_refine.number_reflns_obs_4sig_cutoff               15583 
_pdbx_refine.pdbx_refine_id                              'X-RAY DIFFRACTION' 
_pdbx_refine.free_R_error_no_cutoff                      ? 
# 
_struct.entry_id                  3BHE 
_struct.title                     'HIV-1 protease in complex with a three armed pyrrolidine derivative' 
_struct.pdbx_model_details        ? 
_struct.pdbx_CASP_flag            ? 
_struct.pdbx_model_type_details   ? 
# 
_struct_keywords.entry_id        3BHE 
_struct_keywords.pdbx_keywords   HYDROLASE 
_struct_keywords.text            'protein-ligand complex, Hydrolase' 
# 
loop_
_struct_asym.id 
_struct_asym.pdbx_blank_PDB_chainid_flag 
_struct_asym.pdbx_modified 
_struct_asym.entity_id 
_struct_asym.details 
A N N 1 ? 
B N N 1 ? 
C N N 2 ? 
D N N 3 ? 
E N N 3 ? 
# 
_struct_biol.id        1 
_struct_biol.details   ? 
# 
loop_
_struct_conf.conf_type_id 
_struct_conf.id 
_struct_conf.pdbx_PDB_helix_id 
_struct_conf.beg_label_comp_id 
_struct_conf.beg_label_asym_id 
_struct_conf.beg_label_seq_id 
_struct_conf.pdbx_beg_PDB_ins_code 
_struct_conf.end_label_comp_id 
_struct_conf.end_label_asym_id 
_struct_conf.end_label_seq_id 
_struct_conf.pdbx_end_PDB_ins_code 
_struct_conf.beg_auth_comp_id 
_struct_conf.beg_auth_asym_id 
_struct_conf.beg_auth_seq_id 
_struct_conf.end_auth_comp_id 
_struct_conf.end_auth_asym_id 
_struct_conf.end_auth_seq_id 
_struct_conf.pdbx_PDB_helix_class 
_struct_conf.details 
_struct_conf.pdbx_PDB_helix_length 
HELX_P HELX_P1 1 GLY A 86 ? THR A 91 ? GLY A 86 THR A 91 1 ? 6 
HELX_P HELX_P2 2 GLY B 86 ? THR B 91 ? GLY B 86 THR B 91 1 ? 6 
# 
_struct_conf_type.id          HELX_P 
_struct_conf_type.criteria    ? 
_struct_conf_type.reference   ? 
# 
loop_
_struct_sheet.id 
_struct_sheet.type 
_struct_sheet.number_strands 
_struct_sheet.details 
A ? 4 ? 
B ? 8 ? 
C ? 8 ? 
# 
loop_
_struct_sheet_order.sheet_id 
_struct_sheet_order.range_id_1 
_struct_sheet_order.range_id_2 
_struct_sheet_order.offset 
_struct_sheet_order.sense 
A 1 2 ? anti-parallel 
A 2 3 ? anti-parallel 
A 3 4 ? anti-parallel 
B 1 2 ? anti-parallel 
B 2 3 ? anti-parallel 
B 3 4 ? parallel      
B 4 5 ? anti-parallel 
B 5 6 ? parallel      
B 6 7 ? anti-parallel 
B 7 8 ? anti-parallel 
C 1 2 ? anti-parallel 
C 2 3 ? anti-parallel 
C 3 4 ? parallel      
C 4 5 ? anti-parallel 
C 5 6 ? parallel      
C 6 7 ? anti-parallel 
C 7 8 ? anti-parallel 
# 
loop_
_struct_sheet_range.sheet_id 
_struct_sheet_range.id 
_struct_sheet_range.beg_label_comp_id 
_struct_sheet_range.beg_label_asym_id 
_struct_sheet_range.beg_label_seq_id 
_struct_sheet_range.pdbx_beg_PDB_ins_code 
_struct_sheet_range.end_label_comp_id 
_struct_sheet_range.end_label_asym_id 
_struct_sheet_range.end_label_seq_id 
_struct_sheet_range.pdbx_end_PDB_ins_code 
_struct_sheet_range.beg_auth_comp_id 
_struct_sheet_range.beg_auth_asym_id 
_struct_sheet_range.beg_auth_seq_id 
_struct_sheet_range.end_auth_comp_id 
_struct_sheet_range.end_auth_asym_id 
_struct_sheet_range.end_auth_seq_id 
A 1 GLN A 2  ? ILE A 3  ? GLN A 2  ILE A 3  
A 2 THR B 96 ? ASN B 98 ? THR B 96 ASN B 98 
A 3 THR A 96 ? ASN A 98 ? THR A 96 ASN A 98 
A 4 GLN B 2  ? ILE B 3  ? GLN B 2  ILE B 3  
B 1 LYS A 43 ? GLY A 49 ? LYS A 43 GLY A 49 
B 2 GLY A 52 ? ILE A 66 ? GLY A 52 ILE A 66 
B 3 HIS A 69 ? VAL A 77 ? HIS A 69 VAL A 77 
B 4 VAL A 32 ? LEU A 33 ? VAL A 32 LEU A 33 
B 5 ILE A 84 ? ILE A 85 ? ILE A 84 ILE A 85 
B 6 GLN A 18 ? LEU A 24 ? GLN A 18 LEU A 24 
B 7 LEU A 10 ? ILE A 15 ? LEU A 10 ILE A 15 
B 8 GLY A 52 ? ILE A 66 ? GLY A 52 ILE A 66 
C 1 LYS B 43 ? GLY B 49 ? LYS B 43 GLY B 49 
C 2 GLY B 52 ? ILE B 66 ? GLY B 52 ILE B 66 
C 3 HIS B 69 ? GLY B 78 ? HIS B 69 GLY B 78 
C 4 THR B 31 ? GLU B 34 ? THR B 31 GLU B 34 
C 5 ASN B 83 ? ILE B 85 ? ASN B 83 ILE B 85 
C 6 GLN B 18 ? LEU B 24 ? GLN B 18 LEU B 24 
C 7 LEU B 10 ? ILE B 15 ? LEU B 10 ILE B 15 
C 8 GLY B 52 ? ILE B 66 ? GLY B 52 ILE B 66 
# 
loop_
_pdbx_struct_sheet_hbond.sheet_id 
_pdbx_struct_sheet_hbond.range_id_1 
_pdbx_struct_sheet_hbond.range_id_2 
_pdbx_struct_sheet_hbond.range_1_label_atom_id 
_pdbx_struct_sheet_hbond.range_1_label_comp_id 
_pdbx_struct_sheet_hbond.range_1_label_asym_id 
_pdbx_struct_sheet_hbond.range_1_label_seq_id 
_pdbx_struct_sheet_hbond.range_1_PDB_ins_code 
_pdbx_struct_sheet_hbond.range_1_auth_atom_id 
_pdbx_struct_sheet_hbond.range_1_auth_comp_id 
_pdbx_struct_sheet_hbond.range_1_auth_asym_id 
_pdbx_struct_sheet_hbond.range_1_auth_seq_id 
_pdbx_struct_sheet_hbond.range_2_label_atom_id 
_pdbx_struct_sheet_hbond.range_2_label_comp_id 
_pdbx_struct_sheet_hbond.range_2_label_asym_id 
_pdbx_struct_sheet_hbond.range_2_label_seq_id 
_pdbx_struct_sheet_hbond.range_2_PDB_ins_code 
_pdbx_struct_sheet_hbond.range_2_auth_atom_id 
_pdbx_struct_sheet_hbond.range_2_auth_comp_id 
_pdbx_struct_sheet_hbond.range_2_auth_asym_id 
_pdbx_struct_sheet_hbond.range_2_auth_seq_id 
A 1 2 N ILE A 3  ? N ILE A 3  O LEU B 97 ? O LEU B 97 
A 2 3 O THR B 96 ? O THR B 96 N ASN A 98 ? N ASN A 98 
A 3 4 N LEU A 97 ? N LEU A 97 O ILE B 3  ? O ILE B 3  
B 1 2 N LYS A 45 ? N LYS A 45 O VAL A 56 ? O VAL A 56 
B 2 3 N ILE A 62 ? N ILE A 62 O GLY A 73 ? O GLY A 73 
B 3 4 O LEU A 76 ? O LEU A 76 N LEU A 33 ? N LEU A 33 
B 4 5 N VAL A 32 ? N VAL A 32 O ILE A 84 ? O ILE A 84 
B 5 6 O ILE A 85 ? O ILE A 85 N LEU A 23 ? N LEU A 23 
B 6 7 O LYS A 20 ? O LYS A 20 N ILE A 13 ? N ILE A 13 
B 7 8 N LYS A 14 ? N LYS A 14 O GLU A 65 ? O GLU A 65 
C 1 2 N LYS B 43 ? N LYS B 43 O GLN B 58 ? O GLN B 58 
C 2 3 N ILE B 64 ? N ILE B 64 O ALA B 71 ? O ALA B 71 
C 3 4 O LEU B 76 ? O LEU B 76 N LEU B 33 ? N LEU B 33 
C 4 5 N VAL B 32 ? N VAL B 32 O ILE B 84 ? O ILE B 84 
C 5 6 O ASN B 83 ? O ASN B 83 N LEU B 23 ? N LEU B 23 
C 6 7 O LYS B 20 ? O LYS B 20 N ILE B 13 ? N ILE B 13 
C 7 8 N LYS B 14 ? N LYS B 14 O GLU B 65 ? O GLU B 65 
# 
_struct_site.id                   AC1 
_struct_site.pdbx_evidence_code   Software 
_struct_site.pdbx_auth_asym_id    ? 
_struct_site.pdbx_auth_comp_id    ? 
_struct_site.pdbx_auth_seq_id     ? 
_struct_site.pdbx_auth_ins_code   ? 
_struct_site.pdbx_num_residues    12 
_struct_site.details              'BINDING SITE FOR RESIDUE BZN B2501' 
# 
loop_
_struct_site_gen.id 
_struct_site_gen.site_id 
_struct_site_gen.pdbx_num_res 
_struct_site_gen.label_comp_id 
_struct_site_gen.label_asym_id 
_struct_site_gen.label_seq_id 
_struct_site_gen.pdbx_auth_ins_code 
_struct_site_gen.auth_comp_id 
_struct_site_gen.auth_asym_id 
_struct_site_gen.auth_seq_id 
_struct_site_gen.label_atom_id 
_struct_site_gen.label_alt_id 
_struct_site_gen.symmetry 
_struct_site_gen.details 
1  AC1 12 LEU A 23 ? LEU A 23 . ? 1_555 ? 
2  AC1 12 ASP A 25 ? ASP A 25 . ? 1_555 ? 
3  AC1 12 GLY A 27 ? GLY A 27 . ? 1_555 ? 
4  AC1 12 ILE A 50 ? ILE A 50 . ? 1_555 ? 
5  AC1 12 ILE A 84 ? ILE A 84 . ? 1_555 ? 
6  AC1 12 ASP B 25 ? ASP B 25 . ? 1_555 ? 
7  AC1 12 GLY B 27 ? GLY B 27 . ? 1_555 ? 
8  AC1 12 ALA B 28 ? ALA B 28 . ? 1_555 ? 
9  AC1 12 ILE B 47 ? ILE B 47 . ? 1_555 ? 
10 AC1 12 GLY B 48 ? GLY B 48 . ? 1_555 ? 
11 AC1 12 GLY B 49 ? GLY B 49 . ? 1_555 ? 
12 AC1 12 ILE B 50 ? ILE B 50 . ? 1_555 ? 
# 
_atom_sites.entry_id                    3BHE 
_atom_sites.fract_transf_matrix[1][1]   -0.00601648 
_atom_sites.fract_transf_matrix[1][2]   -0.01817494 
_atom_sites.fract_transf_matrix[1][3]   -0.00210263 
_atom_sites.fract_transf_matrix[2][1]   0.00017200 
_atom_sites.fract_transf_matrix[2][2]   -0.00204905 
_atom_sites.fract_transf_matrix[2][3]   0.01721966 
_atom_sites.fract_transf_matrix[3][1]   -0.01536471 
_atom_sites.fract_transf_matrix[3][2]   0.00499962 
_atom_sites.fract_transf_matrix[3][3]   0.00074840 
_atom_sites.fract_transf_vector[1]      0.399873 
_atom_sites.fract_transf_vector[2]      0.019610 
_atom_sites.fract_transf_vector[3]      0.201864 
# 
loop_
_atom_type.symbol 
C 
N 
O 
S 
# 
loop_
_atom_site.group_PDB 
_atom_site.id 
_atom_site.type_symbol 
_atom_site.label_atom_id 
_atom_site.label_alt_id 
_atom_site.label_comp_id 
_atom_site.label_asym_id 
_atom_site.label_entity_id 
_atom_site.label_seq_id 
_atom_site.pdbx_PDB_ins_code 
_atom_site.Cartn_x 
_atom_site.Cartn_y 
_atom_site.Cartn_z 
_atom_site.occupancy 
_atom_site.B_iso_or_equiv 
_atom_site.pdbx_formal_charge 
_atom_site.auth_seq_id 
_atom_site.auth_comp_id 
_atom_site.auth_asym_id 
_atom_site.auth_atom_id 
_atom_site.pdbx_PDB_model_num 
ATOM   1    N N   . PRO A 1 1  ? 12.070  -13.360 5.356   1.00 47.87  ? 1    PRO A N   1 
ATOM   2    C CA  . PRO A 1 1  ? 13.073  -12.607 4.605   1.00 48.36  ? 1    PRO A CA  1 
ATOM   3    C C   . PRO A 1 1  ? 13.090  -11.119 4.945   1.00 43.50  ? 1    PRO A C   1 
ATOM   4    O O   . PRO A 1 1  ? 12.266  -10.618 5.704   1.00 38.19  ? 1    PRO A O   1 
ATOM   5    C CB  . PRO A 1 1  ? 12.616  -12.765 3.147   1.00 53.77  ? 1    PRO A CB  1 
ATOM   6    C CG  . PRO A 1 1  ? 11.169  -13.123 3.247   1.00 52.75  ? 1    PRO A CG  1 
ATOM   7    C CD  . PRO A 1 1  ? 11.103  -14.023 4.458   1.00 49.77  ? 1    PRO A CD  1 
ATOM   8    N N   . GLN A 1 2  ? 14.060  -10.446 4.337   1.00 29.60  ? 2    GLN A N   1 
ATOM   9    C CA  . GLN A 1 2  ? 14.142  -9.003  4.312   1.00 27.30  ? 2    GLN A CA  1 
ATOM   10   C C   . GLN A 1 2  ? 13.962  -8.554  2.854   1.00 31.69  ? 2    GLN A C   1 
ATOM   11   O O   . GLN A 1 2  ? 14.676  -9.040  1.978   1.00 29.75  ? 2    GLN A O   1 
ATOM   12   C CB  . GLN A 1 2  ? 15.457  -8.408  4.809   1.00 30.36  ? 2    GLN A CB  1 
ATOM   13   C CG  . GLN A 1 2  ? 15.502  -6.899  4.580   1.00 31.03  ? 2    GLN A CG  1 
ATOM   14   C CD  . GLN A 1 2  ? 16.559  -6.234  5.424   1.00 34.35  ? 2    GLN A CD  1 
ATOM   15   O OE1 . GLN A 1 2  ? 16.288  -5.813  6.541   1.00 32.27  ? 2    GLN A OE1 1 
ATOM   16   N NE2 . GLN A 1 2  ? 17.765  -6.148  4.875   1.00 43.20  ? 2    GLN A NE2 1 
ATOM   17   N N   . ILE A 1 3  ? 13.005  -7.658  2.691   1.00 30.23  ? 3    ILE A N   1 
ATOM   18   C CA  . ILE A 1 3  ? 12.651  -7.141  1.373   1.00 32.45  ? 3    ILE A CA  1 
ATOM   19   C C   . ILE A 1 3  ? 12.830  -5.628  1.324   1.00 29.42  ? 3    ILE A C   1 
ATOM   20   O O   . ILE A 1 3  ? 12.250  -4.855  2.073   1.00 27.39  ? 3    ILE A O   1 
ATOM   21   C CB  . ILE A 1 3  ? 11.216  -7.566  1.000   1.00 37.67  ? 3    ILE A CB  1 
ATOM   22   C CG1 . ILE A 1 3  ? 11.016  -9.085  1.045   1.00 41.96  ? 3    ILE A CG1 1 
ATOM   23   C CG2 . ILE A 1 3  ? 10.841  -7.007  -0.349  1.00 28.58  ? 3    ILE A CG2 1 
ATOM   24   C CD1 . ILE A 1 3  ? 9.643   -9.575  0.655   1.00 46.31  ? 3    ILE A CD1 1 
ATOM   25   N N   . THR A 1 4  ? 13.693  -5.191  0.418   1.00 27.89  ? 4    THR A N   1 
ATOM   26   C CA  . THR A 1 4  ? 13.930  -3.790  0.117   1.00 23.64  ? 4    THR A CA  1 
ATOM   27   C C   . THR A 1 4  ? 12.895  -3.295  -0.879  1.00 28.48  ? 4    THR A C   1 
ATOM   28   O O   . THR A 1 4  ? 12.095  -4.071  -1.429  1.00 30.50  ? 4    THR A O   1 
ATOM   29   C CB  . THR A 1 4  ? 15.342  -3.593  -0.463  1.00 23.18  ? 4    THR A CB  1 
ATOM   30   O OG1 . THR A 1 4  ? 15.445  -4.348  -1.676  1.00 30.02  ? 4    THR A OG1 1 
ATOM   31   C CG2 . THR A 1 4  ? 16.363  -4.162  0.496   1.00 28.78  ? 4    THR A CG2 1 
ATOM   32   N N   . LEU A 1 5  ? 12.899  -1.984  -1.128  1.00 29.58  ? 5    LEU A N   1 
ATOM   33   C CA  . LEU A 1 5  ? 11.753  -1.434  -1.849  1.00 30.40  ? 5    LEU A CA  1 
ATOM   34   C C   . LEU A 1 5  ? 12.145  -0.679  -3.102  1.00 30.39  ? 5    LEU A C   1 
ATOM   35   O O   . LEU A 1 5  ? 11.403  0.192   -3.563  1.00 29.43  ? 5    LEU A O   1 
ATOM   36   C CB  . LEU A 1 5  ? 10.975  -0.550  -0.853  1.00 22.10  ? 5    LEU A CB  1 
ATOM   37   C CG  . LEU A 1 5  ? 10.353  -1.327  0.308   1.00 25.93  ? 5    LEU A CG  1 
ATOM   38   C CD1 . LEU A 1 5  ? 9.873   -0.396  1.420   1.00 24.82  ? 5    LEU A CD1 1 
ATOM   39   C CD2 . LEU A 1 5  ? 9.204   -2.177  -0.203  1.00 23.54  ? 5    LEU A CD2 1 
ATOM   40   N N   . TRP A 1 6  ? 13.298  -0.998  -3.680  1.00 25.88  ? 6    TRP A N   1 
ATOM   41   C CA  . TRP A 1 6  ? 13.746  -0.278  -4.878  1.00 25.45  ? 6    TRP A CA  1 
ATOM   42   C C   . TRP A 1 6  ? 12.907  -0.688  -6.072  1.00 30.63  ? 6    TRP A C   1 
ATOM   43   O O   . TRP A 1 6  ? 12.722  0.048   -7.048  1.00 34.51  ? 6    TRP A O   1 
ATOM   44   C CB  . TRP A 1 6  ? 15.259  -0.490  -5.067  1.00 37.62  ? 6    TRP A CB  1 
ATOM   45   C CG  . TRP A 1 6  ? 16.001  0.555   -4.261  1.00 33.55  ? 6    TRP A CG  1 
ATOM   46   C CD1 . TRP A 1 6  ? 16.070  1.884   -4.587  1.00 31.55  ? 6    TRP A CD1 1 
ATOM   47   C CD2 . TRP A 1 6  ? 16.741  0.406   -3.053  1.00 30.07  ? 6    TRP A CD2 1 
ATOM   48   N NE1 . TRP A 1 6  ? 16.814  2.566   -3.655  1.00 36.07  ? 6    TRP A NE1 1 
ATOM   49   C CE2 . TRP A 1 6  ? 17.237  1.675   -2.699  1.00 33.25  ? 6    TRP A CE2 1 
ATOM   50   C CE3 . TRP A 1 6  ? 17.056  -0.664  -2.212  1.00 31.91  ? 6    TRP A CE3 1 
ATOM   51   C CZ2 . TRP A 1 6  ? 18.012  1.906   -1.564  1.00 32.43  ? 6    TRP A CZ2 1 
ATOM   52   C CZ3 . TRP A 1 6  ? 17.823  -0.436  -1.091  1.00 44.20  ? 6    TRP A CZ3 1 
ATOM   53   C CH2 . TRP A 1 6  ? 18.303  0.837   -0.762  1.00 42.87  ? 6    TRP A CH2 1 
ATOM   54   N N   . GLN A 1 7  ? 12.352  -1.889  -5.970  1.00 29.88  ? 7    GLN A N   1 
ATOM   55   C CA  . GLN A 1 7  ? 11.337  -2.406  -6.871  1.00 25.69  ? 7    GLN A CA  1 
ATOM   56   C C   . GLN A 1 7  ? 10.066  -2.768  -6.107  1.00 28.07  ? 7    GLN A C   1 
ATOM   57   O O   . GLN A 1 7  ? 10.093  -2.823  -4.864  1.00 26.17  ? 7    GLN A O   1 
ATOM   58   C CB  . GLN A 1 7  ? 11.856  -3.629  -7.622  1.00 38.58  ? 7    GLN A CB  1 
ATOM   59   C CG  . GLN A 1 7  ? 12.213  -4.816  -6.742  1.00 49.83  ? 7    GLN A CG  1 
ATOM   60   C CD  . GLN A 1 7  ? 13.048  -5.848  -7.483  1.00 62.64  ? 7    GLN A CD  1 
ATOM   61   O OE1 . GLN A 1 7  ? 13.694  -5.535  -8.487  1.00 52.26  ? 7    GLN A OE1 1 
ATOM   62   N NE2 . GLN A 1 7  ? 13.026  -7.080  -6.984  1.00 89.35  ? 7    GLN A NE2 1 
ATOM   63   N N   . ARG A 1 8  ? 8.982   -3.014  -6.836  1.00 25.89  ? 8    ARG A N   1 
ATOM   64   C CA  . ARG A 1 8  ? 7.721   -3.416  -6.203  1.00 27.42  ? 8    ARG A CA  1 
ATOM   65   C C   . ARG A 1 8  ? 7.911   -4.729  -5.447  1.00 30.14  ? 8    ARG A C   1 
ATOM   66   O O   . ARG A 1 8  ? 8.485   -5.657  -6.035  1.00 28.79  ? 8    ARG A O   1 
ATOM   67   C CB  . ARG A 1 8  ? 6.596   -3.615  -7.209  1.00 24.49  ? 8    ARG A CB  1 
ATOM   68   C CG  . ARG A 1 8  ? 6.010   -2.352  -7.811  1.00 38.32  ? 8    ARG A CG  1 
ATOM   69   C CD  . ARG A 1 8  ? 4.974   -2.711  -8.870  1.00 49.55  ? 8    ARG A CD  1 
ATOM   70   N NE  . ARG A 1 8  ? 3.937   -1.691  -8.983  1.00 62.21  ? 8    ARG A NE  1 
ATOM   71   C CZ  . ARG A 1 8  ? 2.731   -1.882  -9.505  1.00 70.89  ? 8    ARG A CZ  1 
ATOM   72   N NH1 . ARG A 1 8  ? 2.381   -3.070  -9.984  1.00 81.99  ? 8    ARG A NH1 1 
ATOM   73   N NH2 . ARG A 1 8  ? 1.865   -0.875  -9.556  1.00 69.96  ? 8    ARG A NH2 1 
ATOM   74   N N   . PRO A 1 9  ? 7.481   -4.828  -4.199  1.00 23.38  ? 9    PRO A N   1 
ATOM   75   C CA  . PRO A 1 9  ? 7.639   -6.094  -3.484  1.00 21.23  ? 9    PRO A CA  1 
ATOM   76   C C   . PRO A 1 9  ? 6.580   -7.097  -3.917  1.00 28.49  ? 9    PRO A C   1 
ATOM   77   O O   . PRO A 1 9  ? 5.664   -7.408  -3.157  1.00 25.94  ? 9    PRO A O   1 
ATOM   78   C CB  . PRO A 1 9  ? 7.434   -5.693  -2.025  1.00 23.02  ? 9    PRO A CB  1 
ATOM   79   C CG  . PRO A 1 9  ? 6.444   -4.572  -2.128  1.00 20.03  ? 9    PRO A CG  1 
ATOM   80   C CD  . PRO A 1 9  ? 6.874   -3.793  -3.347  1.00 27.02  ? 9    PRO A CD  1 
ATOM   81   N N   . LEU A 1 10 ? 6.727   -7.592  -5.142  1.00 25.57  ? 10   LEU A N   1 
ATOM   82   C CA  . LEU A 1 10 ? 5.900   -8.669  -5.659  1.00 25.35  ? 10   LEU A CA  1 
ATOM   83   C C   . LEU A 1 10 ? 6.493   -10.023 -5.284  1.00 33.53  ? 10   LEU A C   1 
ATOM   84   O O   . LEU A 1 10 ? 7.695   -10.240 -5.442  1.00 35.69  ? 10   LEU A O   1 
ATOM   85   C CB  . LEU A 1 10 ? 5.783   -8.613  -7.173  1.00 28.85  ? 10   LEU A CB  1 
ATOM   86   C CG  . LEU A 1 10 ? 5.060   -7.410  -7.775  1.00 27.46  ? 10   LEU A CG  1 
ATOM   87   C CD1 . LEU A 1 10 ? 5.513   -7.234  -9.212  1.00 38.67  ? 10   LEU A CD1 1 
ATOM   88   C CD2 . LEU A 1 10 ? 3.556   -7.581  -7.672  1.00 30.13  ? 10   LEU A CD2 1 
ATOM   89   N N   . VAL A 1 11 ? 5.639   -10.916 -4.798  1.00 28.19  ? 11   VAL A N   1 
ATOM   90   C CA  . VAL A 1 11 ? 6.106   -12.204 -4.311  1.00 26.98  ? 11   VAL A CA  1 
ATOM   91   C C   . VAL A 1 11 ? 5.212   -13.280 -4.903  1.00 29.18  ? 11   VAL A C   1 
ATOM   92   O O   . VAL A 1 11 ? 4.104   -12.930 -5.294  1.00 27.67  ? 11   VAL A O   1 
ATOM   93   C CB  . VAL A 1 11 ? 6.080   -12.362 -2.780  1.00 26.35  ? 11   VAL A CB  1 
ATOM   94   C CG1 . VAL A 1 11 ? 7.053   -11.415 -2.098  1.00 35.83  ? 11   VAL A CG1 1 
ATOM   95   C CG2 . VAL A 1 11 ? 4.681   -12.136 -2.225  1.00 27.73  ? 11   VAL A CG2 1 
ATOM   96   N N   . THR A 1 12 ? 5.703   -14.511 -4.952  1.00 24.71  ? 12   THR A N   1 
ATOM   97   C CA  . THR A 1 12 ? 4.834   -15.607 -5.393  1.00 24.26  ? 12   THR A CA  1 
ATOM   98   C C   . THR A 1 12 ? 3.963   -16.052 -4.232  1.00 26.48  ? 12   THR A C   1 
ATOM   99   O O   . THR A 1 12 ? 4.405   -16.218 -3.092  1.00 31.05  ? 12   THR A O   1 
ATOM   100  C CB  . THR A 1 12 ? 5.654   -16.772 -5.970  1.00 26.32  ? 12   THR A CB  1 
ATOM   101  O OG1 . THR A 1 12 ? 6.361   -16.329 -7.136  1.00 26.32  ? 12   THR A OG1 1 
ATOM   102  C CG2 . THR A 1 12 ? 4.758   -17.887 -6.486  1.00 33.98  ? 12   THR A CG2 1 
ATOM   103  N N   . ILE A 1 13 ? 2.679   -16.238 -4.515  1.00 26.52  ? 13   ILE A N   1 
ATOM   104  C CA  . ILE A 1 13 ? 1.723   -16.709 -3.538  1.00 30.12  ? 13   ILE A CA  1 
ATOM   105  C C   . ILE A 1 13 ? 1.075   -17.988 -4.071  1.00 26.23  ? 13   ILE A C   1 
ATOM   106  O O   . ILE A 1 13 ? 0.850   -18.160 -5.260  1.00 31.92  ? 13   ILE A O   1 
ATOM   107  C CB  . ILE A 1 13 ? 0.589   -15.712 -3.207  1.00 27.59  ? 13   ILE A CB  1 
ATOM   108  C CG1 . ILE A 1 13 ? -0.386  -15.491 -4.360  1.00 32.31  ? 13   ILE A CG1 1 
ATOM   109  C CG2 . ILE A 1 13 ? 1.150   -14.394 -2.686  1.00 25.69  ? 13   ILE A CG2 1 
ATOM   110  C CD1 . ILE A 1 13 ? -1.682  -14.783 -4.011  1.00 30.38  ? 13   ILE A CD1 1 
ATOM   111  N N   . LYS A 1 14 ? 0.771   -18.899 -3.150  1.00 31.63  ? 14   LYS A N   1 
ATOM   112  C CA  . LYS A 1 14 ? 0.001   -20.071 -3.588  1.00 29.89  ? 14   LYS A CA  1 
ATOM   113  C C   . LYS A 1 14 ? -1.386  -19.933 -2.976  1.00 31.22  ? 14   LYS A C   1 
ATOM   114  O O   . LYS A 1 14 ? -1.518  -19.775 -1.761  1.00 31.01  ? 14   LYS A O   1 
ATOM   115  C CB  . LYS A 1 14 ? 0.721   -21.344 -3.188  1.00 28.30  ? 14   LYS A CB  1 
ATOM   116  C CG  . LYS A 1 14 ? 0.130   -22.626 -3.763  1.00 35.80  ? 14   LYS A CG  1 
ATOM   117  C CD  . LYS A 1 14 ? 0.885   -23.829 -3.208  1.00 40.16  ? 14   LYS A CD  1 
ATOM   118  C CE  . LYS A 1 14 ? 0.127   -25.128 -3.392  1.00 48.45  ? 14   LYS A CE  1 
ATOM   119  N NZ  . LYS A 1 14 ? 0.704   -25.952 -4.489  1.00 57.28  ? 14   LYS A NZ  1 
ATOM   120  N N   . ILE A 1 15 ? -2.419  -19.952 -3.805  1.00 27.51  ? 15   ILE A N   1 
ATOM   121  C CA  . ILE A 1 15 ? -3.772  -19.851 -3.269  1.00 31.66  ? 15   ILE A CA  1 
ATOM   122  C C   . ILE A 1 15 ? -4.703  -20.759 -4.054  1.00 34.35  ? 15   ILE A C   1 
ATOM   123  O O   . ILE A 1 15 ? -4.721  -20.679 -5.285  1.00 32.85  ? 15   ILE A O   1 
ATOM   124  C CB  . ILE A 1 15 ? -4.280  -18.394 -3.280  1.00 31.84  ? 15   ILE A CB  1 
ATOM   125  C CG1 . ILE A 1 15 ? -5.646  -18.241 -2.610  1.00 29.58  ? 15   ILE A CG1 1 
ATOM   126  C CG2 . ILE A 1 15 ? -4.269  -17.813 -4.685  1.00 25.86  ? 15   ILE A CG2 1 
ATOM   127  C CD1 . ILE A 1 15 ? -6.269  -16.871 -2.677  1.00 36.11  ? 15   ILE A CD1 1 
ATOM   128  N N   . GLY A 1 16 ? -5.465  -21.623 -3.365  1.00 28.42  ? 16   GLY A N   1 
ATOM   129  C CA  . GLY A 1 16 ? -6.413  -22.421 -4.116  1.00 31.35  ? 16   GLY A CA  1 
ATOM   130  C C   . GLY A 1 16 ? -5.761  -23.279 -5.175  1.00 35.61  ? 16   GLY A C   1 
ATOM   131  O O   . GLY A 1 16 ? -6.261  -23.512 -6.274  1.00 33.80  ? 16   GLY A O   1 
ATOM   132  N N   . GLY A 1 17 ? -4.589  -23.780 -4.819  1.00 41.17  ? 17   GLY A N   1 
ATOM   133  C CA  . GLY A 1 17 ? -3.830  -24.660 -5.684  1.00 41.58  ? 17   GLY A CA  1 
ATOM   134  C C   . GLY A 1 17 ? -3.117  -23.917 -6.795  1.00 41.50  ? 17   GLY A C   1 
ATOM   135  O O   . GLY A 1 17 ? -2.458  -24.571 -7.613  1.00 37.92  ? 17   GLY A O   1 
ATOM   136  N N   . GLN A 1 18 ? -3.241  -22.593 -6.822  1.00 32.61  ? 18   GLN A N   1 
ATOM   137  C CA  . GLN A 1 18 ? -2.666  -21.810 -7.910  1.00 33.44  ? 18   GLN A CA  1 
ATOM   138  C C   . GLN A 1 18 ? -1.505  -20.922 -7.487  1.00 24.99  ? 18   GLN A C   1 
ATOM   139  O O   . GLN A 1 18 ? -1.515  -20.329 -6.412  1.00 32.09  ? 18   GLN A O   1 
ATOM   140  C CB  . GLN A 1 18 ? -3.771  -20.933 -8.522  1.00 34.92  ? 18   GLN A CB  1 
ATOM   141  C CG  . GLN A 1 18 ? -5.116  -21.648 -8.624  1.00 48.91  ? 18   GLN A CG  1 
ATOM   142  C CD  . GLN A 1 18 ? -5.321  -22.190 -10.028 1.00 60.50  ? 18   GLN A CD  1 
ATOM   143  O OE1 . GLN A 1 18 ? -4.941  -23.314 -10.351 1.00 67.23  ? 18   GLN A OE1 1 
ATOM   144  N NE2 . GLN A 1 18 ? -5.930  -21.372 -10.875 1.00 70.32  ? 18   GLN A NE2 1 
ATOM   145  N N   . LEU A 1 19 ? -0.489  -20.814 -8.346  1.00 26.89  ? 19   LEU A N   1 
ATOM   146  C CA  . LEU A 1 19 ? 0.589   -19.856 -8.094  1.00 24.58  ? 19   LEU A CA  1 
ATOM   147  C C   . LEU A 1 19 ? 0.277   -18.519 -8.757  1.00 32.95  ? 19   LEU A C   1 
ATOM   148  O O   . LEU A 1 19 ? -0.064  -18.429 -9.942  1.00 27.68  ? 19   LEU A O   1 
ATOM   149  C CB  . LEU A 1 19 ? 1.927   -20.391 -8.595  1.00 30.01  ? 19   LEU A CB  1 
ATOM   150  C CG  . LEU A 1 19 ? 2.504   -21.609 -7.867  1.00 35.87  ? 19   LEU A CG  1 
ATOM   151  C CD1 . LEU A 1 19 ? 3.891   -21.947 -8.404  1.00 35.72  ? 19   LEU A CD1 1 
ATOM   152  C CD2 . LEU A 1 19 ? 2.572   -21.378 -6.358  1.00 36.00  ? 19   LEU A CD2 1 
ATOM   153  N N   . LYS A 1 20 ? 0.407   -17.471 -7.948  1.00 29.83  ? 20   LYS A N   1 
ATOM   154  C CA  . LYS A 1 20 ? 0.177   -16.112 -8.407  1.00 24.86  ? 20   LYS A CA  1 
ATOM   155  C C   . LYS A 1 20 ? 1.305   -15.196 -7.948  1.00 25.21  ? 20   LYS A C   1 
ATOM   156  O O   . LYS A 1 20 ? 2.079   -15.509 -7.053  1.00 35.45  ? 20   LYS A O   1 
ATOM   157  C CB  . LYS A 1 20 ? -1.141  -15.563 -7.859  1.00 26.44  ? 20   LYS A CB  1 
ATOM   158  C CG  . LYS A 1 20 ? -2.387  -16.286 -8.323  1.00 38.61  ? 20   LYS A CG  1 
ATOM   159  C CD  . LYS A 1 20 ? -3.637  -15.524 -7.891  1.00 44.82  ? 20   LYS A CD  1 
ATOM   160  C CE  . LYS A 1 20 ? -4.856  -16.394 -8.185  1.00 53.92  ? 20   LYS A CE  1 
ATOM   161  N NZ  . LYS A 1 20 ? -5.026  -16.577 -9.657  1.00 63.41  ? 20   LYS A NZ  1 
ATOM   162  N N   . GLU A 1 21 ? 1.352   -14.030 -8.577  1.00 27.19  ? 21   GLU A N   1 
ATOM   163  C CA  . GLU A 1 21 ? 2.221   -12.947 -8.122  1.00 27.39  ? 21   GLU A CA  1 
ATOM   164  C C   . GLU A 1 21 ? 1.348   -11.927 -7.408  1.00 24.10  ? 21   GLU A C   1 
ATOM   165  O O   . GLU A 1 21 ? 0.272   -11.550 -7.896  1.00 22.96  ? 21   GLU A O   1 
ATOM   166  C CB  . GLU A 1 21 ? 2.954   -12.330 -9.300  1.00 30.54  ? 21   GLU A CB  1 
ATOM   167  C CG  . GLU A 1 21 ? 3.838   -11.138 -9.004  1.00 39.12  ? 21   GLU A CG  1 
ATOM   168  C CD  . GLU A 1 21 ? 4.773   -10.823 -10.166 1.00 45.84  ? 21   GLU A CD  1 
ATOM   169  O OE1 . GLU A 1 21 ? 5.932   -11.278 -10.115 1.00 45.53  ? 21   GLU A OE1 1 
ATOM   170  O OE2 . GLU A 1 21 ? 4.340   -10.134 -11.114 1.00 53.83  ? 21   GLU A OE2 1 
ATOM   171  N N   . ALA A 1 22 ? 1.789   -11.497 -6.227  1.00 24.01  ? 22   ALA A N   1 
ATOM   172  C CA  . ALA A 1 22 ? 1.009   -10.488 -5.514  1.00 26.51  ? 22   ALA A CA  1 
ATOM   173  C C   . ALA A 1 22 ? 1.955   -9.476  -4.874  1.00 25.16  ? 22   ALA A C   1 
ATOM   174  O O   . ALA A 1 22 ? 3.118   -9.789  -4.623  1.00 27.34  ? 22   ALA A O   1 
ATOM   175  C CB  . ALA A 1 22 ? 0.093   -11.095 -4.465  1.00 25.87  ? 22   ALA A CB  1 
ATOM   176  N N   . LEU A 1 23 ? 1.402   -8.294  -4.646  1.00 21.18  ? 23   LEU A N   1 
ATOM   177  C CA  . LEU A 1 23 ? 2.126   -7.155  -4.104  1.00 22.98  ? 23   LEU A CA  1 
ATOM   178  C C   . LEU A 1 23 ? 1.896   -7.056  -2.610  1.00 20.06  ? 23   LEU A C   1 
ATOM   179  O O   . LEU A 1 23 ? 0.747   -7.093  -2.163  1.00 24.61  ? 23   LEU A O   1 
ATOM   180  C CB  . LEU A 1 23 ? 1.621   -5.896  -4.815  1.00 29.61  ? 23   LEU A CB  1 
ATOM   181  C CG  . LEU A 1 23 ? 2.298   -4.562  -4.525  1.00 31.32  ? 23   LEU A CG  1 
ATOM   182  C CD1 . LEU A 1 23 ? 3.762   -4.573  -4.936  1.00 28.89  ? 23   LEU A CD1 1 
ATOM   183  C CD2 . LEU A 1 23 ? 1.573   -3.441  -5.252  1.00 27.70  ? 23   LEU A CD2 1 
ATOM   184  N N   . LEU A 1 24 ? 2.983   -6.952  -1.875  1.00 19.96  ? 24   LEU A N   1 
ATOM   185  C CA  . LEU A 1 24 ? 2.896   -6.830  -0.417  1.00 21.31  ? 24   LEU A CA  1 
ATOM   186  C C   . LEU A 1 24 ? 2.654   -5.346  -0.113  1.00 20.98  ? 24   LEU A C   1 
ATOM   187  O O   . LEU A 1 24 ? 3.563   -4.548  -0.270  1.00 25.00  ? 24   LEU A O   1 
ATOM   188  C CB  . LEU A 1 24 ? 4.141   -7.400  0.228   1.00 23.81  ? 24   LEU A CB  1 
ATOM   189  C CG  . LEU A 1 24 ? 4.485   -8.873  -0.020  1.00 23.96  ? 24   LEU A CG  1 
ATOM   190  C CD1 . LEU A 1 24 ? 5.728   -9.265  0.778   1.00 30.46  ? 24   LEU A CD1 1 
ATOM   191  C CD2 . LEU A 1 24 ? 3.341   -9.796  0.333   1.00 23.71  ? 24   LEU A CD2 1 
ATOM   192  N N   . ASP A 1 25 ? 1.432   -5.010  0.287   1.00 21.84  ? 25   ASP A N   1 
ATOM   193  C CA  . ASP A 1 25 ? 0.921   -3.662  0.401   1.00 22.56  ? 25   ASP A CA  1 
ATOM   194  C C   . ASP A 1 25 ? 0.591   -3.243  1.832   1.00 23.76  ? 25   ASP A C   1 
ATOM   195  O O   . ASP A 1 25 ? -0.508  -3.478  2.323   1.00 25.74  ? 25   ASP A O   1 
ATOM   196  C CB  . ASP A 1 25 ? -0.329  -3.577  -0.495  1.00 25.82  ? 25   ASP A CB  1 
ATOM   197  C CG  . ASP A 1 25 ? -0.749  -2.143  -0.769  1.00 29.36  ? 25   ASP A CG  1 
ATOM   198  O OD1 . ASP A 1 25 ? -0.339  -1.297  0.055   1.00 26.72  ? 25   ASP A OD1 1 
ATOM   199  O OD2 . ASP A 1 25 ? -1.447  -1.882  -1.777  1.00 30.54  ? 25   ASP A OD2 1 
ATOM   200  N N   . THR A 1 26 ? 1.527   -2.606  2.537   1.00 21.07  ? 26   THR A N   1 
ATOM   201  C CA  . THR A 1 26 ? 1.293   -2.178  3.913   1.00 22.79  ? 26   THR A CA  1 
ATOM   202  C C   . THR A 1 26 ? 0.228   -1.081  3.983   1.00 26.44  ? 26   THR A C   1 
ATOM   203  O O   . THR A 1 26 ? -0.306  -0.768  5.045   1.00 25.68  ? 26   THR A O   1 
ATOM   204  C CB  . THR A 1 26 ? 2.601   -1.705  4.573   1.00 20.61  ? 26   THR A CB  1 
ATOM   205  O OG1 . THR A 1 26 ? 3.187   -0.617  3.855   1.00 20.34  ? 26   THR A OG1 1 
ATOM   206  C CG2 . THR A 1 26 ? 3.633   -2.836  4.576   1.00 21.18  ? 26   THR A CG2 1 
ATOM   207  N N   . GLY A 1 27 ? -0.105  -0.472  2.857   1.00 21.56  ? 27   GLY A N   1 
ATOM   208  C CA  . GLY A 1 27 ? -1.091  0.567   2.752   1.00 19.06  ? 27   GLY A CA  1 
ATOM   209  C C   . GLY A 1 27 ? -2.512  0.062   2.620   1.00 19.94  ? 27   GLY A C   1 
ATOM   210  O O   . GLY A 1 27 ? -3.443  0.863   2.775   1.00 25.53  ? 27   GLY A O   1 
ATOM   211  N N   . ALA A 1 28 ? -2.672  -1.213  2.332   1.00 19.16  ? 28   ALA A N   1 
ATOM   212  C CA  . ALA A 1 28 ? -3.931  -1.922  2.199   1.00 21.28  ? 28   ALA A CA  1 
ATOM   213  C C   . ALA A 1 28 ? -4.452  -2.548  3.483   1.00 22.59  ? 28   ALA A C   1 
ATOM   214  O O   . ALA A 1 28 ? -3.795  -3.359  4.138   1.00 26.19  ? 28   ALA A O   1 
ATOM   215  C CB  . ALA A 1 28 ? -3.774  -3.015  1.136   1.00 22.77  ? 28   ALA A CB  1 
ATOM   216  N N   . ASP A 1 29 ? -5.682  -2.215  3.884   1.00 19.30  ? 29   ASP A N   1 
ATOM   217  C CA  . ASP A 1 29 ? -6.223  -2.891  5.052   1.00 25.12  ? 29   ASP A CA  1 
ATOM   218  C C   . ASP A 1 29 ? -6.465  -4.375  4.781   1.00 25.10  ? 29   ASP A C   1 
ATOM   219  O O   . ASP A 1 29 ? -6.271  -5.246  5.627   1.00 29.26  ? 29   ASP A O   1 
ATOM   220  C CB  . ASP A 1 29 ? -7.529  -2.224  5.452   1.00 28.14  ? 29   ASP A CB  1 
ATOM   221  C CG  . ASP A 1 29 ? -7.401  -0.839  6.036   1.00 28.13  ? 29   ASP A CG  1 
ATOM   222  O OD1 . ASP A 1 29 ? -6.298  -0.388  6.395   1.00 27.39  ? 29   ASP A OD1 1 
ATOM   223  O OD2 . ASP A 1 29 ? -8.450  -0.163  6.134   1.00 29.73  ? 29   ASP A OD2 1 
ATOM   224  N N   . ASP A 1 30 ? -6.918  -4.655  3.571   1.00 24.05  ? 30   ASP A N   1 
ATOM   225  C CA  . ASP A 1 30 ? -7.379  -5.944  3.140   1.00 30.33  ? 30   ASP A CA  1 
ATOM   226  C C   . ASP A 1 30 ? -6.637  -6.485  1.913   1.00 26.83  ? 30   ASP A C   1 
ATOM   227  O O   . ASP A 1 30 ? -6.074  -5.727  1.136   1.00 26.70  ? 30   ASP A O   1 
ATOM   228  C CB  . ASP A 1 30 ? -8.853  -5.887  2.706   1.00 34.37  ? 30   ASP A CB  1 
ATOM   229  C CG  . ASP A 1 30 ? -9.730  -5.206  3.730   1.00 41.19  ? 30   ASP A CG  1 
ATOM   230  O OD1 . ASP A 1 30 ? -9.734  -5.717  4.864   1.00 30.33  ? 30   ASP A OD1 1 
ATOM   231  O OD2 . ASP A 1 30 ? -10.366 -4.199  3.360   1.00 46.64  ? 30   ASP A OD2 1 
ATOM   232  N N   . THR A 1 31 ? -6.724  -7.803  1.810   1.00 24.33  ? 31   THR A N   1 
ATOM   233  C CA  . THR A 1 31 ? -6.193  -8.558  0.671   1.00 21.15  ? 31   THR A CA  1 
ATOM   234  C C   . THR A 1 31 ? -7.237  -8.625  -0.436  1.00 25.72  ? 31   THR A C   1 
ATOM   235  O O   . THR A 1 31 ? -8.385  -9.014  -0.213  1.00 24.34  ? 31   THR A O   1 
ATOM   236  C CB  . THR A 1 31 ? -5.782  -9.959  1.155   1.00 22.79  ? 31   THR A CB  1 
ATOM   237  O OG1 . THR A 1 31 ? -4.689  -9.812  2.078   1.00 25.02  ? 31   THR A OG1 1 
ATOM   238  C CG2 . THR A 1 31 ? -5.303  -10.805 -0.010  1.00 20.75  ? 31   THR A CG2 1 
ATOM   239  N N   . VAL A 1 32 ? -6.864  -8.232  -1.648  1.00 20.94  ? 32   VAL A N   1 
ATOM   240  C CA  . VAL A 1 32 ? -7.752  -8.171  -2.783  1.00 22.50  ? 32   VAL A CA  1 
ATOM   241  C C   . VAL A 1 32 ? -7.095  -8.812  -4.000  1.00 21.71  ? 32   VAL A C   1 
ATOM   242  O O   . VAL A 1 32 ? -6.023  -8.378  -4.416  1.00 21.93  ? 32   VAL A O   1 
ATOM   243  C CB  . VAL A 1 32 ? -8.075  -6.710  -3.165  1.00 26.16  ? 32   VAL A CB  1 
ATOM   244  C CG1 . VAL A 1 32 ? -9.098  -6.744  -4.288  1.00 33.22  ? 32   VAL A CG1 1 
ATOM   245  C CG2 . VAL A 1 32 ? -8.524  -5.957  -1.926  1.00 34.49  ? 32   VAL A CG2 1 
ATOM   246  N N   . LEU A 1 33 ? -7.737  -9.826  -4.535  1.00 19.82  ? 33   LEU A N   1 
ATOM   247  C CA  . LEU A 1 33 ? -7.156  -10.547 -5.650  1.00 20.86  ? 33   LEU A CA  1 
ATOM   248  C C   . LEU A 1 33 ? -8.012  -10.401 -6.906  1.00 25.29  ? 33   LEU A C   1 
ATOM   249  O O   . LEU A 1 33 ? -9.221  -10.234 -6.779  1.00 23.70  ? 33   LEU A O   1 
ATOM   250  C CB  . LEU A 1 33 ? -7.053  -12.035 -5.306  1.00 25.66  ? 33   LEU A CB  1 
ATOM   251  C CG  . LEU A 1 33 ? -6.137  -12.407 -4.133  1.00 34.12  ? 33   LEU A CG  1 
ATOM   252  C CD1 . LEU A 1 33 ? -5.822  -13.898 -4.183  1.00 41.57  ? 33   LEU A CD1 1 
ATOM   253  C CD2 . LEU A 1 33 ? -4.840  -11.604 -4.129  1.00 28.65  ? 33   LEU A CD2 1 
ATOM   254  N N   . GLU A 1 34 ? -7.383  -10.505 -8.062  1.00 24.11  ? 34   GLU A N   1 
ATOM   255  C CA  . GLU A 1 34 ? -8.079  -10.548 -9.342  1.00 22.47  ? 34   GLU A CA  1 
ATOM   256  C C   . GLU A 1 34 ? -9.052  -11.715 -9.406  1.00 26.77  ? 34   GLU A C   1 
ATOM   257  O O   . GLU A 1 34 ? -8.920  -12.705 -8.686  1.00 23.58  ? 34   GLU A O   1 
ATOM   258  C CB  . GLU A 1 34 ? -7.055  -10.638 -10.483 1.00 24.50  ? 34   GLU A CB  1 
ATOM   259  C CG  . GLU A 1 34 ? -6.247  -9.353  -10.599 1.00 34.83  ? 34   GLU A CG  1 
ATOM   260  C CD  . GLU A 1 34 ? -4.891  -9.546  -11.241 1.00 45.77  ? 34   GLU A CD  1 
ATOM   261  O OE1 . GLU A 1 34 ? -4.755  -10.469 -12.064 1.00 36.75  ? 34   GLU A OE1 1 
ATOM   262  O OE2 . GLU A 1 34 ? -3.955  -8.779  -10.918 1.00 76.30  ? 34   GLU A OE2 1 
ATOM   263  N N   . GLU A 1 35 ? -10.026 -11.576 -10.298 1.00 27.45  ? 35   GLU A N   1 
ATOM   264  C CA  . GLU A 1 35 ? -11.076 -12.554 -10.497 1.00 25.58  ? 35   GLU A CA  1 
ATOM   265  C C   . GLU A 1 35 ? -10.506 -13.969 -10.599 1.00 28.02  ? 35   GLU A C   1 
ATOM   266  O O   . GLU A 1 35 ? -9.588  -14.239 -11.368 1.00 32.45  ? 35   GLU A O   1 
ATOM   267  C CB  . GLU A 1 35 ? -11.886 -12.238 -11.759 1.00 26.46  ? 35   GLU A CB  1 
ATOM   268  C CG  . GLU A 1 35 ? -13.130 -13.099 -11.880 1.00 40.79  ? 35   GLU A CG  1 
ATOM   269  C CD  . GLU A 1 35 ? -14.033 -12.917 -10.674 1.00 35.60  ? 35   GLU A CD  1 
ATOM   270  O OE1 . GLU A 1 35 ? -14.220 -11.752 -10.270 1.00 57.87  ? 35   GLU A OE1 1 
ATOM   271  O OE2 . GLU A 1 35 ? -14.516 -13.953 -10.185 1.00 57.63  ? 35   GLU A OE2 1 
ATOM   272  N N   . MET A 1 36 ? -11.046 -14.848 -9.779  1.00 29.14  ? 36   MET A N   1 
ATOM   273  C CA  . MET A 1 36 ? -10.673 -16.247 -9.669  1.00 26.01  ? 36   MET A CA  1 
ATOM   274  C C   . MET A 1 36 ? -11.788 -16.978 -8.927  1.00 33.55  ? 36   MET A C   1 
ATOM   275  O O   . MET A 1 36 ? -12.601 -16.356 -8.231  1.00 28.82  ? 36   MET A O   1 
ATOM   276  C CB  . MET A 1 36 ? -9.359  -16.464 -8.932  1.00 30.71  ? 36   MET A CB  1 
ATOM   277  C CG  . MET A 1 36 ? -9.447  -16.392 -7.420  1.00 29.21  ? 36   MET A CG  1 
ATOM   278  S SD  . MET A 1 36 ? -7.877  -16.675 -6.602  1.00 35.51  ? 36   MET A SD  1 
ATOM   279  C CE  . MET A 1 36 ? -7.509  -18.340 -7.140  1.00 48.51  ? 36   MET A CE  1 
ATOM   280  N N   . SER A 1 37 ? -11.829 -18.300 -9.087  1.00 34.97  ? 37   SER A N   1 
ATOM   281  C CA  . SER A 1 37 ? -12.842 -19.016 -8.306  1.00 34.90  ? 37   SER A CA  1 
ATOM   282  C C   . SER A 1 37 ? -12.150 -19.615 -7.086  1.00 33.14  ? 37   SER A C   1 
ATOM   283  O O   . SER A 1 37 ? -11.010 -20.054 -7.186  1.00 44.72  ? 37   SER A O   1 
ATOM   284  C CB  . SER A 1 37 ? -13.553 -20.079 -9.134  1.00 48.94  ? 37   SER A CB  1 
ATOM   285  O OG  . SER A 1 37 ? -14.209 -19.479 -10.241 1.00 56.47  ? 37   SER A OG  1 
ATOM   286  N N   . LEU A 1 38 ? -12.842 -19.598 -5.960  1.00 33.67  ? 38   LEU A N   1 
ATOM   287  C CA  . LEU A 1 38 ? -12.296 -20.159 -4.731  1.00 30.62  ? 38   LEU A CA  1 
ATOM   288  C C   . LEU A 1 38 ? -13.373 -21.027 -4.095  1.00 36.15  ? 38   LEU A C   1 
ATOM   289  O O   . LEU A 1 38 ? -14.574 -20.851 -4.307  1.00 37.54  ? 38   LEU A O   1 
ATOM   290  C CB  . LEU A 1 38 ? -11.822 -19.097 -3.756  1.00 30.01  ? 38   LEU A CB  1 
ATOM   291  C CG  . LEU A 1 38 ? -10.587 -18.275 -4.134  1.00 30.79  ? 38   LEU A CG  1 
ATOM   292  C CD1 . LEU A 1 38 ? -10.519 -16.993 -3.317  1.00 28.72  ? 38   LEU A CD1 1 
ATOM   293  C CD2 . LEU A 1 38 ? -9.314  -19.088 -3.964  1.00 36.04  ? 38   LEU A CD2 1 
ATOM   294  N N   . PRO A 1 39 ? -12.966 -21.999 -3.304  1.00 33.24  ? 39   PRO A N   1 
ATOM   295  C CA  . PRO A 1 39 ? -13.984 -22.901 -2.757  1.00 35.66  ? 39   PRO A CA  1 
ATOM   296  C C   . PRO A 1 39 ? -14.692 -22.251 -1.578  1.00 32.83  ? 39   PRO A C   1 
ATOM   297  O O   . PRO A 1 39 ? -14.135 -21.413 -0.881  1.00 36.08  ? 39   PRO A O   1 
ATOM   298  C CB  . PRO A 1 39 ? -13.171 -24.104 -2.296  1.00 46.34  ? 39   PRO A CB  1 
ATOM   299  C CG  . PRO A 1 39 ? -11.782 -23.869 -2.800  1.00 49.66  ? 39   PRO A CG  1 
ATOM   300  C CD  . PRO A 1 39 ? -11.621 -22.366 -2.855  1.00 41.80  ? 39   PRO A CD  1 
ATOM   301  N N   . GLY A 1 40 ? -15.943 -22.655 -1.393  1.00 29.82  ? 40   GLY A N   1 
ATOM   302  C CA  . GLY A 1 40 ? -16.696 -22.211 -0.248  1.00 35.19  ? 40   GLY A CA  1 
ATOM   303  C C   . GLY A 1 40 ? -17.642 -21.056 -0.470  1.00 33.41  ? 40   GLY A C   1 
ATOM   304  O O   . GLY A 1 40 ? -17.866 -20.560 -1.574  1.00 35.03  ? 40   GLY A O   1 
ATOM   305  N N   . ARG A 1 41 ? -18.212 -20.643 0.650   1.00 33.61  ? 41   ARG A N   1 
ATOM   306  C CA  . ARG A 1 41 ? -19.169 -19.555 0.714   1.00 44.50  ? 41   ARG A CA  1 
ATOM   307  C C   . ARG A 1 41 ? -18.442 -18.217 0.534   1.00 33.95  ? 41   ARG A C   1 
ATOM   308  O O   . ARG A 1 41 ? -17.284 -18.067 0.918   1.00 35.29  ? 41   ARG A O   1 
ATOM   309  C CB  . ARG A 1 41 ? -19.920 -19.530 2.045   1.00 51.15  ? 41   ARG A CB  1 
ATOM   310  C CG  . ARG A 1 41 ? -20.707 -20.779 2.390   1.00 65.90  ? 41   ARG A CG  1 
ATOM   311  C CD  . ARG A 1 41 ? -21.799 -21.067 1.375   1.00 74.14  ? 41   ARG A CD  1 
ATOM   312  N NE  . ARG A 1 41 ? -23.014 -20.297 1.594   1.00 79.94  ? 41   ARG A NE  1 
ATOM   313  C CZ  . ARG A 1 41 ? -23.496 -19.274 0.911   1.00 78.96  ? 41   ARG A CZ  1 
ATOM   314  N NH1 . ARG A 1 41 ? -22.880 -18.770 -0.152  1.00 93.34  ? 41   ARG A NH1 1 
ATOM   315  N NH2 . ARG A 1 41 ? -24.646 -18.709 1.288   1.00 51.35  ? 41   ARG A NH2 1 
ATOM   316  N N   . TRP A 1 42 ? -19.161 -17.272 -0.035  1.00 33.95  ? 42   TRP A N   1 
ATOM   317  C CA  . TRP A 1 42 ? -18.709 -15.909 -0.239  1.00 32.41  ? 42   TRP A CA  1 
ATOM   318  C C   . TRP A 1 42 ? -19.915 -14.990 -0.081  1.00 32.73  ? 42   TRP A C   1 
ATOM   319  O O   . TRP A 1 42 ? -21.035 -15.429 -0.323  1.00 38.44  ? 42   TRP A O   1 
ATOM   320  C CB  . TRP A 1 42 ? -18.065 -15.697 -1.600  1.00 31.87  ? 42   TRP A CB  1 
ATOM   321  C CG  . TRP A 1 42 ? -18.918 -15.872 -2.808  1.00 32.68  ? 42   TRP A CG  1 
ATOM   322  C CD1 . TRP A 1 42 ? -19.075 -17.040 -3.513  1.00 34.08  ? 42   TRP A CD1 1 
ATOM   323  C CD2 . TRP A 1 42 ? -19.721 -14.895 -3.473  1.00 30.22  ? 42   TRP A CD2 1 
ATOM   324  N NE1 . TRP A 1 42 ? -19.922 -16.848 -4.567  1.00 35.70  ? 42   TRP A NE1 1 
ATOM   325  C CE2 . TRP A 1 42 ? -20.337 -15.541 -4.566  1.00 35.91  ? 42   TRP A CE2 1 
ATOM   326  C CE3 . TRP A 1 42 ? -19.986 -13.538 -3.256  1.00 32.56  ? 42   TRP A CE3 1 
ATOM   327  C CZ2 . TRP A 1 42 ? -21.196 -14.875 -5.434  1.00 35.63  ? 42   TRP A CZ2 1 
ATOM   328  C CZ3 . TRP A 1 42 ? -20.842 -12.880 -4.118  1.00 37.53  ? 42   TRP A CZ3 1 
ATOM   329  C CH2 . TRP A 1 42 ? -21.438 -13.549 -5.194  1.00 41.63  ? 42   TRP A CH2 1 
ATOM   330  N N   . LYS A 1 43 ? -19.663 -13.757 0.316   1.00 24.24  ? 43   LYS A N   1 
ATOM   331  C CA  . LYS A 1 43 ? -20.713 -12.755 0.353   1.00 29.27  ? 43   LYS A CA  1 
ATOM   332  C C   . LYS A 1 43 ? -20.290 -11.524 -0.439  1.00 26.56  ? 43   LYS A C   1 
ATOM   333  O O   . LYS A 1 43 ? -19.102 -11.212 -0.494  1.00 25.00  ? 43   LYS A O   1 
ATOM   334  C CB  . LYS A 1 43 ? -21.030 -12.312 1.771   1.00 32.04  ? 43   LYS A CB  1 
ATOM   335  N N   . PRO A 1 44 ? -21.252 -10.841 -1.023  1.00 28.52  ? 44   PRO A N   1 
ATOM   336  C CA  . PRO A 1 44 ? -20.918 -9.560  -1.650  1.00 29.75  ? 44   PRO A CA  1 
ATOM   337  C C   . PRO A 1 44 ? -20.505 -8.578  -0.554  1.00 30.93  ? 44   PRO A C   1 
ATOM   338  O O   . PRO A 1 44 ? -21.008 -8.614  0.566   1.00 30.66  ? 44   PRO A O   1 
ATOM   339  C CB  . PRO A 1 44 ? -22.199 -9.104  -2.328  1.00 28.08  ? 44   PRO A CB  1 
ATOM   340  C CG  . PRO A 1 44 ? -23.269 -10.023 -1.885  1.00 33.25  ? 44   PRO A CG  1 
ATOM   341  C CD  . PRO A 1 44 ? -22.672 -11.187 -1.152  1.00 34.57  ? 44   PRO A CD  1 
ATOM   342  N N   . LYS A 1 45 ? -19.568 -7.722  -0.928  1.00 25.23  ? 45   LYS A N   1 
ATOM   343  C CA  . LYS A 1 45 ? -18.985 -6.746  -0.034  1.00 22.43  ? 45   LYS A CA  1 
ATOM   344  C C   . LYS A 1 45 ? -18.597 -5.509  -0.835  1.00 28.07  ? 45   LYS A C   1 
ATOM   345  O O   . LYS A 1 45 ? -18.139 -5.705  -1.960  1.00 29.73  ? 45   LYS A O   1 
ATOM   346  C CB  . LYS A 1 45 ? -17.742 -7.325  0.640   1.00 26.71  ? 45   LYS A CB  1 
ATOM   347  C CG  . LYS A 1 45 ? -17.199 -6.427  1.745   1.00 37.51  ? 45   LYS A CG  1 
ATOM   348  C CD  . LYS A 1 45 ? -15.686 -6.482  1.849   1.00 48.65  ? 45   LYS A CD  1 
ATOM   349  C CE  . LYS A 1 45 ? -15.175 -5.529  2.925   1.00 47.87  ? 45   LYS A CE  1 
ATOM   350  N NZ  . LYS A 1 45 ? -15.803 -5.796  4.248   1.00 47.77  ? 45   LYS A NZ  1 
ATOM   351  N N   . MET A 1 46 ? -18.807 -4.336  -0.269  1.00 29.74  ? 46   MET A N   1 
ATOM   352  C CA  . MET A 1 46 ? -18.360 -3.082  -0.862  1.00 26.27  ? 46   MET A CA  1 
ATOM   353  C C   . MET A 1 46 ? -17.069 -2.623  -0.199  1.00 28.39  ? 46   MET A C   1 
ATOM   354  O O   . MET A 1 46 ? -16.996 -2.639  1.029   1.00 31.18  ? 46   MET A O   1 
ATOM   355  C CB  . MET A 1 46 ? -19.415 -2.004  -0.710  1.00 26.09  ? 46   MET A CB  1 
ATOM   356  C CG  . MET A 1 46 ? -20.777 -2.356  -1.270  1.00 31.02  ? 46   MET A CG  1 
ATOM   357  S SD  . MET A 1 46 ? -20.727 -2.847  -3.001  1.00 37.12  ? 46   MET A SD  1 
ATOM   358  C CE  . MET A 1 46 ? -20.425 -1.266  -3.785  1.00 32.01  ? 46   MET A CE  1 
ATOM   359  N N   . ILE A 1 47 ? -16.090 -2.240  -1.007  1.00 28.07  ? 47   ILE A N   1 
ATOM   360  C CA  . ILE A 1 47 ? -14.841 -1.738  -0.445  1.00 25.96  ? 47   ILE A CA  1 
ATOM   361  C C   . ILE A 1 47 ? -14.503 -0.359  -1.015  1.00 26.57  ? 47   ILE A C   1 
ATOM   362  O O   . ILE A 1 47 ? -14.763 -0.026  -2.156  1.00 31.36  ? 47   ILE A O   1 
ATOM   363  C CB  . ILE A 1 47 ? -13.626 -2.648  -0.649  1.00 29.34  ? 47   ILE A CB  1 
ATOM   364  C CG1 . ILE A 1 47 ? -13.265 -2.921  -2.107  1.00 30.75  ? 47   ILE A CG1 1 
ATOM   365  C CG2 . ILE A 1 47 ? -13.798 -3.957  0.117   1.00 52.88  ? 47   ILE A CG2 1 
ATOM   366  C CD1 . ILE A 1 47 ? -11.860 -3.507  -2.208  1.00 46.00  ? 47   ILE A CD1 1 
ATOM   367  N N   . GLY A 1 48 ? -13.918 0.435   -0.118  1.00 31.11  ? 48   GLY A N   1 
ATOM   368  C CA  . GLY A 1 48 ? -13.638 1.825   -0.357  1.00 34.65  ? 48   GLY A CA  1 
ATOM   369  C C   . GLY A 1 48 ? -12.418 1.981   -1.240  1.00 32.10  ? 48   GLY A C   1 
ATOM   370  O O   . GLY A 1 48 ? -11.325 1.540   -0.915  1.00 41.45  ? 48   GLY A O   1 
ATOM   371  N N   . GLY A 1 49 ? -12.648 2.619   -2.376  1.00 32.90  ? 49   GLY A N   1 
ATOM   372  C CA  . GLY A 1 49 ? -11.545 2.792   -3.302  1.00 40.50  ? 49   GLY A CA  1 
ATOM   373  C C   . GLY A 1 49 ? -11.523 4.230   -3.785  1.00 41.95  ? 49   GLY A C   1 
ATOM   374  O O   . GLY A 1 49 ? -12.071 5.103   -3.110  1.00 35.32  ? 49   GLY A O   1 
ATOM   375  N N   . ILE A 1 50 ? -10.885 4.399   -4.935  1.00 32.45  ? 50   ILE A N   1 
ATOM   376  C CA  . ILE A 1 50 ? -10.605 5.748   -5.438  1.00 30.34  ? 50   ILE A CA  1 
ATOM   377  C C   . ILE A 1 50 ? -11.867 6.288   -6.078  1.00 27.51  ? 50   ILE A C   1 
ATOM   378  O O   . ILE A 1 50 ? -12.383 5.706   -7.031  1.00 40.84  ? 50   ILE A O   1 
ATOM   379  C CB  . ILE A 1 50 ? -9.396  5.721   -6.386  1.00 35.27  ? 50   ILE A CB  1 
ATOM   380  C CG1 . ILE A 1 50 ? -8.059  5.577   -5.654  1.00 39.57  ? 50   ILE A CG1 1 
ATOM   381  C CG2 . ILE A 1 50 ? -9.364  6.939   -7.282  1.00 46.80  ? 50   ILE A CG2 1 
ATOM   382  C CD1 . ILE A 1 50 ? -6.926  5.091   -6.528  1.00 60.41  ? 50   ILE A CD1 1 
ATOM   383  N N   . GLY A 1 51 ? -12.370 7.390   -5.515  1.00 35.44  ? 51   GLY A N   1 
ATOM   384  C CA  . GLY A 1 51 ? -13.592 7.992   -6.001  1.00 37.14  ? 51   GLY A CA  1 
ATOM   385  C C   . GLY A 1 51 ? -14.820 7.159   -5.735  1.00 32.92  ? 51   GLY A C   1 
ATOM   386  O O   . GLY A 1 51 ? -15.896 7.327   -6.310  1.00 35.19  ? 51   GLY A O   1 
ATOM   387  N N   . GLY A 1 52 ? -14.761 6.187   -4.822  1.00 27.71  ? 52   GLY A N   1 
ATOM   388  C CA  . GLY A 1 52 ? -16.002 5.467   -4.586  1.00 27.61  ? 52   GLY A CA  1 
ATOM   389  C C   . GLY A 1 52 ? -15.762 4.047   -4.115  1.00 30.54  ? 52   GLY A C   1 
ATOM   390  O O   . GLY A 1 52 ? -14.620 3.606   -4.026  1.00 28.57  ? 52   GLY A O   1 
ATOM   391  N N   . PHE A 1 53 ? -16.858 3.374   -3.806  1.00 27.41  ? 53   PHE A N   1 
ATOM   392  C CA  . PHE A 1 53 ? -16.842 1.991   -3.369  1.00 28.84  ? 53   PHE A CA  1 
ATOM   393  C C   . PHE A 1 53 ? -16.980 1.078   -4.590  1.00 29.32  ? 53   PHE A C   1 
ATOM   394  O O   . PHE A 1 53 ? -17.545 1.454   -5.617  1.00 29.30  ? 53   PHE A O   1 
ATOM   395  C CB  . PHE A 1 53 ? -17.927 1.722   -2.330  1.00 26.03  ? 53   PHE A CB  1 
ATOM   396  C CG  . PHE A 1 53 ? -17.573 2.172   -0.920  1.00 31.18  ? 53   PHE A CG  1 
ATOM   397  C CD1 . PHE A 1 53 ? -17.546 3.513   -0.574  1.00 35.70  ? 53   PHE A CD1 1 
ATOM   398  C CD2 . PHE A 1 53 ? -17.266 1.261   0.068   1.00 36.38  ? 53   PHE A CD2 1 
ATOM   399  C CE1 . PHE A 1 53 ? -17.229 3.922   0.711   1.00 28.33  ? 53   PHE A CE1 1 
ATOM   400  C CE2 . PHE A 1 53 ? -16.940 1.652   1.352   1.00 32.37  ? 53   PHE A CE2 1 
ATOM   401  C CZ  . PHE A 1 53 ? -16.919 2.995   1.680   1.00 30.89  ? 53   PHE A CZ  1 
ATOM   402  N N   . ILE A 1 54 ? -16.431 -0.116  -4.437  1.00 28.17  ? 54   ILE A N   1 
ATOM   403  C CA  . ILE A 1 54 ? -16.356 -1.182  -5.418  1.00 25.40  ? 54   ILE A CA  1 
ATOM   404  C C   . ILE A 1 54 ? -16.921 -2.467  -4.841  1.00 18.71  ? 54   ILE A C   1 
ATOM   405  O O   . ILE A 1 54 ? -16.674 -2.718  -3.658  1.00 27.71  ? 54   ILE A O   1 
ATOM   406  C CB  . ILE A 1 54 ? -14.883 -1.414  -5.814  1.00 33.70  ? 54   ILE A CB  1 
ATOM   407  C CG1 . ILE A 1 54 ? -14.274 -0.206  -6.541  1.00 43.51  ? 54   ILE A CG1 1 
ATOM   408  C CG2 . ILE A 1 54 ? -14.687 -2.666  -6.635  1.00 43.90  ? 54   ILE A CG2 1 
ATOM   409  C CD1 . ILE A 1 54 ? -15.279 0.568   -7.369  1.00 51.43  ? 54   ILE A CD1 1 
ATOM   410  N N   . LYS A 1 55 ? -17.630 -3.215  -5.662  1.00 24.83  ? 55   LYS A N   1 
ATOM   411  C CA  . LYS A 1 55 ? -18.164 -4.528  -5.339  1.00 23.91  ? 55   LYS A CA  1 
ATOM   412  C C   . LYS A 1 55 ? -17.077 -5.592  -5.430  1.00 24.30  ? 55   LYS A C   1 
ATOM   413  O O   . LYS A 1 55 ? -16.401 -5.758  -6.448  1.00 28.48  ? 55   LYS A O   1 
ATOM   414  C CB  . LYS A 1 55 ? -19.296 -4.944  -6.271  1.00 30.42  ? 55   LYS A CB  1 
ATOM   415  N N   . VAL A 1 56 ? -16.910 -6.329  -4.338  1.00 19.38  ? 56   VAL A N   1 
ATOM   416  C CA  . VAL A 1 56 ? -16.021 -7.477  -4.387  1.00 17.53  ? 56   VAL A CA  1 
ATOM   417  C C   . VAL A 1 56 ? -16.760 -8.692  -3.846  1.00 24.35  ? 56   VAL A C   1 
ATOM   418  O O   . VAL A 1 56 ? -17.858 -8.564  -3.293  1.00 24.51  ? 56   VAL A O   1 
ATOM   419  C CB  . VAL A 1 56 ? -14.720 -7.228  -3.615  1.00 22.57  ? 56   VAL A CB  1 
ATOM   420  C CG1 . VAL A 1 56 ? -13.938 -6.089  -4.265  1.00 23.95  ? 56   VAL A CG1 1 
ATOM   421  C CG2 . VAL A 1 56 ? -15.020 -6.940  -2.157  1.00 24.76  ? 56   VAL A CG2 1 
ATOM   422  N N   . ARG A 1 57 ? -16.161 -9.870  -4.010  1.00 22.02  ? 57   ARG A N   1 
ATOM   423  C CA  . ARG A 1 57 ? -16.675 -11.060 -3.346  1.00 19.13  ? 57   ARG A CA  1 
ATOM   424  C C   . ARG A 1 57 ? -15.760 -11.401 -2.169  1.00 21.51  ? 57   ARG A C   1 
ATOM   425  O O   . ARG A 1 57 ? -14.537 -11.513 -2.324  1.00 24.32  ? 57   ARG A O   1 
ATOM   426  C CB  . ARG A 1 57 ? -16.731 -12.262 -4.288  1.00 25.06  ? 57   ARG A CB  1 
ATOM   427  C CG  . ARG A 1 57 ? -17.317 -11.944 -5.655  1.00 27.28  ? 57   ARG A CG  1 
ATOM   428  C CD  . ARG A 1 57 ? -17.866 -13.216 -6.289  1.00 35.63  ? 57   ARG A CD  1 
ATOM   429  N NE  . ARG A 1 57 ? -16.826 -14.185 -6.625  1.00 34.16  ? 57   ARG A NE  1 
ATOM   430  C CZ  . ARG A 1 57 ? -16.054 -14.105 -7.698  1.00 34.03  ? 57   ARG A CZ  1 
ATOM   431  N NH1 . ARG A 1 57 ? -16.193 -13.095 -8.549  1.00 38.11  ? 57   ARG A NH1 1 
ATOM   432  N NH2 . ARG A 1 57 ? -15.135 -15.030 -7.927  1.00 37.10  ? 57   ARG A NH2 1 
ATOM   433  N N   . GLN A 1 58 ? -16.338 -11.579 -0.997  1.00 21.62  ? 58   GLN A N   1 
ATOM   434  C CA  . GLN A 1 58 ? -15.593 -11.889 0.212   1.00 22.78  ? 58   GLN A CA  1 
ATOM   435  C C   . GLN A 1 58 ? -15.596 -13.373 0.552   1.00 25.27  ? 58   GLN A C   1 
ATOM   436  O O   . GLN A 1 58 ? -16.662 -13.947 0.797   1.00 25.70  ? 58   GLN A O   1 
ATOM   437  C CB  . GLN A 1 58 ? -16.189 -11.098 1.380   1.00 23.33  ? 58   GLN A CB  1 
ATOM   438  C CG  . GLN A 1 58 ? -15.397 -11.297 2.668   1.00 24.17  ? 58   GLN A CG  1 
ATOM   439  C CD  . GLN A 1 58 ? -16.047 -10.569 3.832   1.00 27.23  ? 58   GLN A CD  1 
ATOM   440  O OE1 . GLN A 1 58 ? -16.716 -9.561  3.619   1.00 35.22  ? 58   GLN A OE1 1 
ATOM   441  N NE2 . GLN A 1 58 ? -15.833 -11.086 5.035   1.00 30.67  ? 58   GLN A NE2 1 
ATOM   442  N N   . TYR A 1 59 ? -14.409 -13.971 0.573   1.00 25.95  ? 59   TYR A N   1 
ATOM   443  C CA  . TYR A 1 59 ? -14.258 -15.367 0.979   1.00 22.79  ? 59   TYR A CA  1 
ATOM   444  C C   . TYR A 1 59 ? -13.493 -15.429 2.290   1.00 26.21  ? 59   TYR A C   1 
ATOM   445  O O   . TYR A 1 59 ? -12.380 -14.902 2.311   1.00 24.70  ? 59   TYR A O   1 
ATOM   446  C CB  . TYR A 1 59 ? -13.469 -16.188 -0.025  1.00 26.18  ? 59   TYR A CB  1 
ATOM   447  C CG  . TYR A 1 59 ? -14.061 -16.308 -1.396  1.00 27.81  ? 59   TYR A CG  1 
ATOM   448  C CD1 . TYR A 1 59 ? -13.975 -15.270 -2.317  1.00 24.72  ? 59   TYR A CD1 1 
ATOM   449  C CD2 . TYR A 1 59 ? -14.723 -17.472 -1.768  1.00 33.58  ? 59   TYR A CD2 1 
ATOM   450  C CE1 . TYR A 1 59 ? -14.528 -15.390 -3.574  1.00 24.46  ? 59   TYR A CE1 1 
ATOM   451  C CE2 . TYR A 1 59 ? -15.277 -17.595 -3.031  1.00 29.99  ? 59   TYR A CE2 1 
ATOM   452  C CZ  . TYR A 1 59 ? -15.177 -16.556 -3.923  1.00 33.22  ? 59   TYR A CZ  1 
ATOM   453  O OH  . TYR A 1 59 ? -15.726 -16.681 -5.181  1.00 32.71  ? 59   TYR A OH  1 
ATOM   454  N N   . ASP A 1 60 ? -14.083 -16.032 3.312   1.00 24.72  ? 60   ASP A N   1 
ATOM   455  C CA  . ASP A 1 60 ? -13.415 -16.088 4.608   1.00 28.71  ? 60   ASP A CA  1 
ATOM   456  C C   . ASP A 1 60 ? -12.617 -17.370 4.789   1.00 29.21  ? 60   ASP A C   1 
ATOM   457  O O   . ASP A 1 60 ? -12.877 -18.382 4.132   1.00 31.56  ? 60   ASP A O   1 
ATOM   458  C CB  . ASP A 1 60 ? -14.464 -15.960 5.717   1.00 33.71  ? 60   ASP A CB  1 
ATOM   459  C CG  . ASP A 1 60 ? -15.245 -14.666 5.599   1.00 35.53  ? 60   ASP A CG  1 
ATOM   460  O OD1 . ASP A 1 60 ? -14.609 -13.602 5.442   1.00 32.69  ? 60   ASP A OD1 1 
ATOM   461  O OD2 . ASP A 1 60 ? -16.486 -14.746 5.654   1.00 45.49  ? 60   ASP A OD2 1 
ATOM   462  N N   . GLN A 1 61 ? -11.662 -17.306 5.702   1.00 25.14  ? 61   GLN A N   1 
ATOM   463  C CA  . GLN A 1 61 ? -10.863 -18.447 6.134   1.00 31.56  ? 61   GLN A CA  1 
ATOM   464  C C   . GLN A 1 61 ? -10.284 -19.204 4.947   1.00 29.60  ? 61   GLN A C   1 
ATOM   465  O O   . GLN A 1 61 ? -10.411 -20.411 4.775   1.00 32.16  ? 61   GLN A O   1 
ATOM   466  C CB  . GLN A 1 61 ? -11.684 -19.382 7.033   1.00 40.42  ? 61   GLN A CB  1 
ATOM   467  C CG  . GLN A 1 61 ? -11.307 -19.311 8.507   1.00 46.28  ? 61   GLN A CG  1 
ATOM   468  C CD  . GLN A 1 61 ? -12.016 -20.385 9.318   1.00 54.10  ? 61   GLN A CD  1 
ATOM   469  O OE1 . GLN A 1 61 ? -11.430 -21.158 10.076  1.00 61.66  ? 61   GLN A OE1 1 
ATOM   470  N NE2 . GLN A 1 61 ? -13.330 -20.444 9.160   1.00 37.35  ? 61   GLN A NE2 1 
ATOM   471  N N   . ILE A 1 62 ? -9.590  -18.464 4.094   1.00 25.35  ? 62   ILE A N   1 
ATOM   472  C CA  . ILE A 1 62 ? -8.945  -19.077 2.947   1.00 26.34  ? 62   ILE A CA  1 
ATOM   473  C C   . ILE A 1 62 ? -7.465  -19.259 3.198   1.00 30.27  ? 62   ILE A C   1 
ATOM   474  O O   . ILE A 1 62 ? -6.807  -18.334 3.672   1.00 34.15  ? 62   ILE A O   1 
ATOM   475  C CB  . ILE A 1 62 ? -9.125  -18.162 1.723   1.00 25.75  ? 62   ILE A CB  1 
ATOM   476  C CG1 . ILE A 1 62 ? -10.600 -17.974 1.368   1.00 25.05  ? 62   ILE A CG1 1 
ATOM   477  C CG2 . ILE A 1 62 ? -8.292  -18.665 0.558   1.00 26.90  ? 62   ILE A CG2 1 
ATOM   478  C CD1 . ILE A 1 62 ? -11.208 -19.251 0.833   1.00 31.46  ? 62   ILE A CD1 1 
ATOM   479  N N   . LEU A 1 63 ? -6.928  -20.429 2.881   1.00 27.41  ? 63   LEU A N   1 
ATOM   480  C CA  . LEU A 1 63 ? -5.497  -20.613 3.067   1.00 34.36  ? 63   LEU A CA  1 
ATOM   481  C C   . LEU A 1 63 ? -4.734  -19.984 1.902   1.00 40.65  ? 63   LEU A C   1 
ATOM   482  O O   . LEU A 1 63 ? -5.035  -20.110 0.716   1.00 36.25  ? 63   LEU A O   1 
ATOM   483  C CB  . LEU A 1 63 ? -5.119  -22.084 3.212   1.00 38.38  ? 63   LEU A CB  1 
ATOM   484  C CG  . LEU A 1 63 ? -3.635  -22.428 3.044   1.00 51.32  ? 63   LEU A CG  1 
ATOM   485  C CD1 . LEU A 1 63 ? -2.753  -21.778 4.104   1.00 44.57  ? 63   LEU A CD1 1 
ATOM   486  C CD2 . LEU A 1 63 ? -3.451  -23.943 3.055   1.00 59.51  ? 63   LEU A CD2 1 
ATOM   487  N N   . ILE A 1 64 ? -3.683  -19.263 2.278   1.00 38.41  ? 64   ILE A N   1 
ATOM   488  C CA  . ILE A 1 64 ? -2.771  -18.716 1.277   1.00 31.82  ? 64   ILE A CA  1 
ATOM   489  C C   . ILE A 1 64 ? -1.364  -18.785 1.846   1.00 34.52  ? 64   ILE A C   1 
ATOM   490  O O   . ILE A 1 64 ? -1.175  -18.529 3.032   1.00 35.30  ? 64   ILE A O   1 
ATOM   491  C CB  . ILE A 1 64 ? -3.190  -17.295 0.899   1.00 39.32  ? 64   ILE A CB  1 
ATOM   492  C CG1 . ILE A 1 64 ? -2.118  -16.445 0.217   1.00 39.63  ? 64   ILE A CG1 1 
ATOM   493  C CG2 . ILE A 1 64 ? -3.726  -16.585 2.135   1.00 54.27  ? 64   ILE A CG2 1 
ATOM   494  C CD1 . ILE A 1 64 ? -2.754  -15.211 -0.412  1.00 50.57  ? 64   ILE A CD1 1 
ATOM   495  N N   . GLU A 1 65 ? -0.423  -19.173 0.995   1.00 36.09  ? 65   GLU A N   1 
ATOM   496  C CA  . GLU A 1 65 ? 0.979   -19.339 1.381   1.00 32.80  ? 65   GLU A CA  1 
ATOM   497  C C   . GLU A 1 65 ? 1.830   -18.276 0.702   1.00 38.59  ? 65   GLU A C   1 
ATOM   498  O O   . GLU A 1 65 ? 1.940   -18.200 -0.521  1.00 36.87  ? 65   GLU A O   1 
ATOM   499  C CB  . GLU A 1 65 ? 1.452   -20.763 1.057   1.00 34.36  ? 65   GLU A CB  1 
ATOM   500  C CG  . GLU A 1 65 ? 1.040   -21.748 2.146   1.00 41.18  ? 65   GLU A CG  1 
ATOM   501  C CD  . GLU A 1 65 ? 1.070   -23.183 1.662   1.00 58.06  ? 65   GLU A CD  1 
ATOM   502  O OE1 . GLU A 1 65 ? 1.543   -24.045 2.429   1.00 70.62  ? 65   GLU A OE1 1 
ATOM   503  O OE2 . GLU A 1 65 ? 0.610   -23.413 0.521   1.00 58.87  ? 65   GLU A OE2 1 
ATOM   504  N N   . ILE A 1 66 ? 2.414   -17.418 1.530   1.00 42.82  ? 66   ILE A N   1 
ATOM   505  C CA  . ILE A 1 66 ? 3.159   -16.270 1.021   1.00 41.24  ? 66   ILE A CA  1 
ATOM   506  C C   . ILE A 1 66 ? 4.625   -16.410 1.377   1.00 34.76  ? 66   ILE A C   1 
ATOM   507  O O   . ILE A 1 66 ? 5.002   -16.510 2.541   1.00 32.77  ? 66   ILE A O   1 
ATOM   508  C CB  . ILE A 1 66 ? 2.612   -14.947 1.577   1.00 31.20  ? 66   ILE A CB  1 
ATOM   509  C CG1 . ILE A 1 66 ? 1.127   -14.725 1.328   1.00 32.62  ? 66   ILE A CG1 1 
ATOM   510  C CG2 . ILE A 1 66 ? 3.434   -13.799 1.011   1.00 31.87  ? 66   ILE A CG2 1 
ATOM   511  C CD1 . ILE A 1 66 ? 0.366   -14.106 2.476   1.00 37.76  ? 66   ILE A CD1 1 
ATOM   512  N N   . CYS A 1 67 ? 5.478   -16.471 0.354   1.00 38.46  ? 67   CYS A N   1 
ATOM   513  C CA  . CYS A 1 67 ? 6.900   -16.665 0.635   1.00 46.46  ? 67   CYS A CA  1 
ATOM   514  C C   . CYS A 1 67 ? 7.188   -17.891 1.485   1.00 43.19  ? 67   CYS A C   1 
ATOM   515  O O   . CYS A 1 67 ? 8.190   -17.933 2.207   1.00 52.16  ? 67   CYS A O   1 
ATOM   516  C CB  . CYS A 1 67 ? 7.453   -15.421 1.347   1.00 58.96  ? 67   CYS A CB  1 
ATOM   517  S SG  . CYS A 1 67 ? 8.078   -14.164 0.201   1.00 91.05  ? 67   CYS A SG  1 
ATOM   518  N N   . GLY A 1 68 ? 6.308   -18.878 1.423   1.00 45.95  ? 68   GLY A N   1 
ATOM   519  C CA  . GLY A 1 68 ? 6.394   -20.060 2.254   1.00 48.29  ? 68   GLY A CA  1 
ATOM   520  C C   . GLY A 1 68 ? 5.815   -19.882 3.641   1.00 53.36  ? 68   GLY A C   1 
ATOM   521  O O   . GLY A 1 68 ? 6.061   -20.739 4.497   1.00 59.53  ? 68   GLY A O   1 
ATOM   522  N N   . HIS A 1 69 ? 5.070   -18.805 3.879   1.00 44.56  ? 69   HIS A N   1 
ATOM   523  C CA  . HIS A 1 69 ? 4.409   -18.603 5.167   1.00 40.48  ? 69   HIS A CA  1 
ATOM   524  C C   . HIS A 1 69 ? 2.903   -18.809 5.010   1.00 34.55  ? 69   HIS A C   1 
ATOM   525  O O   . HIS A 1 69 ? 2.313   -18.298 4.058   1.00 40.05  ? 69   HIS A O   1 
ATOM   526  C CB  . HIS A 1 69 ? 4.648   -17.218 5.740   1.00 44.71  ? 69   HIS A CB  1 
ATOM   527  C CG  . HIS A 1 69 ? 5.895   -17.013 6.530   1.00 43.56  ? 69   HIS A CG  1 
ATOM   528  N ND1 . HIS A 1 69 ? 5.901   -16.860 7.900   1.00 50.60  ? 69   HIS A ND1 1 
ATOM   529  C CD2 . HIS A 1 69 ? 7.187   -16.919 6.125   1.00 43.80  ? 69   HIS A CD2 1 
ATOM   530  C CE1 . HIS A 1 69 ? 7.146   -16.688 8.303   1.00 51.16  ? 69   HIS A CE1 1 
ATOM   531  N NE2 . HIS A 1 69 ? 7.947   -16.722 7.255   1.00 42.41  ? 69   HIS A NE2 1 
ATOM   532  N N   . LYS A 1 70 ? 2.300   -19.552 5.928   1.00 38.42  ? 70   LYS A N   1 
ATOM   533  C CA  . LYS A 1 70 ? 0.887   -19.886 5.835   1.00 38.50  ? 70   LYS A CA  1 
ATOM   534  C C   . LYS A 1 70 ? 0.027   -18.841 6.539   1.00 42.27  ? 70   LYS A C   1 
ATOM   535  O O   . LYS A 1 70 ? 0.240   -18.410 7.673   1.00 37.11  ? 70   LYS A O   1 
ATOM   536  C CB  . LYS A 1 70 ? 0.604   -21.274 6.397   1.00 43.58  ? 70   LYS A CB  1 
ATOM   537  N N   . ALA A 1 71 ? -0.998  -18.417 5.799   1.00 35.24  ? 71   ALA A N   1 
ATOM   538  C CA  . ALA A 1 71 ? -2.001  -17.531 6.368   1.00 29.71  ? 71   ALA A CA  1 
ATOM   539  C C   . ALA A 1 71 ? -3.383  -18.118 6.117   1.00 30.96  ? 71   ALA A C   1 
ATOM   540  O O   . ALA A 1 71 ? -3.614  -18.790 5.110   1.00 35.81  ? 71   ALA A O   1 
ATOM   541  C CB  . ALA A 1 71 ? -1.908  -16.134 5.779   1.00 31.71  ? 71   ALA A CB  1 
ATOM   542  N N   . ILE A 1 72 ? -4.301  -17.873 7.049   1.00 27.41  ? 72   ILE A N   1 
ATOM   543  C CA  . ILE A 1 72 ? -5.667  -18.313 6.758   1.00 26.27  ? 72   ILE A CA  1 
ATOM   544  C C   . ILE A 1 72 ? -6.595  -17.174 7.134   1.00 27.36  ? 72   ILE A C   1 
ATOM   545  O O   . ILE A 1 72 ? -6.648  -16.785 8.301   1.00 30.55  ? 72   ILE A O   1 
ATOM   546  C CB  . ILE A 1 72 ? -6.082  -19.600 7.491   1.00 29.90  ? 72   ILE A CB  1 
ATOM   547  C CG1 . ILE A 1 72 ? -5.121  -20.766 7.340   1.00 25.11  ? 72   ILE A CG1 1 
ATOM   548  C CG2 . ILE A 1 72 ? -7.486  -19.966 7.017   1.00 28.66  ? 72   ILE A CG2 1 
ATOM   549  C CD1 . ILE A 1 72 ? -5.383  -21.967 8.208   1.00 34.38  ? 72   ILE A CD1 1 
ATOM   550  N N   . GLY A 1 73 ? -7.297  -16.624 6.144   1.00 25.23  ? 73   GLY A N   1 
ATOM   551  C CA  . GLY A 1 73 ? -8.074  -15.427 6.461   1.00 22.32  ? 73   GLY A CA  1 
ATOM   552  C C   . GLY A 1 73 ? -8.972  -15.039 5.294   1.00 25.17  ? 73   GLY A C   1 
ATOM   553  O O   . GLY A 1 73 ? -9.168  -15.832 4.381   1.00 28.80  ? 73   GLY A O   1 
ATOM   554  N N   . THR A 1 74 ? -9.475  -13.816 5.371   1.00 29.11  ? 74   THR A N   1 
ATOM   555  C CA  . THR A 1 74 ? -10.370 -13.252 4.379   1.00 22.75  ? 74   THR A CA  1 
ATOM   556  C C   . THR A 1 74 ? -9.634  -12.766 3.143   1.00 24.87  ? 74   THR A C   1 
ATOM   557  O O   . THR A 1 74 ? -8.664  -12.005 3.208   1.00 24.58  ? 74   THR A O   1 
ATOM   558  C CB  . THR A 1 74 ? -11.118 -12.076 5.027   1.00 24.49  ? 74   THR A CB  1 
ATOM   559  O OG1 . THR A 1 74 ? -11.915 -12.634 6.102   1.00 27.21  ? 74   THR A OG1 1 
ATOM   560  C CG2 . THR A 1 74 ? -12.025 -11.417 4.012   1.00 25.34  ? 74   THR A CG2 1 
ATOM   561  N N   . VAL A 1 75 ? -10.128 -13.234 2.007   1.00 20.61  ? 75   VAL A N   1 
ATOM   562  C CA  . VAL A 1 75 ? -9.677  -12.775 0.714   1.00 21.73  ? 75   VAL A CA  1 
ATOM   563  C C   . VAL A 1 75 ? -10.874 -12.214 -0.061  1.00 25.04  ? 75   VAL A C   1 
ATOM   564  O O   . VAL A 1 75 ? -11.889 -12.891 -0.204  1.00 25.13  ? 75   VAL A O   1 
ATOM   565  C CB  . VAL A 1 75 ? -9.016  -13.906 -0.090  1.00 33.60  ? 75   VAL A CB  1 
ATOM   566  C CG1 . VAL A 1 75 ? -8.651  -13.444 -1.486  1.00 32.65  ? 75   VAL A CG1 1 
ATOM   567  C CG2 . VAL A 1 75 ? -7.778  -14.418 0.651   1.00 35.82  ? 75   VAL A CG2 1 
ATOM   568  N N   . LEU A 1 76 ? -10.716 -10.990 -0.522  1.00 23.46  ? 76   LEU A N   1 
ATOM   569  C CA  . LEU A 1 76 ? -11.629 -10.300 -1.420  1.00 20.31  ? 76   LEU A CA  1 
ATOM   570  C C   . LEU A 1 76 ? -11.167 -10.517 -2.862  1.00 27.11  ? 76   LEU A C   1 
ATOM   571  O O   . LEU A 1 76 ? -9.972  -10.445 -3.153  1.00 25.42  ? 76   LEU A O   1 
ATOM   572  C CB  . LEU A 1 76 ? -11.723 -8.807  -1.100  1.00 19.81  ? 76   LEU A CB  1 
ATOM   573  C CG  . LEU A 1 76 ? -11.897 -8.460  0.380   1.00 24.73  ? 76   LEU A CG  1 
ATOM   574  C CD1 . LEU A 1 76 ? -12.002 -6.960  0.619   1.00 21.12  ? 76   LEU A CD1 1 
ATOM   575  C CD2 . LEU A 1 76 ? -13.137 -9.130  0.963   1.00 23.85  ? 76   LEU A CD2 1 
ATOM   576  N N   . VAL A 1 77 ? -12.131 -10.806 -3.726  1.00 22.99  ? 77   VAL A N   1 
ATOM   577  C CA  . VAL A 1 77 ? -11.893 -11.013 -5.145  1.00 22.60  ? 77   VAL A CA  1 
ATOM   578  C C   . VAL A 1 77 ? -12.714 -10.003 -5.936  1.00 23.29  ? 77   VAL A C   1 
ATOM   579  O O   . VAL A 1 77 ? -13.928 -9.954  -5.723  1.00 26.85  ? 77   VAL A O   1 
ATOM   580  C CB  . VAL A 1 77 ? -12.274 -12.433 -5.600  1.00 27.82  ? 77   VAL A CB  1 
ATOM   581  C CG1 . VAL A 1 77 ? -12.142 -12.549 -7.102  1.00 28.96  ? 77   VAL A CG1 1 
ATOM   582  C CG2 . VAL A 1 77 ? -11.406 -13.469 -4.902  1.00 29.61  ? 77   VAL A CG2 1 
ATOM   583  N N   . GLY A 1 78 ? -12.074 -9.239  -6.797  1.00 21.91  ? 78   GLY A N   1 
ATOM   584  C CA  . GLY A 1 78 ? -12.720 -8.215  -7.603  1.00 22.28  ? 78   GLY A CA  1 
ATOM   585  C C   . GLY A 1 78 ? -11.719 -7.466  -8.458  1.00 23.70  ? 78   GLY A C   1 
ATOM   586  O O   . GLY A 1 78 ? -10.574 -7.864  -8.650  1.00 24.62  ? 78   GLY A O   1 
ATOM   587  N N   . PRO A 1 79 ? -12.172 -6.346  -8.997  1.00 25.39  ? 79   PRO A N   1 
ATOM   588  C CA  . PRO A 1 79 ? -11.392 -5.590  -9.986  1.00 23.70  ? 79   PRO A CA  1 
ATOM   589  C C   . PRO A 1 79 ? -10.323 -4.690  -9.375  1.00 30.48  ? 79   PRO A C   1 
ATOM   590  O O   . PRO A 1 79 ? -10.457 -3.513  -9.069  1.00 36.67  ? 79   PRO A O   1 
ATOM   591  C CB  . PRO A 1 79 ? -12.503 -4.806  -10.693 1.00 27.04  ? 79   PRO A CB  1 
ATOM   592  C CG  . PRO A 1 79 ? -13.619 -4.675  -9.736  1.00 33.89  ? 79   PRO A CG  1 
ATOM   593  C CD  . PRO A 1 79 ? -13.488 -5.761  -8.705  1.00 26.96  ? 79   PRO A CD  1 
ATOM   594  N N   . THR A 1 80 ? -9.137  -5.281  -9.202  1.00 30.05  ? 80   THR A N   1 
ATOM   595  C CA  . THR A 1 80 ? -7.968  -4.598  -8.676  1.00 27.07  ? 80   THR A CA  1 
ATOM   596  C C   . THR A 1 80 ? -6.865  -4.514  -9.721  1.00 25.25  ? 80   THR A C   1 
ATOM   597  O O   . THR A 1 80 ? -6.731  -5.421  -10.540 1.00 24.72  ? 80   THR A O   1 
ATOM   598  C CB  . THR A 1 80 ? -7.458  -5.308  -7.406  1.00 24.41  ? 80   THR A CB  1 
ATOM   599  O OG1 . THR A 1 80 ? -6.251  -4.686  -6.945  1.00 25.34  ? 80   THR A OG1 1 
ATOM   600  C CG2 . THR A 1 80 ? -7.141  -6.763  -7.708  1.00 26.25  ? 80   THR A CG2 1 
ATOM   601  N N   . PRO A 1 81 ? -6.076  -3.442  -9.726  1.00 22.03  ? 81   PRO A N   1 
ATOM   602  C CA  . PRO A 1 81 ? -5.030  -3.325  -10.743 1.00 27.96  ? 81   PRO A CA  1 
ATOM   603  C C   . PRO A 1 81 ? -3.963  -4.405  -10.588 1.00 33.04  ? 81   PRO A C   1 
ATOM   604  O O   . PRO A 1 81 ? -3.334  -4.767  -11.577 1.00 29.70  ? 81   PRO A O   1 
ATOM   605  C CB  . PRO A 1 81 ? -4.371  -1.973  -10.496 1.00 26.25  ? 81   PRO A CB  1 
ATOM   606  C CG  . PRO A 1 81 ? -4.881  -1.504  -9.201  1.00 25.79  ? 81   PRO A CG  1 
ATOM   607  C CD  . PRO A 1 81 ? -6.105  -2.287  -8.836  1.00 28.64  ? 81   PRO A CD  1 
ATOM   608  N N   . VAL A 1 82 ? -3.781  -4.886  -9.367  1.00 20.98  ? 82   VAL A N   1 
ATOM   609  C CA  . VAL A 1 82 ? -2.840  -5.941  -9.075  1.00 23.96  ? 82   VAL A CA  1 
ATOM   610  C C   . VAL A 1 82 ? -3.292  -6.705  -7.830  1.00 25.04  ? 82   VAL A C   1 
ATOM   611  O O   . VAL A 1 82 ? -3.957  -6.121  -6.979  1.00 27.62  ? 82   VAL A O   1 
ATOM   612  C CB  . VAL A 1 82 ? -1.414  -5.410  -8.848  1.00 31.07  ? 82   VAL A CB  1 
ATOM   613  C CG1 . VAL A 1 82 ? -1.364  -4.484  -7.646  1.00 25.77  ? 82   VAL A CG1 1 
ATOM   614  C CG2 . VAL A 1 82 ? -0.425  -6.559  -8.698  1.00 42.31  ? 82   VAL A CG2 1 
ATOM   615  N N   . ASN A 1 83 ? -2.903  -7.974  -7.778  1.00 25.84  ? 83   ASN A N   1 
ATOM   616  C CA  . ASN A 1 83 ? -3.089  -8.771  -6.573  1.00 21.11  ? 83   ASN A CA  1 
ATOM   617  C C   . ASN A 1 83 ? -2.373  -8.120  -5.406  1.00 20.81  ? 83   ASN A C   1 
ATOM   618  O O   . ASN A 1 83 ? -1.159  -7.892  -5.444  1.00 24.55  ? 83   ASN A O   1 
ATOM   619  C CB  . ASN A 1 83 ? -2.552  -10.179 -6.788  1.00 27.55  ? 83   ASN A CB  1 
ATOM   620  C CG  . ASN A 1 83 ? -3.364  -11.046 -7.721  1.00 26.34  ? 83   ASN A CG  1 
ATOM   621  O OD1 . ASN A 1 83 ? -4.594  -10.995 -7.771  1.00 27.78  ? 83   ASN A OD1 1 
ATOM   622  N ND2 . ASN A 1 83 ? -2.634  -11.869 -8.466  1.00 22.14  ? 83   ASN A ND2 1 
ATOM   623  N N   . ILE A 1 84 ? -3.105  -7.776  -4.349  1.00 22.35  ? 84   ILE A N   1 
ATOM   624  C CA  . ILE A 1 84 ? -2.416  -7.155  -3.222  1.00 20.24  ? 84   ILE A CA  1 
ATOM   625  C C   . ILE A 1 84 ? -2.688  -7.961  -1.943  1.00 18.71  ? 84   ILE A C   1 
ATOM   626  O O   . ILE A 1 84 ? -3.795  -8.406  -1.662  1.00 20.46  ? 84   ILE A O   1 
ATOM   627  C CB  . ILE A 1 84 ? -2.740  -5.665  -2.978  1.00 30.73  ? 84   ILE A CB  1 
ATOM   628  C CG1 . ILE A 1 84 ? -3.929  -5.419  -2.066  1.00 33.30  ? 84   ILE A CG1 1 
ATOM   629  C CG2 . ILE A 1 84 ? -2.881  -4.913  -4.300  1.00 30.01  ? 84   ILE A CG2 1 
ATOM   630  C CD1 . ILE A 1 84 ? -4.497  -4.030  -1.992  1.00 41.07  ? 84   ILE A CD1 1 
ATOM   631  N N   . ILE A 1 85 ? -1.618  -8.125  -1.179  1.00 22.78  ? 85   ILE A N   1 
ATOM   632  C CA  . ILE A 1 85 ? -1.683  -8.722  0.145   1.00 23.48  ? 85   ILE A CA  1 
ATOM   633  C C   . ILE A 1 85 ? -1.675  -7.578  1.159   1.00 21.46  ? 85   ILE A C   1 
ATOM   634  O O   . ILE A 1 85 ? -0.679  -6.870  1.252   1.00 24.48  ? 85   ILE A O   1 
ATOM   635  C CB  . ILE A 1 85 ? -0.536  -9.704  0.410   1.00 22.39  ? 85   ILE A CB  1 
ATOM   636  C CG1 . ILE A 1 85 ? -0.361  -10.748 -0.697  1.00 20.03  ? 85   ILE A CG1 1 
ATOM   637  C CG2 . ILE A 1 85 ? -0.699  -10.396 1.748   1.00 18.95  ? 85   ILE A CG2 1 
ATOM   638  C CD1 . ILE A 1 85 ? -1.565  -11.648 -0.878  1.00 23.11  ? 85   ILE A CD1 1 
ATOM   639  N N   . GLY A 1 86 ? -2.779  -7.429  1.869   1.00 20.26  ? 86   GLY A N   1 
ATOM   640  C CA  . GLY A 1 86 ? -2.980  -6.367  2.832   1.00 19.59  ? 86   GLY A CA  1 
ATOM   641  C C   . GLY A 1 86 ? -2.686  -6.800  4.255   1.00 28.01  ? 86   GLY A C   1 
ATOM   642  O O   . GLY A 1 86 ? -2.343  -7.950  4.540   1.00 23.19  ? 86   GLY A O   1 
ATOM   643  N N   . ARG A 1 87 ? -2.824  -5.862  5.199   1.00 27.18  ? 87   ARG A N   1 
ATOM   644  C CA  . ARG A 1 87 ? -2.371  -6.094  6.569   1.00 20.70  ? 87   ARG A CA  1 
ATOM   645  C C   . ARG A 1 87 ? -3.064  -7.287  7.192   1.00 22.73  ? 87   ARG A C   1 
ATOM   646  O O   . ARG A 1 87 ? -2.492  -7.934  8.067   1.00 24.49  ? 87   ARG A O   1 
ATOM   647  C CB  . ARG A 1 87 ? -2.584  -4.820  7.388   1.00 21.05  ? 87   ARG A CB  1 
ATOM   648  C CG  . ARG A 1 87 ? -1.772  -3.642  6.861   1.00 19.45  ? 87   ARG A CG  1 
ATOM   649  C CD  . ARG A 1 87 ? -1.775  -2.458  7.833   1.00 20.62  ? 87   ARG A CD  1 
ATOM   650  N NE  . ARG A 1 87 ? -3.129  -1.943  7.969   1.00 20.48  ? 87   ARG A NE  1 
ATOM   651  C CZ  . ARG A 1 87 ? -4.014  -2.152  8.913   1.00 25.03  ? 87   ARG A CZ  1 
ATOM   652  N NH1 . ARG A 1 87 ? -3.743  -2.923  9.958   1.00 24.69  ? 87   ARG A NH1 1 
ATOM   653  N NH2 . ARG A 1 87 ? -5.210  -1.575  8.822   1.00 26.77  ? 87   ARG A NH2 1 
ATOM   654  N N   . ASN A 1 88 ? -4.282  -7.609  6.768   1.00 20.44  ? 88   ASN A N   1 
ATOM   655  C CA  . ASN A 1 88 ? -4.999  -8.714  7.416   1.00 28.49  ? 88   ASN A CA  1 
ATOM   656  C C   . ASN A 1 88 ? -4.204  -10.018 7.345   1.00 24.18  ? 88   ASN A C   1 
ATOM   657  O O   . ASN A 1 88 ? -4.252  -10.822 8.281   1.00 24.40  ? 88   ASN A O   1 
ATOM   658  C CB  . ASN A 1 88 ? -6.398  -8.877  6.822   1.00 29.55  ? 88   ASN A CB  1 
ATOM   659  C CG  . ASN A 1 88 ? -6.450  -9.455  5.425   1.00 25.54  ? 88   ASN A CG  1 
ATOM   660  O OD1 . ASN A 1 88 ? -5.871  -8.900  4.500   1.00 23.52  ? 88   ASN A OD1 1 
ATOM   661  N ND2 . ASN A 1 88 ? -7.162  -10.573 5.267   1.00 23.67  ? 88   ASN A ND2 1 
ATOM   662  N N   . LEU A 1 89 ? -3.470  -10.199 6.255   1.00 20.57  ? 89   LEU A N   1 
ATOM   663  C CA  . LEU A 1 89 ? -2.641  -11.382 6.063   1.00 22.36  ? 89   LEU A CA  1 
ATOM   664  C C   . LEU A 1 89 ? -1.168  -11.102 6.336   1.00 22.70  ? 89   LEU A C   1 
ATOM   665  O O   . LEU A 1 89 ? -0.431  -11.985 6.799   1.00 24.44  ? 89   LEU A O   1 
ATOM   666  C CB  . LEU A 1 89 ? -2.852  -11.912 4.643   1.00 25.89  ? 89   LEU A CB  1 
ATOM   667  C CG  . LEU A 1 89 ? -4.249  -12.407 4.274   1.00 23.40  ? 89   LEU A CG  1 
ATOM   668  C CD1 . LEU A 1 89 ? -4.216  -13.051 2.890   1.00 25.42  ? 89   LEU A CD1 1 
ATOM   669  C CD2 . LEU A 1 89 ? -4.779  -13.374 5.325   1.00 26.28  ? 89   LEU A CD2 1 
ATOM   670  N N   . LEU A 1 90 ? -0.698  -9.880  6.094   1.00 24.16  ? 90   LEU A N   1 
ATOM   671  C CA  . LEU A 1 90 ? 0.683   -9.531  6.421   1.00 25.89  ? 90   LEU A CA  1 
ATOM   672  C C   . LEU A 1 90 ? 0.958   -9.671  7.916   1.00 23.90  ? 90   LEU A C   1 
ATOM   673  O O   . LEU A 1 90 ? 2.046   -10.053 8.338   1.00 26.02  ? 90   LEU A O   1 
ATOM   674  C CB  . LEU A 1 90 ? 1.017   -8.107  5.984   1.00 23.88  ? 90   LEU A CB  1 
ATOM   675  C CG  . LEU A 1 90 ? 1.009   -7.839  4.483   1.00 19.50  ? 90   LEU A CG  1 
ATOM   676  C CD1 . LEU A 1 90 ? 1.183   -6.355  4.224   1.00 24.32  ? 90   LEU A CD1 1 
ATOM   677  C CD2 . LEU A 1 90 ? 2.096   -8.657  3.825   1.00 26.35  ? 90   LEU A CD2 1 
ATOM   678  N N   . THR A 1 91 ? -0.028  -9.354  8.751   1.00 20.87  ? 91   THR A N   1 
ATOM   679  C CA  . THR A 1 91 ? 0.178   -9.550  10.175  1.00 23.28  ? 91   THR A CA  1 
ATOM   680  C C   . THR A 1 91 ? 0.339   -11.031 10.492  1.00 23.73  ? 91   THR A C   1 
ATOM   681  O O   . THR A 1 91 ? 1.114   -11.396 11.363  1.00 26.26  ? 91   THR A O   1 
ATOM   682  C CB  . THR A 1 91 ? -1.009  -9.010  10.996  1.00 25.12  ? 91   THR A CB  1 
ATOM   683  O OG1 . THR A 1 91 ? -2.227  -9.495  10.413  1.00 29.35  ? 91   THR A OG1 1 
ATOM   684  C CG2 . THR A 1 91 ? -1.023  -7.498  10.926  1.00 28.28  ? 91   THR A CG2 1 
ATOM   685  N N   . GLN A 1 92 ? -0.383  -11.889 9.785   1.00 22.35  ? 92   GLN A N   1 
ATOM   686  C CA  . GLN A 1 92 ? -0.312  -13.319 10.067  1.00 24.56  ? 92   GLN A CA  1 
ATOM   687  C C   . GLN A 1 92 ? 1.047   -13.889 9.702   1.00 24.69  ? 92   GLN A C   1 
ATOM   688  O O   . GLN A 1 92 ? 1.513   -14.832 10.344  1.00 25.93  ? 92   GLN A O   1 
ATOM   689  C CB  . GLN A 1 92 ? -1.397  -14.095 9.330   1.00 26.78  ? 92   GLN A CB  1 
ATOM   690  C CG  . GLN A 1 92 ? -2.824  -13.766 9.736   1.00 24.38  ? 92   GLN A CG  1 
ATOM   691  C CD  . GLN A 1 92 ? -3.778  -14.879 9.319   1.00 27.87  ? 92   GLN A CD  1 
ATOM   692  O OE1 . GLN A 1 92 ? -3.365  -16.012 9.051   1.00 25.29  ? 92   GLN A OE1 1 
ATOM   693  N NE2 . GLN A 1 92 ? -5.067  -14.567 9.259   1.00 33.33  ? 92   GLN A NE2 1 
ATOM   694  N N   . ILE A 1 93 ? 1.736   -13.368 8.690   1.00 28.31  ? 93   ILE A N   1 
ATOM   695  C CA  . ILE A 1 93 ? 3.041   -13.974 8.394   1.00 29.79  ? 93   ILE A CA  1 
ATOM   696  C C   . ILE A 1 93 ? 4.167   -13.259 9.128   1.00 29.05  ? 93   ILE A C   1 
ATOM   697  O O   . ILE A 1 93 ? 5.353   -13.533 8.925   1.00 31.92  ? 93   ILE A O   1 
ATOM   698  C CB  . ILE A 1 93 ? 3.321   -14.000 6.878   1.00 30.32  ? 93   ILE A CB  1 
ATOM   699  C CG1 . ILE A 1 93 ? 3.586   -12.617 6.287   1.00 29.94  ? 93   ILE A CG1 1 
ATOM   700  C CG2 . ILE A 1 93 ? 2.200   -14.710 6.138   1.00 27.61  ? 93   ILE A CG2 1 
ATOM   701  C CD1 . ILE A 1 93 ? 3.417   -12.517 4.788   1.00 36.11  ? 93   ILE A CD1 1 
ATOM   702  N N   . GLY A 1 94 ? 3.843   -12.326 10.013  1.00 24.11  ? 94   GLY A N   1 
ATOM   703  C CA  . GLY A 1 94 ? 4.847   -11.705 10.847  1.00 29.03  ? 94   GLY A CA  1 
ATOM   704  C C   . GLY A 1 94 ? 5.513   -10.480 10.288  1.00 27.85  ? 94   GLY A C   1 
ATOM   705  O O   . GLY A 1 94 ? 6.603   -10.087 10.706  1.00 25.20  ? 94   GLY A O   1 
ATOM   706  N N   . CYS A 1 95 ? 4.879   -9.834  9.315   1.00 24.92  ? 95   CYS A N   1 
ATOM   707  C CA  . CYS A 1 95 ? 5.505   -8.731  8.595   1.00 25.20  ? 95   CYS A CA  1 
ATOM   708  C C   . CYS A 1 95 ? 5.563   -7.435  9.381   1.00 33.32  ? 95   CYS A C   1 
ATOM   709  O O   . CYS A 1 95 ? 4.562   -7.011  9.966   1.00 26.80  ? 95   CYS A O   1 
ATOM   710  C CB  . CYS A 1 95 ? 4.699   -8.550  7.305   1.00 33.57  ? 95   CYS A CB  1 
ATOM   711  S SG  . CYS A 1 95 ? 5.667   -8.042  5.888   1.00 47.48  ? 95   CYS A SG  1 
ATOM   712  N N   . THR A 1 96 ? 6.718   -6.764  9.415   1.00 27.82  ? 96   THR A N   1 
ATOM   713  C CA  . THR A 1 96 ? 6.790   -5.412  9.952   1.00 20.66  ? 96   THR A CA  1 
ATOM   714  C C   . THR A 1 96 ? 7.612   -4.523  9.024   1.00 23.75  ? 96   THR A C   1 
ATOM   715  O O   . THR A 1 96 ? 8.366   -5.003  8.187   1.00 25.10  ? 96   THR A O   1 
ATOM   716  C CB  . THR A 1 96 ? 7.441   -5.366  11.339  1.00 30.78  ? 96   THR A CB  1 
ATOM   717  O OG1 . THR A 1 96 ? 8.676   -6.071  11.225  1.00 29.52  ? 96   THR A OG1 1 
ATOM   718  C CG2 . THR A 1 96 ? 6.646   -6.123  12.397  1.00 35.21  ? 96   THR A CG2 1 
ATOM   719  N N   . LEU A 1 97 ? 7.492   -3.213  9.190   1.00 25.20  ? 97   LEU A N   1 
ATOM   720  C CA  . LEU A 1 97 ? 8.345   -2.279  8.475   1.00 21.64  ? 97   LEU A CA  1 
ATOM   721  C C   . LEU A 1 97 ? 9.486   -1.838  9.382   1.00 24.06  ? 97   LEU A C   1 
ATOM   722  O O   . LEU A 1 97 ? 9.275   -1.600  10.577  1.00 29.03  ? 97   LEU A O   1 
ATOM   723  C CB  . LEU A 1 97 ? 7.536   -1.060  8.037   1.00 21.89  ? 97   LEU A CB  1 
ATOM   724  C CG  . LEU A 1 97 ? 6.498   -1.266  6.943   1.00 24.67  ? 97   LEU A CG  1 
ATOM   725  C CD1 . LEU A 1 97 ? 5.486   -0.132  6.880   1.00 26.04  ? 97   LEU A CD1 1 
ATOM   726  C CD2 . LEU A 1 97 ? 7.205   -1.405  5.604   1.00 39.92  ? 97   LEU A CD2 1 
ATOM   727  N N   . ASN A 1 98 ? 10.690  -1.710  8.831   1.00 27.20  ? 98   ASN A N   1 
ATOM   728  C CA  . ASN A 1 98 ? 11.816  -1.298  9.653   1.00 23.50  ? 98   ASN A CA  1 
ATOM   729  C C   . ASN A 1 98 ? 12.702  -0.272  8.959   1.00 29.00  ? 98   ASN A C   1 
ATOM   730  O O   . ASN A 1 98 ? 12.982  -0.411  7.770   1.00 28.52  ? 98   ASN A O   1 
ATOM   731  C CB  . ASN A 1 98 ? 12.677  -2.509  9.988   1.00 27.86  ? 98   ASN A CB  1 
ATOM   732  C CG  . ASN A 1 98 ? 11.970  -3.615  10.741  1.00 29.72  ? 98   ASN A CG  1 
ATOM   733  O OD1 . ASN A 1 98 ? 11.847  -3.635  11.961  1.00 30.74  ? 98   ASN A OD1 1 
ATOM   734  N ND2 . ASN A 1 98 ? 11.528  -4.580  9.949   1.00 35.34  ? 98   ASN A ND2 1 
ATOM   735  N N   . PHE A 1 99 ? 13.161  0.723   9.709   1.00 29.96  ? 99   PHE A N   1 
ATOM   736  C CA  . PHE A 1 99 ? 14.163  1.661   9.207   1.00 32.31  ? 99   PHE A CA  1 
ATOM   737  C C   . PHE A 1 99 ? 14.917  2.271   10.389  1.00 41.08  ? 99   PHE A C   1 
ATOM   738  O O   . PHE A 1 99 ? 14.561  1.926   11.526  1.00 33.71  ? 99   PHE A O   1 
ATOM   739  C CB  . PHE A 1 99 ? 13.570  2.759   8.346   1.00 30.80  ? 99   PHE A CB  1 
ATOM   740  C CG  . PHE A 1 99 ? 12.563  3.685   8.994   1.00 39.60  ? 99   PHE A CG  1 
ATOM   741  C CD1 . PHE A 1 99 ? 11.344  3.233   9.462   1.00 44.74  ? 99   PHE A CD1 1 
ATOM   742  C CD2 . PHE A 1 99 ? 12.834  5.037   9.133   1.00 50.56  ? 99   PHE A CD2 1 
ATOM   743  C CE1 . PHE A 1 99 ? 10.426  4.093   10.036  1.00 43.77  ? 99   PHE A CE1 1 
ATOM   744  C CE2 . PHE A 1 99 ? 11.925  5.907   9.701   1.00 49.89  ? 99   PHE A CE2 1 
ATOM   745  C CZ  . PHE A 1 99 ? 10.704  5.443   10.158  1.00 46.20  ? 99   PHE A CZ  1 
ATOM   746  O OXT . PHE A 1 99 ? 15.831  3.075   10.145  1.00 42.32  ? 99   PHE A OXT 1 
ATOM   747  N N   . PRO B 1 1  ? 13.124  2.675   13.427  1.00 32.88  ? 1    PRO B N   1 
ATOM   748  C CA  . PRO B 1 1  ? 12.193  1.945   14.290  1.00 40.55  ? 1    PRO B CA  1 
ATOM   749  C C   . PRO B 1 1  ? 11.587  0.758   13.539  1.00 35.43  ? 1    PRO B C   1 
ATOM   750  O O   . PRO B 1 1  ? 11.912  0.564   12.373  1.00 30.86  ? 1    PRO B O   1 
ATOM   751  C CB  . PRO B 1 1  ? 11.089  2.963   14.583  1.00 43.88  ? 1    PRO B CB  1 
ATOM   752  C CG  . PRO B 1 1  ? 11.091  3.823   13.354  1.00 47.95  ? 1    PRO B CG  1 
ATOM   753  C CD  . PRO B 1 1  ? 12.548  3.964   13.001  1.00 44.78  ? 1    PRO B CD  1 
ATOM   754  N N   . GLN B 1 2  ? 10.750  0.035   14.262  1.00 30.56  ? 2    GLN B N   1 
ATOM   755  C CA  . GLN B 1 2  ? 9.972   -1.072  13.749  1.00 33.75  ? 2    GLN B CA  1 
ATOM   756  C C   . GLN B 1 2  ? 8.483   -0.747  13.887  1.00 40.49  ? 2    GLN B C   1 
ATOM   757  O O   . GLN B 1 2  ? 7.963   -0.494  14.975  1.00 37.42  ? 2    GLN B O   1 
ATOM   758  C CB  . GLN B 1 2  ? 10.289  -2.393  14.447  1.00 40.69  ? 2    GLN B CB  1 
ATOM   759  C CG  . GLN B 1 2  ? 9.395   -3.533  13.963  1.00 36.01  ? 2    GLN B CG  1 
ATOM   760  C CD  . GLN B 1 2  ? 9.772   -4.849  14.611  1.00 45.33  ? 2    GLN B CD  1 
ATOM   761  O OE1 . GLN B 1 2  ? 9.141   -5.263  15.583  1.00 59.20  ? 2    GLN B OE1 1 
ATOM   762  N NE2 . GLN B 1 2  ? 10.806  -5.483  14.066  1.00 55.24  ? 2    GLN B NE2 1 
ATOM   763  N N   . ILE B 1 3  ? 7.812   -0.737  12.741  1.00 34.59  ? 3    ILE B N   1 
ATOM   764  C CA  . ILE B 1 3  ? 6.416   -0.321  12.702  1.00 35.49  ? 3    ILE B CA  1 
ATOM   765  C C   . ILE B 1 3  ? 5.538   -1.550  12.447  1.00 33.67  ? 3    ILE B C   1 
ATOM   766  O O   . ILE B 1 3  ? 5.695   -2.214  11.426  1.00 27.75  ? 3    ILE B O   1 
ATOM   767  C CB  . ILE B 1 3  ? 6.132   0.747   11.637  1.00 44.71  ? 3    ILE B CB  1 
ATOM   768  C CG1 . ILE B 1 3  ? 7.151   1.889   11.552  1.00 40.82  ? 3    ILE B CG1 1 
ATOM   769  C CG2 . ILE B 1 3  ? 4.735   1.326   11.824  1.00 52.32  ? 3    ILE B CG2 1 
ATOM   770  C CD1 . ILE B 1 3  ? 7.255   2.689   12.829  1.00 43.50  ? 3    ILE B CD1 1 
ATOM   771  N N   . THR B 1 4  ? 4.655   -1.827  13.389  1.00 33.06  ? 4    THR B N   1 
ATOM   772  C CA  . THR B 1 4  ? 3.640   -2.845  13.386  1.00 32.50  ? 4    THR B CA  1 
ATOM   773  C C   . THR B 1 4  ? 2.573   -2.662  12.310  1.00 25.96  ? 4    THR B C   1 
ATOM   774  O O   . THR B 1 4  ? 2.254   -1.535  11.917  1.00 33.38  ? 4    THR B O   1 
ATOM   775  C CB  . THR B 1 4  ? 2.895   -2.867  14.751  1.00 30.23  ? 4    THR B CB  1 
ATOM   776  O OG1 . THR B 1 4  ? 2.300   -4.148  14.872  1.00 31.82  ? 4    THR B OG1 1 
ATOM   777  C CG2 . THR B 1 4  ? 1.744   -1.874  14.791  1.00 30.93  ? 4    THR B CG2 1 
ATOM   778  N N   . LEU B 1 5  ? 1.987   -3.777  11.843  1.00 27.09  ? 5    LEU B N   1 
ATOM   779  C CA  . LEU B 1 5  ? 0.878   -3.681  10.888  1.00 27.49  ? 5    LEU B CA  1 
ATOM   780  C C   . LEU B 1 5  ? -0.468  -4.049  11.505  1.00 28.02  ? 5    LEU B C   1 
ATOM   781  O O   . LEU B 1 5  ? -1.467  -4.183  10.793  1.00 24.38  ? 5    LEU B O   1 
ATOM   782  C CB  . LEU B 1 5  ? 1.183   -4.538  9.643   1.00 21.76  ? 5    LEU B CB  1 
ATOM   783  C CG  . LEU B 1 5  ? 2.513   -4.148  8.965   1.00 22.96  ? 5    LEU B CG  1 
ATOM   784  C CD1 . LEU B 1 5  ? 2.802   -5.065  7.799   1.00 24.37  ? 5    LEU B CD1 1 
ATOM   785  C CD2 . LEU B 1 5  ? 2.502   -2.693  8.521   1.00 22.50  ? 5    LEU B CD2 1 
ATOM   786  N N   . TRP B 1 6  ? -0.519  -4.196  12.830  1.00 24.69  ? 6    TRP B N   1 
ATOM   787  C CA  . TRP B 1 6  ? -1.776  -4.431  13.510  1.00 24.71  ? 6    TRP B CA  1 
ATOM   788  C C   . TRP B 1 6  ? -2.720  -3.258  13.236  1.00 27.36  ? 6    TRP B C   1 
ATOM   789  O O   . TRP B 1 6  ? -3.914  -3.471  13.090  1.00 26.98  ? 6    TRP B O   1 
ATOM   790  C CB  . TRP B 1 6  ? -1.612  -4.533  15.014  1.00 24.61  ? 6    TRP B CB  1 
ATOM   791  C CG  . TRP B 1 6  ? -1.010  -5.785  15.532  1.00 25.17  ? 6    TRP B CG  1 
ATOM   792  C CD1 . TRP B 1 6  ? 0.136   -5.901  16.263  1.00 25.52  ? 6    TRP B CD1 1 
ATOM   793  C CD2 . TRP B 1 6  ? -1.513  -7.112  15.362  1.00 24.78  ? 6    TRP B CD2 1 
ATOM   794  N NE1 . TRP B 1 6  ? 0.369   -7.223  16.562  1.00 30.16  ? 6    TRP B NE1 1 
ATOM   795  C CE2 . TRP B 1 6  ? -0.624  -7.982  16.021  1.00 26.01  ? 6    TRP B CE2 1 
ATOM   796  C CE3 . TRP B 1 6  ? -2.634  -7.633  14.720  1.00 32.94  ? 6    TRP B CE3 1 
ATOM   797  C CZ2 . TRP B 1 6  ? -0.806  -9.363  16.061  1.00 29.12  ? 6    TRP B CZ2 1 
ATOM   798  C CZ3 . TRP B 1 6  ? -2.812  -9.007  14.763  1.00 34.05  ? 6    TRP B CZ3 1 
ATOM   799  C CH2 . TRP B 1 6  ? -1.909  -9.840  15.424  1.00 29.01  ? 6    TRP B CH2 1 
ATOM   800  N N   . GLN B 1 7  ? -2.121  -2.067  13.167  1.00 23.93  ? 7    GLN B N   1 
ATOM   801  C CA  . GLN B 1 7  ? -2.880  -0.895  12.746  1.00 23.21  ? 7    GLN B CA  1 
ATOM   802  C C   . GLN B 1 7  ? -2.274  -0.328  11.469  1.00 23.65  ? 7    GLN B C   1 
ATOM   803  O O   . GLN B 1 7  ? -1.195  -0.763  11.069  1.00 25.69  ? 7    GLN B O   1 
ATOM   804  C CB  . GLN B 1 7  ? -2.917  0.161   13.841  1.00 25.62  ? 7    GLN B CB  1 
ATOM   805  C CG  . GLN B 1 7  ? -3.675  -0.276  15.089  1.00 32.37  ? 7    GLN B CG  1 
ATOM   806  C CD  . GLN B 1 7  ? -2.802  -1.099  16.019  1.00 27.25  ? 7    GLN B CD  1 
ATOM   807  O OE1 . GLN B 1 7  ? -1.588  -0.875  16.056  1.00 31.22  ? 7    GLN B OE1 1 
ATOM   808  N NE2 . GLN B 1 7  ? -3.417  -2.020  16.740  1.00 28.89  ? 7    GLN B NE2 1 
ATOM   809  N N   . ARG B 1 8  ? -2.946  0.628   10.834  1.00 21.38  ? 8    ARG B N   1 
ATOM   810  C CA  . ARG B 1 8  ? -2.283  1.276   9.699   1.00 22.85  ? 8    ARG B CA  1 
ATOM   811  C C   . ARG B 1 8  ? -0.945  1.856   10.137  1.00 25.62  ? 8    ARG B C   1 
ATOM   812  O O   . ARG B 1 8  ? -0.839  2.422   11.228  1.00 24.92  ? 8    ARG B O   1 
ATOM   813  C CB  . ARG B 1 8  ? -3.199  2.350   9.110   1.00 24.17  ? 8    ARG B CB  1 
ATOM   814  C CG  . ARG B 1 8  ? -4.438  1.753   8.459   1.00 26.20  ? 8    ARG B CG  1 
ATOM   815  C CD  . ARG B 1 8  ? -5.301  2.769   7.752   1.00 34.60  ? 8    ARG B CD  1 
ATOM   816  N NE  . ARG B 1 8  ? -6.577  2.192   7.324   1.00 36.91  ? 8    ARG B NE  1 
ATOM   817  C CZ  . ARG B 1 8  ? -7.703  2.873   7.164   1.00 50.64  ? 8    ARG B CZ  1 
ATOM   818  N NH1 . ARG B 1 8  ? -7.783  4.184   7.377   1.00 64.43  ? 8    ARG B NH1 1 
ATOM   819  N NH2 . ARG B 1 8  ? -8.799  2.227   6.774   1.00 44.60  ? 8    ARG B NH2 1 
ATOM   820  N N   . PRO B 1 9  ? 0.108   1.687   9.345   1.00 23.90  ? 9    PRO B N   1 
ATOM   821  C CA  . PRO B 1 9  ? 1.417   2.224   9.735   1.00 19.13  ? 9    PRO B CA  1 
ATOM   822  C C   . PRO B 1 9  ? 1.535   3.719   9.479   1.00 28.39  ? 9    PRO B C   1 
ATOM   823  O O   . PRO B 1 9  ? 2.161   4.208   8.539   1.00 23.43  ? 9    PRO B O   1 
ATOM   824  C CB  . PRO B 1 9  ? 2.368   1.413   8.858   1.00 19.69  ? 9    PRO B CB  1 
ATOM   825  C CG  . PRO B 1 9  ? 1.580   1.138   7.626   1.00 22.17  ? 9    PRO B CG  1 
ATOM   826  C CD  . PRO B 1 9  ? 0.160   0.924   8.093   1.00 27.97  ? 9    PRO B CD  1 
ATOM   827  N N   . LEU B 1 10 ? 0.892   4.440   10.387  1.00 26.77  ? 10   LEU B N   1 
ATOM   828  C CA  . LEU B 1 10 ? 0.853   5.888   10.395  1.00 28.99  ? 10   LEU B CA  1 
ATOM   829  C C   . LEU B 1 10 ? 1.968   6.436   11.272  1.00 29.78  ? 10   LEU B C   1 
ATOM   830  O O   . LEU B 1 10 ? 2.072   6.017   12.419  1.00 35.64  ? 10   LEU B O   1 
ATOM   831  C CB  . LEU B 1 10 ? -0.497  6.397   10.910  1.00 32.25  ? 10   LEU B CB  1 
ATOM   832  C CG  . LEU B 1 10 ? -1.715  5.862   10.150  1.00 35.83  ? 10   LEU B CG  1 
ATOM   833  C CD1 . LEU B 1 10 ? -2.969  5.888   11.011  1.00 39.90  ? 10   LEU B CD1 1 
ATOM   834  C CD2 . LEU B 1 10 ? -1.906  6.688   8.891   1.00 30.95  ? 10   LEU B CD2 1 
ATOM   835  N N   . VAL B 1 11 ? 2.750   7.339   10.714  1.00 27.08  ? 11   VAL B N   1 
ATOM   836  C CA  . VAL B 1 11 ? 3.857   7.983   11.395  1.00 30.69  ? 11   VAL B CA  1 
ATOM   837  C C   . VAL B 1 11 ? 3.760   9.490   11.209  1.00 35.38  ? 11   VAL B C   1 
ATOM   838  O O   . VAL B 1 11 ? 3.017   10.005  10.372  1.00 26.68  ? 11   VAL B O   1 
ATOM   839  C CB  . VAL B 1 11 ? 5.199   7.492   10.849  1.00 25.38  ? 11   VAL B CB  1 
ATOM   840  C CG1 . VAL B 1 11 ? 5.338   5.986   10.995  1.00 33.95  ? 11   VAL B CG1 1 
ATOM   841  C CG2 . VAL B 1 11 ? 5.326   7.880   9.384   1.00 32.67  ? 11   VAL B CG2 1 
ATOM   842  N N   . THR B 1 12 ? 4.544   10.207  12.014  1.00 40.00  ? 12   THR B N   1 
ATOM   843  C CA  . THR B 1 12 ? 4.528   11.665  11.858  1.00 32.33  ? 12   THR B CA  1 
ATOM   844  C C   . THR B 1 12 ? 5.575   12.112  10.861  1.00 22.29  ? 12   THR B C   1 
ATOM   845  O O   . THR B 1 12 ? 6.735   11.708  10.842  1.00 29.96  ? 12   THR B O   1 
ATOM   846  C CB  . THR B 1 12 ? 4.729   12.393  13.204  1.00 33.58  ? 12   THR B CB  1 
ATOM   847  O OG1 . THR B 1 12 ? 3.607   12.125  14.055  1.00 36.81  ? 12   THR B OG1 1 
ATOM   848  C CG2 . THR B 1 12 ? 4.738   13.900  12.978  1.00 34.87  ? 12   THR B CG2 1 
ATOM   849  N N   . ILE B 1 13 ? 5.138   12.994  9.958   1.00 25.00  ? 13   ILE B N   1 
ATOM   850  C CA  . ILE B 1 13 ? 6.143   13.506  9.045   1.00 19.94  ? 13   ILE B CA  1 
ATOM   851  C C   . ILE B 1 13 ? 6.221   15.021  9.149   1.00 27.11  ? 13   ILE B C   1 
ATOM   852  O O   . ILE B 1 13 ? 5.266   15.647  9.601   1.00 31.96  ? 13   ILE B O   1 
ATOM   853  C CB  . ILE B 1 13 ? 5.826   13.162  7.579   1.00 28.42  ? 13   ILE B CB  1 
ATOM   854  C CG1 . ILE B 1 13 ? 4.512   13.776  7.097   1.00 28.29  ? 13   ILE B CG1 1 
ATOM   855  C CG2 . ILE B 1 13 ? 5.873   11.660  7.377   1.00 27.40  ? 13   ILE B CG2 1 
ATOM   856  C CD1 . ILE B 1 13 ? 4.345   13.720  5.590   1.00 27.47  ? 13   ILE B CD1 1 
ATOM   857  N N   . LYS B 1 14 ? 7.339   15.570  8.687   1.00 31.63  ? 14   LYS B N   1 
ATOM   858  C CA  . LYS B 1 14 ? 7.395   17.036  8.602   1.00 34.61  ? 14   LYS B CA  1 
ATOM   859  C C   . LYS B 1 14 ? 7.714   17.499  7.188   1.00 34.14  ? 14   LYS B C   1 
ATOM   860  O O   . LYS B 1 14 ? 8.621   17.010  6.515   1.00 34.81  ? 14   LYS B O   1 
ATOM   861  C CB  . LYS B 1 14 ? 8.425   17.586  9.586   1.00 39.97  ? 14   LYS B CB  1 
ATOM   862  C CG  . LYS B 1 14 ? 8.881   19.005  9.263   1.00 43.54  ? 14   LYS B CG  1 
ATOM   863  C CD  . LYS B 1 14 ? 9.913   19.474  10.281  1.00 40.74  ? 14   LYS B CD  1 
ATOM   864  C CE  . LYS B 1 14 ? 9.541   20.826  10.865  1.00 44.89  ? 14   LYS B CE  1 
ATOM   865  N NZ  . LYS B 1 14 ? 10.235  21.048  12.166  1.00 58.92  ? 14   LYS B NZ  1 
ATOM   866  N N   . ILE B 1 15 ? 6.928   18.464  6.696   1.00 33.43  ? 15   ILE B N   1 
ATOM   867  C CA  . ILE B 1 15 ? 7.227   19.011  5.371   1.00 37.81  ? 15   ILE B CA  1 
ATOM   868  C C   . ILE B 1 15 ? 7.148   20.527  5.479   1.00 53.85  ? 15   ILE B C   1 
ATOM   869  O O   . ILE B 1 15 ? 6.264   21.075  6.131   1.00 51.32  ? 15   ILE B O   1 
ATOM   870  C CB  . ILE B 1 15 ? 6.313   18.463  4.274   1.00 44.17  ? 15   ILE B CB  1 
ATOM   871  C CG1 . ILE B 1 15 ? 6.135   19.412  3.081   1.00 53.78  ? 15   ILE B CG1 1 
ATOM   872  C CG2 . ILE B 1 15 ? 4.962   18.040  4.833   1.00 47.34  ? 15   ILE B CG2 1 
ATOM   873  C CD1 . ILE B 1 15 ? 5.375   18.772  1.935   1.00 63.86  ? 15   ILE B CD1 1 
ATOM   874  N N   . GLY B 1 16 ? 8.110   21.216  4.864   1.00 64.02  ? 16   GLY B N   1 
ATOM   875  C CA  . GLY B 1 16 ? 8.244   22.634  5.225   1.00 62.51  ? 16   GLY B CA  1 
ATOM   876  C C   . GLY B 1 16 ? 8.527   22.603  6.736   1.00 62.88  ? 16   GLY B C   1 
ATOM   877  O O   . GLY B 1 16 ? 9.436   21.873  7.131   1.00 61.82  ? 16   GLY B O   1 
ATOM   878  N N   . GLY B 1 17 ? 7.748   23.348  7.491   1.00 53.67  ? 17   GLY B N   1 
ATOM   879  C CA  . GLY B 1 17 ? 7.721   23.374  8.934   1.00 49.56  ? 17   GLY B CA  1 
ATOM   880  C C   . GLY B 1 17 ? 6.339   22.971  9.433   1.00 49.87  ? 17   GLY B C   1 
ATOM   881  O O   . GLY B 1 17 ? 5.846   23.503  10.420  1.00 74.76  ? 17   GLY B O   1 
ATOM   882  N N   . GLN B 1 18 ? 5.749   22.025  8.714   1.00 46.80  ? 18   GLN B N   1 
ATOM   883  C CA  . GLN B 1 18 ? 4.413   21.503  8.939   1.00 41.58  ? 18   GLN B CA  1 
ATOM   884  C C   . GLN B 1 18 ? 4.433   20.045  9.382   1.00 40.38  ? 18   GLN B C   1 
ATOM   885  O O   . GLN B 1 18 ? 5.055   19.206  8.726   1.00 32.77  ? 18   GLN B O   1 
ATOM   886  C CB  . GLN B 1 18 ? 3.625   21.666  7.629   1.00 44.92  ? 18   GLN B CB  1 
ATOM   887  C CG  . GLN B 1 18 ? 3.124   23.076  7.354   1.00 50.15  ? 18   GLN B CG  1 
ATOM   888  C CD  . GLN B 1 18 ? 1.608   23.068  7.226   1.00 57.55  ? 18   GLN B CD  1 
ATOM   889  O OE1 . GLN B 1 18 ? 0.893   23.409  8.168   1.00 59.46  ? 18   GLN B OE1 1 
ATOM   890  N NE2 . GLN B 1 18 ? 1.121   22.661  6.059   1.00 77.59  ? 18   GLN B NE2 1 
ATOM   891  N N   . LEU B 1 19 ? 3.785   19.648  10.480  1.00 41.03  ? 19   LEU B N   1 
ATOM   892  C CA  . LEU B 1 19 ? 3.857   18.242  10.886  1.00 36.65  ? 19   LEU B CA  1 
ATOM   893  C C   . LEU B 1 19 ? 2.519   17.559  10.633  1.00 38.37  ? 19   LEU B C   1 
ATOM   894  O O   . LEU B 1 19 ? 1.469   18.082  10.986  1.00 37.32  ? 19   LEU B O   1 
ATOM   895  C CB  . LEU B 1 19 ? 4.257   18.043  12.350  1.00 30.50  ? 19   LEU B CB  1 
ATOM   896  C CG  . LEU B 1 19 ? 5.751   18.320  12.596  1.00 36.24  ? 19   LEU B CG  1 
ATOM   897  C CD1 . LEU B 1 19 ? 5.971   19.827  12.640  1.00 39.81  ? 19   LEU B CD1 1 
ATOM   898  C CD2 . LEU B 1 19 ? 6.238   17.644  13.853  1.00 62.54  ? 19   LEU B CD2 1 
ATOM   899  N N   . LYS B 1 20 ? 2.607   16.382  10.009  1.00 34.82  ? 20   LYS B N   1 
ATOM   900  C CA  . LYS B 1 20 ? 1.406   15.666  9.609   1.00 32.05  ? 20   LYS B CA  1 
ATOM   901  C C   . LYS B 1 20 ? 1.609   14.159  9.800   1.00 25.04  ? 20   LYS B C   1 
ATOM   902  O O   . LYS B 1 20 ? 2.733   13.687  9.937   1.00 31.36  ? 20   LYS B O   1 
ATOM   903  C CB  . LYS B 1 20 ? 1.046   15.961  8.155   1.00 45.18  ? 20   LYS B CB  1 
ATOM   904  C CG  . LYS B 1 20 ? 0.828   17.424  7.806   1.00 48.36  ? 20   LYS B CG  1 
ATOM   905  C CD  . LYS B 1 20 ? 1.059   17.673  6.321   1.00 51.36  ? 20   LYS B CD  1 
ATOM   906  C CE  . LYS B 1 20 ? 0.750   19.122  5.962   1.00 42.76  ? 20   LYS B CE  1 
ATOM   907  N NZ  . LYS B 1 20 ? -0.483  19.214  5.135   1.00 41.52  ? 20   LYS B NZ  1 
ATOM   908  N N   . GLU B 1 21 ? 0.476   13.493  9.780   1.00 25.37  ? 21   GLU B N   1 
ATOM   909  C CA  . GLU B 1 21 ? 0.342   12.057  9.757   1.00 27.40  ? 21   GLU B CA  1 
ATOM   910  C C   . GLU B 1 21 ? 0.463   11.531  8.323   1.00 23.79  ? 21   GLU B C   1 
ATOM   911  O O   . GLU B 1 21 ? -0.072  12.136  7.392   1.00 26.22  ? 21   GLU B O   1 
ATOM   912  C CB  . GLU B 1 21 ? -1.013  11.651  10.336  1.00 33.94  ? 21   GLU B CB  1 
ATOM   913  C CG  . GLU B 1 21 ? -1.154  10.154  10.579  1.00 43.68  ? 21   GLU B CG  1 
ATOM   914  C CD  . GLU B 1 21 ? -2.303  9.882   11.542  1.00 46.07  ? 21   GLU B CD  1 
ATOM   915  O OE1 . GLU B 1 21 ? -3.465  9.992   11.103  1.00 41.33  ? 21   GLU B OE1 1 
ATOM   916  O OE2 . GLU B 1 21 ? -2.003  9.572   12.710  1.00 51.87  ? 21   GLU B OE2 1 
ATOM   917  N N   . ALA B 1 22 ? 1.172   10.427  8.158   1.00 22.73  ? 22   ALA B N   1 
ATOM   918  C CA  . ALA B 1 22 ? 1.280   9.805   6.837   1.00 22.54  ? 22   ALA B CA  1 
ATOM   919  C C   . ALA B 1 22 ? 1.423   8.300   6.973   1.00 24.85  ? 22   ALA B C   1 
ATOM   920  O O   . ALA B 1 22 ? 1.892   7.744   7.969   1.00 30.16  ? 22   ALA B O   1 
ATOM   921  C CB  . ALA B 1 22 ? 2.412   10.425  6.033   1.00 25.35  ? 22   ALA B CB  1 
ATOM   922  N N   . LEU B 1 23 ? 0.969   7.611   5.938   1.00 25.37  ? 23   LEU B N   1 
ATOM   923  C CA  . LEU B 1 23 ? 0.959   6.154   5.838   1.00 23.84  ? 23   LEU B CA  1 
ATOM   924  C C   . LEU B 1 23 ? 2.191   5.646   5.097   1.00 28.39  ? 23   LEU B C   1 
ATOM   925  O O   . LEU B 1 23 ? 2.384   6.026   3.938   1.00 24.11  ? 23   LEU B O   1 
ATOM   926  C CB  . LEU B 1 23 ? -0.274  5.722   5.058   1.00 22.72  ? 23   LEU B CB  1 
ATOM   927  C CG  . LEU B 1 23 ? -0.678  4.252   5.075   1.00 27.81  ? 23   LEU B CG  1 
ATOM   928  C CD1 . LEU B 1 23 ? -1.263  3.859   6.419   1.00 31.15  ? 23   LEU B CD1 1 
ATOM   929  C CD2 . LEU B 1 23 ? -1.694  3.971   3.971   1.00 42.83  ? 23   LEU B CD2 1 
ATOM   930  N N   . LEU B 1 24 ? 2.984   4.805   5.756   1.00 25.83  ? 24   LEU B N   1 
ATOM   931  C CA  . LEU B 1 24 ? 4.112   4.173   5.068   1.00 22.51  ? 24   LEU B CA  1 
ATOM   932  C C   . LEU B 1 24 ? 3.578   3.044   4.202   1.00 25.90  ? 24   LEU B C   1 
ATOM   933  O O   . LEU B 1 24 ? 3.147   2.020   4.715   1.00 25.54  ? 24   LEU B O   1 
ATOM   934  C CB  . LEU B 1 24 ? 5.124   3.658   6.077   1.00 24.31  ? 24   LEU B CB  1 
ATOM   935  C CG  . LEU B 1 24 ? 5.530   4.733   7.106   1.00 24.69  ? 24   LEU B CG  1 
ATOM   936  C CD1 . LEU B 1 24 ? 6.445   4.136   8.151   1.00 29.43  ? 24   LEU B CD1 1 
ATOM   937  C CD2 . LEU B 1 24 ? 6.171   5.917   6.381   1.00 28.80  ? 24   LEU B CD2 1 
ATOM   938  N N   . ASP B 1 25 ? 3.600   3.264   2.892   1.00 25.55  ? 25   ASP B N   1 
ATOM   939  C CA  . ASP B 1 25 ? 2.853   2.353   2.015   1.00 27.11  ? 25   ASP B CA  1 
ATOM   940  C C   . ASP B 1 25 ? 3.705   1.644   0.975   1.00 28.95  ? 25   ASP B C   1 
ATOM   941  O O   . ASP B 1 25 ? 4.098   2.230   -0.041  1.00 27.18  ? 25   ASP B O   1 
ATOM   942  C CB  . ASP B 1 25 ? 1.758   3.207   1.361   1.00 25.75  ? 25   ASP B CB  1 
ATOM   943  C CG  . ASP B 1 25 ? 0.795   2.442   0.491   1.00 26.51  ? 25   ASP B CG  1 
ATOM   944  O OD1 . ASP B 1 25 ? 1.078   1.291   0.103   1.00 25.77  ? 25   ASP B OD1 1 
ATOM   945  O OD2 . ASP B 1 25 ? -0.277  3.022   0.184   1.00 29.50  ? 25   ASP B OD2 1 
ATOM   946  N N   . THR B 1 26 ? 3.989   0.352   1.186   1.00 22.63  ? 26   THR B N   1 
ATOM   947  C CA  . THR B 1 26 ? 4.871   -0.371  0.274   1.00 19.88  ? 26   THR B CA  1 
ATOM   948  C C   . THR B 1 26 ? 4.226   -0.676  -1.068  1.00 26.30  ? 26   THR B C   1 
ATOM   949  O O   . THR B 1 26 ? 4.909   -1.018  -2.043  1.00 25.94  ? 26   THR B O   1 
ATOM   950  C CB  . THR B 1 26 ? 5.344   -1.674  0.940   1.00 18.76  ? 26   THR B CB  1 
ATOM   951  O OG1 . THR B 1 26 ? 4.193   -2.470  1.246   1.00 19.93  ? 26   THR B OG1 1 
ATOM   952  C CG2 . THR B 1 26 ? 6.040   -1.392  2.267   1.00 19.01  ? 26   THR B CG2 1 
ATOM   953  N N   . GLY B 1 27 ? 2.905   -0.568  -1.154  1.00 24.67  ? 27   GLY B N   1 
ATOM   954  C CA  . GLY B 1 27 ? 2.161   -0.819  -2.373  1.00 27.38  ? 27   GLY B CA  1 
ATOM   955  C C   . GLY B 1 27 ? 2.158   0.386   -3.284  1.00 28.37  ? 27   GLY B C   1 
ATOM   956  O O   . GLY B 1 27 ? 1.721   0.314   -4.421  1.00 26.77  ? 27   GLY B O   1 
ATOM   957  N N   . ALA B 1 28 ? 2.644   1.529   -2.802  1.00 26.65  ? 28   ALA B N   1 
ATOM   958  C CA  . ALA B 1 28 ? 2.599   2.749   -3.598  1.00 26.70  ? 28   ALA B CA  1 
ATOM   959  C C   . ALA B 1 28 ? 3.967   3.034   -4.199  1.00 24.37  ? 28   ALA B C   1 
ATOM   960  O O   . ALA B 1 28 ? 4.942   3.143   -3.451  1.00 24.87  ? 28   ALA B O   1 
ATOM   961  C CB  . ALA B 1 28 ? 2.151   3.923   -2.745  1.00 25.60  ? 28   ALA B CB  1 
ATOM   962  N N   . ASP B 1 29 ? 3.990   3.152   -5.528  1.00 21.11  ? 29   ASP B N   1 
ATOM   963  C CA  . ASP B 1 29 ? 5.215   3.521   -6.218  1.00 21.42  ? 29   ASP B CA  1 
ATOM   964  C C   . ASP B 1 29 ? 5.660   4.931   -5.828  1.00 24.30  ? 29   ASP B C   1 
ATOM   965  O O   . ASP B 1 29 ? 6.837   5.213   -5.633  1.00 26.72  ? 29   ASP B O   1 
ATOM   966  C CB  . ASP B 1 29 ? 5.041   3.491   -7.728  1.00 25.00  ? 29   ASP B CB  1 
ATOM   967  C CG  . ASP B 1 29 ? 4.720   2.127   -8.309  1.00 31.87  ? 29   ASP B CG  1 
ATOM   968  O OD1 . ASP B 1 29 ? 4.978   1.071   -7.687  1.00 32.69  ? 29   ASP B OD1 1 
ATOM   969  O OD2 . ASP B 1 29 ? 4.180   2.078   -9.432  1.00 34.83  ? 29   ASP B OD2 1 
ATOM   970  N N   . ASP B 1 30 ? 4.647   5.778   -5.736  1.00 26.12  ? 30   ASP B N   1 
ATOM   971  C CA  . ASP B 1 30 ? 4.823   7.197   -5.514  1.00 28.61  ? 30   ASP B CA  1 
ATOM   972  C C   . ASP B 1 30 ? 4.262   7.660   -4.182  1.00 22.51  ? 30   ASP B C   1 
ATOM   973  O O   . ASP B 1 30 ? 3.405   7.057   -3.551  1.00 26.88  ? 30   ASP B O   1 
ATOM   974  C CB  . ASP B 1 30 ? 4.120   7.987   -6.635  1.00 33.35  ? 30   ASP B CB  1 
ATOM   975  C CG  . ASP B 1 30 ? 4.325   7.384   -8.010  1.00 41.81  ? 30   ASP B CG  1 
ATOM   976  O OD1 . ASP B 1 30 ? 5.504   7.219   -8.398  1.00 35.70  ? 30   ASP B OD1 1 
ATOM   977  O OD2 . ASP B 1 30 ? 3.319   7.087   -8.690  1.00 42.17  ? 30   ASP B OD2 1 
ATOM   978  N N   . THR B 1 31 ? 4.764   8.801   -3.749  1.00 24.41  ? 31   THR B N   1 
ATOM   979  C CA  . THR B 1 31 ? 4.278   9.484   -2.555  1.00 21.68  ? 31   THR B CA  1 
ATOM   980  C C   . THR B 1 31 ? 3.157   10.441  -2.915  1.00 24.17  ? 31   THR B C   1 
ATOM   981  O O   . THR B 1 31 ? 3.273   11.280  -3.820  1.00 26.03  ? 31   THR B O   1 
ATOM   982  C CB  . THR B 1 31 ? 5.434   10.244  -1.886  1.00 27.16  ? 31   THR B CB  1 
ATOM   983  O OG1 . THR B 1 31 ? 6.356   9.270   -1.376  1.00 24.18  ? 31   THR B OG1 1 
ATOM   984  C CG2 . THR B 1 31 ? 4.928   11.099  -0.736  1.00 24.19  ? 31   THR B CG2 1 
ATOM   985  N N   . VAL B 1 32 ? 2.042   10.292  -2.207  1.00 22.84  ? 32   VAL B N   1 
ATOM   986  C CA  . VAL B 1 32 ? 0.869   11.108  -2.498  1.00 25.35  ? 32   VAL B CA  1 
ATOM   987  C C   . VAL B 1 32 ? 0.485   11.940  -1.293  1.00 25.20  ? 32   VAL B C   1 
ATOM   988  O O   . VAL B 1 32 ? 0.191   11.395  -0.237  1.00 23.89  ? 32   VAL B O   1 
ATOM   989  C CB  . VAL B 1 32 ? -0.309  10.211  -2.916  1.00 32.06  ? 32   VAL B CB  1 
ATOM   990  C CG1 . VAL B 1 32 ? -1.465  11.052  -3.428  1.00 25.82  ? 32   VAL B CG1 1 
ATOM   991  C CG2 . VAL B 1 32 ? 0.159   9.220   -3.974  1.00 27.99  ? 32   VAL B CG2 1 
ATOM   992  N N   . LEU B 1 33 ? 0.481   13.264  -1.428  1.00 21.68  ? 33   LEU B N   1 
ATOM   993  C CA  . LEU B 1 33 ? 0.115   14.106  -0.300  1.00 23.72  ? 33   LEU B CA  1 
ATOM   994  C C   . LEU B 1 33 ? -1.250  14.766  -0.441  1.00 24.41  ? 33   LEU B C   1 
ATOM   995  O O   . LEU B 1 33 ? -1.661  15.131  -1.537  1.00 26.11  ? 33   LEU B O   1 
ATOM   996  C CB  . LEU B 1 33 ? 1.156   15.214  -0.181  1.00 24.98  ? 33   LEU B CB  1 
ATOM   997  C CG  . LEU B 1 33 ? 2.601   14.835  0.085   1.00 30.02  ? 33   LEU B CG  1 
ATOM   998  C CD1 . LEU B 1 33 ? 3.413   16.104  0.302   1.00 34.40  ? 33   LEU B CD1 1 
ATOM   999  C CD2 . LEU B 1 33 ? 2.700   13.888  1.275   1.00 35.86  ? 33   LEU B CD2 1 
ATOM   1000 N N   . GLU B 1 34 ? -1.944  14.965  0.670   1.00 25.69  ? 34   GLU B N   1 
ATOM   1001 C CA  . GLU B 1 34 ? -3.179  15.734  0.682   1.00 30.37  ? 34   GLU B CA  1 
ATOM   1002 C C   . GLU B 1 34 ? -2.970  17.152  0.149   1.00 34.00  ? 34   GLU B C   1 
ATOM   1003 O O   . GLU B 1 34 ? -1.859  17.688  0.213   1.00 27.36  ? 34   GLU B O   1 
ATOM   1004 C CB  . GLU B 1 34 ? -3.740  15.795  2.103   1.00 39.72  ? 34   GLU B CB  1 
ATOM   1005 C CG  . GLU B 1 34 ? -2.880  16.578  3.086   1.00 58.10  ? 34   GLU B CG  1 
ATOM   1006 C CD  . GLU B 1 34 ? -3.183  16.168  4.520   1.00 63.58  ? 34   GLU B CD  1 
ATOM   1007 O OE1 . GLU B 1 34 ? -4.269  15.579  4.731   1.00 52.49  ? 34   GLU B OE1 1 
ATOM   1008 O OE2 . GLU B 1 34 ? -2.346  16.424  5.411   1.00 57.52  ? 34   GLU B OE2 1 
ATOM   1009 N N   . GLU B 1 35 ? -4.049  17.732  -0.372  1.00 27.10  ? 35   GLU B N   1 
ATOM   1010 C CA  . GLU B 1 35 ? -4.045  19.075  -0.936  1.00 25.62  ? 35   GLU B CA  1 
ATOM   1011 C C   . GLU B 1 35 ? -3.314  20.053  -0.020  1.00 26.81  ? 35   GLU B C   1 
ATOM   1012 O O   . GLU B 1 35 ? -3.623  20.237  1.148   1.00 29.45  ? 35   GLU B O   1 
ATOM   1013 C CB  . GLU B 1 35 ? -5.476  19.528  -1.205  1.00 31.40  ? 35   GLU B CB  1 
ATOM   1014 C CG  . GLU B 1 35 ? -5.589  20.930  -1.764  1.00 35.26  ? 35   GLU B CG  1 
ATOM   1015 C CD  . GLU B 1 35 ? -4.830  21.148  -3.057  1.00 35.25  ? 35   GLU B CD  1 
ATOM   1016 O OE1 . GLU B 1 35 ? -4.956  20.322  -3.987  1.00 40.87  ? 35   GLU B OE1 1 
ATOM   1017 O OE2 . GLU B 1 35 ? -4.099  22.165  -3.153  1.00 35.14  ? 35   GLU B OE2 1 
ATOM   1018 N N   . MET B 1 36 ? -2.267  20.656  -0.569  1.00 31.73  ? 36   MET B N   1 
ATOM   1019 C CA  . MET B 1 36 ? -1.456  21.645  0.130   1.00 30.95  ? 36   MET B CA  1 
ATOM   1020 C C   . MET B 1 36 ? -0.764  22.508  -0.906  1.00 28.98  ? 36   MET B C   1 
ATOM   1021 O O   . MET B 1 36 ? -0.702  22.161  -2.089  1.00 30.85  ? 36   MET B O   1 
ATOM   1022 C CB  . MET B 1 36 ? -0.396  21.001  1.020   1.00 31.23  ? 36   MET B CB  1 
ATOM   1023 C CG  . MET B 1 36 ? 0.712   20.334  0.213   1.00 37.59  ? 36   MET B CG  1 
ATOM   1024 S SD  . MET B 1 36 ? 1.902   19.490  1.288   1.00 36.86  ? 36   MET B SD  1 
ATOM   1025 C CE  . MET B 1 36 ? 2.853   20.895  1.857   1.00 38.39  ? 36   MET B CE  1 
ATOM   1026 N N   . SER B 1 37 ? -0.241  23.627  -0.418  1.00 31.77  ? 37   SER B N   1 
ATOM   1027 C CA  . SER B 1 37 ? 0.504   24.486  -1.334  1.00 30.70  ? 37   SER B CA  1 
ATOM   1028 C C   . SER B 1 37 ? 1.992   24.180  -1.241  1.00 34.41  ? 37   SER B C   1 
ATOM   1029 O O   . SER B 1 37 ? 2.551   24.064  -0.155  1.00 55.90  ? 37   SER B O   1 
ATOM   1030 C CB  . SER B 1 37 ? 0.223   25.966  -1.036  1.00 45.30  ? 37   SER B CB  1 
ATOM   1031 O OG  . SER B 1 37 ? -1.187  26.129  -0.871  1.00 47.50  ? 37   SER B OG  1 
ATOM   1032 N N   . LEU B 1 38 ? 2.617   24.045  -2.401  1.00 42.61  ? 38   LEU B N   1 
ATOM   1033 C CA  . LEU B 1 38 ? 4.063   23.940  -2.538  1.00 41.22  ? 38   LEU B CA  1 
ATOM   1034 C C   . LEU B 1 38 ? 4.485   24.937  -3.613  1.00 40.61  ? 38   LEU B C   1 
ATOM   1035 O O   . LEU B 1 38 ? 3.692   25.254  -4.505  1.00 37.71  ? 38   LEU B O   1 
ATOM   1036 C CB  . LEU B 1 38 ? 4.531   22.536  -2.910  1.00 35.28  ? 38   LEU B CB  1 
ATOM   1037 C CG  . LEU B 1 38 ? 4.436   21.460  -1.829  1.00 38.84  ? 38   LEU B CG  1 
ATOM   1038 C CD1 . LEU B 1 38 ? 4.284   20.064  -2.417  1.00 34.99  ? 38   LEU B CD1 1 
ATOM   1039 C CD2 . LEU B 1 38 ? 5.668   21.547  -0.933  1.00 45.23  ? 38   LEU B CD2 1 
ATOM   1040 N N   . PRO B 1 39 ? 5.717   25.411  -3.548  1.00 57.03  ? 39   PRO B N   1 
ATOM   1041 C CA  . PRO B 1 39 ? 6.169   26.431  -4.509  1.00 54.78  ? 39   PRO B CA  1 
ATOM   1042 C C   . PRO B 1 39 ? 6.723   25.774  -5.760  1.00 45.98  ? 39   PRO B C   1 
ATOM   1043 O O   . PRO B 1 39 ? 6.940   24.562  -5.787  1.00 48.35  ? 39   PRO B O   1 
ATOM   1044 C CB  . PRO B 1 39 ? 7.266   27.142  -3.719  1.00 60.03  ? 39   PRO B CB  1 
ATOM   1045 C CG  . PRO B 1 39 ? 7.863   26.062  -2.880  1.00 65.01  ? 39   PRO B CG  1 
ATOM   1046 C CD  . PRO B 1 39 ? 6.790   25.039  -2.619  1.00 62.50  ? 39   PRO B CD  1 
ATOM   1047 N N   . GLY B 1 40 ? 6.953   26.569  -6.798  1.00 54.70  ? 40   GLY B N   1 
ATOM   1048 C CA  . GLY B 1 40 ? 7.479   26.033  -8.041  1.00 53.47  ? 40   GLY B CA  1 
ATOM   1049 C C   . GLY B 1 40 ? 6.417   25.502  -8.978  1.00 54.15  ? 40   GLY B C   1 
ATOM   1050 O O   . GLY B 1 40 ? 5.215   25.498  -8.709  1.00 44.86  ? 40   GLY B O   1 
ATOM   1051 N N   . ARG B 1 41 ? 6.865   25.021  -10.137 1.00 51.64  ? 41   ARG B N   1 
ATOM   1052 C CA  . ARG B 1 41 ? 5.939   24.497  -11.133 1.00 53.57  ? 41   ARG B CA  1 
ATOM   1053 C C   . ARG B 1 41 ? 5.716   23.005  -10.907 1.00 52.25  ? 41   ARG B C   1 
ATOM   1054 O O   . ARG B 1 41 ? 6.469   22.380  -10.157 1.00 41.47  ? 41   ARG B O   1 
ATOM   1055 C CB  . ARG B 1 41 ? 6.470   24.756  -12.542 1.00 57.55  ? 41   ARG B CB  1 
ATOM   1056 C CG  . ARG B 1 41 ? 6.302   26.201  -12.990 1.00 54.56  ? 41   ARG B CG  1 
ATOM   1057 C CD  . ARG B 1 41 ? 6.725   26.370  -14.441 1.00 53.81  ? 41   ARG B CD  1 
ATOM   1058 N NE  . ARG B 1 41 ? 8.102   25.935  -14.653 1.00 46.35  ? 41   ARG B NE  1 
ATOM   1059 C CZ  . ARG B 1 41 ? 9.165   26.660  -14.330 1.00 52.56  ? 41   ARG B CZ  1 
ATOM   1060 N NH1 . ARG B 1 41 ? 9.033   27.857  -13.772 1.00 57.27  ? 41   ARG B NH1 1 
ATOM   1061 N NH2 . ARG B 1 41 ? 10.377  26.175  -14.566 1.00 58.93  ? 41   ARG B NH2 1 
ATOM   1062 N N   . TRP B 1 42 ? 4.689   22.475  -11.555 1.00 49.13  ? 42   TRP B N   1 
ATOM   1063 C CA  . TRP B 1 42 ? 4.319   21.073  -11.417 1.00 47.69  ? 42   TRP B CA  1 
ATOM   1064 C C   . TRP B 1 42 ? 3.976   20.474  -12.773 1.00 43.64  ? 42   TRP B C   1 
ATOM   1065 O O   . TRP B 1 42 ? 3.892   21.209  -13.756 1.00 44.29  ? 42   TRP B O   1 
ATOM   1066 C CB  . TRP B 1 42 ? 3.118   20.915  -10.489 1.00 39.94  ? 42   TRP B CB  1 
ATOM   1067 C CG  . TRP B 1 42 ? 2.001   21.870  -10.755 1.00 40.42  ? 42   TRP B CG  1 
ATOM   1068 C CD1 . TRP B 1 42 ? 1.909   23.172  -10.353 1.00 49.66  ? 42   TRP B CD1 1 
ATOM   1069 C CD2 . TRP B 1 42 ? 0.804   21.594  -11.490 1.00 42.25  ? 42   TRP B CD2 1 
ATOM   1070 N NE1 . TRP B 1 42 ? 0.728   23.718  -10.794 1.00 56.62  ? 42   TRP B NE1 1 
ATOM   1071 C CE2 . TRP B 1 42 ? 0.035   22.769  -11.492 1.00 45.73  ? 42   TRP B CE2 1 
ATOM   1072 C CE3 . TRP B 1 42 ? 0.320   20.460  -12.141 1.00 45.04  ? 42   TRP B CE3 1 
ATOM   1073 C CZ2 . TRP B 1 42 ? -1.204  22.847  -12.125 1.00 57.06  ? 42   TRP B CZ2 1 
ATOM   1074 C CZ3 . TRP B 1 42 ? -0.906  20.534  -12.768 1.00 50.77  ? 42   TRP B CZ3 1 
ATOM   1075 C CH2 . TRP B 1 42 ? -1.651  21.715  -12.755 1.00 59.72  ? 42   TRP B CH2 1 
ATOM   1076 N N   . LYS B 1 43 ? 3.789   19.156  -12.785 1.00 32.01  ? 43   LYS B N   1 
ATOM   1077 C CA  . LYS B 1 43 ? 3.305   18.504  -13.992 1.00 34.67  ? 43   LYS B CA  1 
ATOM   1078 C C   . LYS B 1 43 ? 1.995   17.783  -13.641 1.00 42.55  ? 43   LYS B C   1 
ATOM   1079 O O   . LYS B 1 43 ? 1.932   17.196  -12.560 1.00 30.84  ? 43   LYS B O   1 
ATOM   1080 C CB  . LYS B 1 43 ? 4.246   17.483  -14.614 1.00 37.58  ? 43   LYS B CB  1 
ATOM   1081 C CG  . LYS B 1 43 ? 5.496   18.076  -15.246 1.00 48.17  ? 43   LYS B CG  1 
ATOM   1082 C CD  . LYS B 1 43 ? 6.625   17.059  -15.302 1.00 55.07  ? 43   LYS B CD  1 
ATOM   1083 C CE  . LYS B 1 43 ? 7.995   17.690  -15.448 1.00 64.35  ? 43   LYS B CE  1 
ATOM   1084 N NZ  . LYS B 1 43 ? 8.040   19.145  -15.138 1.00 74.32  ? 43   LYS B NZ  1 
ATOM   1085 N N   . PRO B 1 44 ? 1.066   17.859  -14.575 1.00 40.31  ? 44   PRO B N   1 
ATOM   1086 C CA  . PRO B 1 44 ? -0.225  17.178  -14.424 1.00 42.09  ? 44   PRO B CA  1 
ATOM   1087 C C   . PRO B 1 44 ? -0.056  15.677  -14.443 1.00 23.51  ? 44   PRO B C   1 
ATOM   1088 O O   . PRO B 1 44 ? 0.716   15.103  -15.211 1.00 27.81  ? 44   PRO B O   1 
ATOM   1089 C CB  . PRO B 1 44 ? -1.003  17.620  -15.676 1.00 45.97  ? 44   PRO B CB  1 
ATOM   1090 C CG  . PRO B 1 44 ? 0.053   17.958  -16.670 1.00 48.12  ? 44   PRO B CG  1 
ATOM   1091 C CD  . PRO B 1 44 ? 1.162   18.577  -15.863 1.00 40.09  ? 44   PRO B CD  1 
ATOM   1092 N N   . LYS B 1 45 ? -0.800  14.960  -13.596 1.00 26.81  ? 45   LYS B N   1 
ATOM   1093 C CA  . LYS B 1 45 ? -0.660  13.513  -13.638 1.00 28.27  ? 45   LYS B CA  1 
ATOM   1094 C C   . LYS B 1 45 ? -1.962  12.846  -13.209 1.00 27.54  ? 45   LYS B C   1 
ATOM   1095 O O   . LYS B 1 45 ? -2.760  13.444  -12.481 1.00 24.87  ? 45   LYS B O   1 
ATOM   1096 C CB  . LYS B 1 45 ? 0.456   13.045  -12.701 1.00 31.51  ? 45   LYS B CB  1 
ATOM   1097 C CG  . LYS B 1 45 ? 0.821   11.582  -12.876 1.00 31.08  ? 45   LYS B CG  1 
ATOM   1098 C CD  . LYS B 1 45 ? 2.195   11.295  -12.265 1.00 34.89  ? 45   LYS B CD  1 
ATOM   1099 C CE  . LYS B 1 45 ? 2.342   9.814   -11.952 1.00 41.74  ? 45   LYS B CE  1 
ATOM   1100 N NZ  . LYS B 1 45 ? 3.205   9.086   -12.909 1.00 48.49  ? 45   LYS B NZ  1 
ATOM   1101 N N   . MET B 1 46 ? -2.129  11.603  -13.644 1.00 26.16  ? 46   MET B N   1 
ATOM   1102 C CA  . MET B 1 46 ? -3.283  10.838  -13.174 1.00 26.35  ? 46   MET B CA  1 
ATOM   1103 C C   . MET B 1 46 ? -2.776  9.572   -12.487 1.00 29.66  ? 46   MET B C   1 
ATOM   1104 O O   . MET B 1 46 ? -1.932  8.892   -13.073 1.00 29.55  ? 46   MET B O   1 
ATOM   1105 C CB  . MET B 1 46 ? -4.220  10.461  -14.315 0.56 15.98  ? 46   MET B CB  1 
ATOM   1106 C CG  . MET B 1 46 ? -5.056  11.609  -14.837 0.56 21.42  ? 46   MET B CG  1 
ATOM   1107 S SD  . MET B 1 46 ? -6.484  11.895  -13.761 0.56 29.30  ? 46   MET B SD  1 
ATOM   1108 C CE  . MET B 1 46 ? -7.491  12.894  -14.863 0.56 62.98  ? 46   MET B CE  1 
ATOM   1109 N N   . ILE B 1 47 ? -3.285  9.276   -11.298 1.00 23.63  ? 47   ILE B N   1 
ATOM   1110 C CA  . ILE B 1 47 ? -2.893  8.073   -10.579 1.00 23.46  ? 47   ILE B CA  1 
ATOM   1111 C C   . ILE B 1 47 ? -4.152  7.333   -10.120 1.00 23.41  ? 47   ILE B C   1 
ATOM   1112 O O   . ILE B 1 47 ? -5.105  7.978   -9.720  1.00 28.57  ? 47   ILE B O   1 
ATOM   1113 C CB  . ILE B 1 47 ? -2.014  8.364   -9.363  1.00 24.25  ? 47   ILE B CB  1 
ATOM   1114 C CG1 . ILE B 1 47 ? -2.696  9.243   -8.320  1.00 30.99  ? 47   ILE B CG1 1 
ATOM   1115 C CG2 . ILE B 1 47 ? -0.681  8.969   -9.797  1.00 33.44  ? 47   ILE B CG2 1 
ATOM   1116 C CD1 . ILE B 1 47 ? -1.868  9.433   -7.068  1.00 32.12  ? 47   ILE B CD1 1 
ATOM   1117 N N   . GLY B 1 48 ? -4.077  6.018   -10.220 1.00 28.98  ? 48   GLY B N   1 
ATOM   1118 C CA  . GLY B 1 48 ? -5.218  5.165   -10.011 1.00 34.68  ? 48   GLY B CA  1 
ATOM   1119 C C   . GLY B 1 48 ? -4.982  3.953   -9.131  1.00 31.89  ? 48   GLY B C   1 
ATOM   1120 O O   . GLY B 1 48 ? -3.886  3.570   -8.750  1.00 33.69  ? 48   GLY B O   1 
ATOM   1121 N N   . GLY B 1 49 ? -6.105  3.335   -8.813  1.00 27.92  ? 49   GLY B N   1 
ATOM   1122 C CA  . GLY B 1 49 ? -6.188  2.091   -8.096  1.00 30.73  ? 49   GLY B CA  1 
ATOM   1123 C C   . GLY B 1 49 ? -7.622  1.565   -8.184  1.00 27.24  ? 49   GLY B C   1 
ATOM   1124 O O   . GLY B 1 49 ? -8.404  2.011   -9.023  1.00 28.27  ? 49   GLY B O   1 
ATOM   1125 N N   . ILE B 1 50 ? -7.866  0.634   -7.279  1.00 35.69  ? 50   ILE B N   1 
ATOM   1126 C CA  . ILE B 1 50 ? -9.177  0.075   -7.017  1.00 35.76  ? 50   ILE B CA  1 
ATOM   1127 C C   . ILE B 1 50 ? -10.146 1.240   -6.991  1.00 31.69  ? 50   ILE B C   1 
ATOM   1128 O O   . ILE B 1 50 ? -10.018 2.147   -6.170  1.00 34.14  ? 50   ILE B O   1 
ATOM   1129 C CB  . ILE B 1 50 ? -9.148  -0.706  -5.693  1.00 35.48  ? 50   ILE B CB  1 
ATOM   1130 C CG1 . ILE B 1 50 ? -8.257  -1.949  -5.759  1.00 44.87  ? 50   ILE B CG1 1 
ATOM   1131 C CG2 . ILE B 1 50 ? -10.542 -1.064  -5.214  1.00 41.90  ? 50   ILE B CG2 1 
ATOM   1132 C CD1 . ILE B 1 50 ? -7.772  -2.451  -4.420  1.00 58.51  ? 50   ILE B CD1 1 
ATOM   1133 N N   . GLY B 1 51 ? -11.080 1.279   -7.934  1.00 30.60  ? 51   GLY B N   1 
ATOM   1134 C CA  . GLY B 1 51 ? -11.989 2.410   -7.907  1.00 36.31  ? 51   GLY B CA  1 
ATOM   1135 C C   . GLY B 1 51 ? -11.780 3.321   -9.095  1.00 40.05  ? 51   GLY B C   1 
ATOM   1136 O O   . GLY B 1 51 ? -12.751 3.816   -9.665  1.00 49.75  ? 51   GLY B O   1 
ATOM   1137 N N   . GLY B 1 52 ? -10.508 3.536   -9.446  1.00 35.28  ? 52   GLY B N   1 
ATOM   1138 C CA  . GLY B 1 52 ? -10.268 4.483   -10.526 1.00 33.22  ? 52   GLY B CA  1 
ATOM   1139 C C   . GLY B 1 52 ? -9.136  5.441   -10.213 1.00 29.74  ? 52   GLY B C   1 
ATOM   1140 O O   . GLY B 1 52 ? -8.215  5.103   -9.474  1.00 35.29  ? 52   GLY B O   1 
ATOM   1141 N N   . PHE B 1 53 ? -9.214  6.631   -10.803 1.00 30.05  ? 53   PHE B N   1 
ATOM   1142 C CA  . PHE B 1 53 ? -8.097  7.546   -10.877 1.00 24.00  ? 53   PHE B CA  1 
ATOM   1143 C C   . PHE B 1 53 ? -8.432  8.903   -10.274 1.00 31.40  ? 53   PHE B C   1 
ATOM   1144 O O   . PHE B 1 53 ? -9.590  9.295   -10.348 1.00 30.41  ? 53   PHE B O   1 
ATOM   1145 C CB  . PHE B 1 53 ? -7.669  7.756   -12.342 1.00 25.28  ? 53   PHE B CB  1 
ATOM   1146 C CG  . PHE B 1 53 ? -6.895  6.583   -12.921 1.00 26.40  ? 53   PHE B CG  1 
ATOM   1147 C CD1 . PHE B 1 53 ? -7.553  5.401   -13.233 1.00 30.95  ? 53   PHE B CD1 1 
ATOM   1148 C CD2 . PHE B 1 53 ? -5.532  6.678   -13.122 1.00 24.44  ? 53   PHE B CD2 1 
ATOM   1149 C CE1 . PHE B 1 53 ? -6.871  4.311   -13.740 1.00 26.64  ? 53   PHE B CE1 1 
ATOM   1150 C CE2 . PHE B 1 53 ? -4.851  5.590   -13.633 1.00 32.52  ? 53   PHE B CE2 1 
ATOM   1151 C CZ  . PHE B 1 53 ? -5.504  4.409   -13.929 1.00 27.28  ? 53   PHE B CZ  1 
ATOM   1152 N N   . ILE B 1 54 ? -7.412  9.552   -9.716  1.00 29.90  ? 54   ILE B N   1 
ATOM   1153 C CA  . ILE B 1 54 ? -7.515  10.954  -9.333  1.00 28.33  ? 54   ILE B CA  1 
ATOM   1154 C C   . ILE B 1 54 ? -6.444  11.763  -10.076 1.00 29.81  ? 54   ILE B C   1 
ATOM   1155 O O   . ILE B 1 54 ? -5.394  11.194  -10.399 1.00 24.18  ? 54   ILE B O   1 
ATOM   1156 C CB  . ILE B 1 54 ? -7.341  11.217  -7.834  1.00 33.88  ? 54   ILE B CB  1 
ATOM   1157 C CG1 . ILE B 1 54 ? -6.007  10.758  -7.245  1.00 33.96  ? 54   ILE B CG1 1 
ATOM   1158 C CG2 . ILE B 1 54 ? -8.496  10.600  -7.060  1.00 44.17  ? 54   ILE B CG2 1 
ATOM   1159 C CD1 . ILE B 1 54 ? -5.722  11.354  -5.875  1.00 31.27  ? 54   ILE B CD1 1 
ATOM   1160 N N   . LYS B 1 55 ? -6.759  13.021  -10.300 1.00 26.22  ? 55   LYS B N   1 
ATOM   1161 C CA  . LYS B 1 55 ? -5.843  14.005  -10.850 1.00 24.58  ? 55   LYS B CA  1 
ATOM   1162 C C   . LYS B 1 55 ? -4.941  14.552  -9.757  1.00 22.78  ? 55   LYS B C   1 
ATOM   1163 O O   . LYS B 1 55 ? -5.391  14.976  -8.692  1.00 29.27  ? 55   LYS B O   1 
ATOM   1164 C CB  . LYS B 1 55 ? -6.618  15.140  -11.522 1.00 33.72  ? 55   LYS B CB  1 
ATOM   1165 C CG  . LYS B 1 55 ? -5.750  16.208  -12.175 1.00 42.56  ? 55   LYS B CG  1 
ATOM   1166 C CD  . LYS B 1 55 ? -6.298  17.603  -11.910 1.00 57.77  ? 55   LYS B CD  1 
ATOM   1167 C CE  . LYS B 1 55 ? -6.102  18.026  -10.464 1.00 67.74  ? 55   LYS B CE  1 
ATOM   1168 N NZ  . LYS B 1 55 ? -5.760  19.470  -10.324 1.00 67.28  ? 55   LYS B NZ  1 
ATOM   1169 N N   . VAL B 1 56 ? -3.632  14.546  -9.974  1.00 23.60  ? 56   VAL B N   1 
ATOM   1170 C CA  . VAL B 1 56 ? -2.721  15.108  -8.993  1.00 21.12  ? 56   VAL B CA  1 
ATOM   1171 C C   . VAL B 1 56 ? -1.669  16.013  -9.623  1.00 26.76  ? 56   VAL B C   1 
ATOM   1172 O O   . VAL B 1 56 ? -1.463  15.976  -10.841 1.00 25.25  ? 56   VAL B O   1 
ATOM   1173 C CB  . VAL B 1 56 ? -1.996  13.979  -8.245  1.00 25.42  ? 56   VAL B CB  1 
ATOM   1174 C CG1 . VAL B 1 56 ? -2.971  13.132  -7.441  1.00 23.32  ? 56   VAL B CG1 1 
ATOM   1175 C CG2 . VAL B 1 56 ? -1.218  13.126  -9.231  1.00 23.40  ? 56   VAL B CG2 1 
ATOM   1176 N N   . ARG B 1 57 ? -1.006  16.804  -8.772  1.00 26.59  ? 57   ARG B N   1 
ATOM   1177 C CA  . ARG B 1 57 ? 0.033   17.692  -9.302  1.00 27.06  ? 57   ARG B CA  1 
ATOM   1178 C C   . ARG B 1 57 ? 1.385   17.158  -8.850  1.00 29.29  ? 57   ARG B C   1 
ATOM   1179 O O   . ARG B 1 57 ? 1.614   16.912  -7.665  1.00 34.23  ? 57   ARG B O   1 
ATOM   1180 C CB  . ARG B 1 57 ? -0.172  19.133  -8.869  1.00 30.83  ? 57   ARG B CB  1 
ATOM   1181 C CG  . ARG B 1 57 ? -1.547  19.706  -9.126  1.00 30.12  ? 57   ARG B CG  1 
ATOM   1182 C CD  . ARG B 1 57 ? -1.647  21.172  -8.769  1.00 35.72  ? 57   ARG B CD  1 
ATOM   1183 N NE  . ARG B 1 57 ? -1.433  21.466  -7.376  1.00 32.63  ? 57   ARG B NE  1 
ATOM   1184 C CZ  . ARG B 1 57 ? -2.193  21.347  -6.314  1.00 39.95  ? 57   ARG B CZ  1 
ATOM   1185 N NH1 . ARG B 1 57 ? -3.431  20.870  -6.392  1.00 50.37  ? 57   ARG B NH1 1 
ATOM   1186 N NH2 . ARG B 1 57 ? -1.715  21.708  -5.124  1.00 50.18  ? 57   ARG B NH2 1 
ATOM   1187 N N   . GLN B 1 58 ? 2.265   16.938  -9.809  1.00 28.64  ? 58   GLN B N   1 
ATOM   1188 C CA  . GLN B 1 58 ? 3.548   16.329  -9.515  1.00 26.43  ? 58   GLN B CA  1 
ATOM   1189 C C   . GLN B 1 58 ? 4.594   17.407  -9.243  1.00 32.16  ? 58   GLN B C   1 
ATOM   1190 O O   . GLN B 1 58 ? 4.940   18.118  -10.195 1.00 26.48  ? 58   GLN B O   1 
ATOM   1191 C CB  . GLN B 1 58 ? 4.018   15.445  -10.674 1.00 25.04  ? 58   GLN B CB  1 
ATOM   1192 C CG  . GLN B 1 58 ? 5.268   14.657  -10.384 1.00 29.08  ? 58   GLN B CG  1 
ATOM   1193 C CD  . GLN B 1 58 ? 5.864   13.918  -11.555 1.00 39.75  ? 58   GLN B CD  1 
ATOM   1194 O OE1 . GLN B 1 58 ? 5.172   13.386  -12.425 1.00 46.20  ? 58   GLN B OE1 1 
ATOM   1195 N NE2 . GLN B 1 58 ? 7.194   13.864  -11.588 1.00 57.56  ? 58   GLN B NE2 1 
ATOM   1196 N N   . TYR B 1 59 ? 5.061   17.462  -7.995  1.00 26.63  ? 59   TYR B N   1 
ATOM   1197 C CA  . TYR B 1 59 ? 6.194   18.331  -7.679  1.00 25.29  ? 59   TYR B CA  1 
ATOM   1198 C C   . TYR B 1 59 ? 7.476   17.522  -7.529  1.00 34.03  ? 59   TYR B C   1 
ATOM   1199 O O   . TYR B 1 59 ? 7.482   16.426  -6.956  1.00 29.76  ? 59   TYR B O   1 
ATOM   1200 C CB  . TYR B 1 59 ? 5.947   19.105  -6.393  1.00 28.16  ? 59   TYR B CB  1 
ATOM   1201 C CG  . TYR B 1 59 ? 4.823   20.100  -6.456  1.00 33.53  ? 59   TYR B CG  1 
ATOM   1202 C CD1 . TYR B 1 59 ? 3.489   19.731  -6.366  1.00 32.06  ? 59   TYR B CD1 1 
ATOM   1203 C CD2 . TYR B 1 59 ? 5.140   21.444  -6.605  1.00 34.28  ? 59   TYR B CD2 1 
ATOM   1204 C CE1 . TYR B 1 59 ? 2.469   20.668  -6.426  1.00 35.81  ? 59   TYR B CE1 1 
ATOM   1205 C CE2 . TYR B 1 59 ? 4.138   22.375  -6.665  1.00 30.61  ? 59   TYR B CE2 1 
ATOM   1206 C CZ  . TYR B 1 59 ? 2.821   21.992  -6.580  1.00 38.59  ? 59   TYR B CZ  1 
ATOM   1207 O OH  . TYR B 1 59 ? 1.881   22.991  -6.645  1.00 56.47  ? 59   TYR B OH  1 
ATOM   1208 N N   . ASP B 1 60 ? 8.597   18.058  -8.020  1.00 34.14  ? 60   ASP B N   1 
ATOM   1209 C CA  . ASP B 1 60 ? 9.858   17.355  -7.783  1.00 36.04  ? 60   ASP B CA  1 
ATOM   1210 C C   . ASP B 1 60 ? 10.710  18.041  -6.721  1.00 30.03  ? 60   ASP B C   1 
ATOM   1211 O O   . ASP B 1 60 ? 10.522  19.203  -6.372  1.00 25.28  ? 60   ASP B O   1 
ATOM   1212 C CB  . ASP B 1 60 ? 10.651  17.203  -9.074  1.00 40.74  ? 60   ASP B CB  1 
ATOM   1213 C CG  . ASP B 1 60 ? 9.810   16.533  -10.147 1.00 48.67  ? 60   ASP B CG  1 
ATOM   1214 O OD1 . ASP B 1 60 ? 9.147   15.520  -9.851  1.00 38.07  ? 60   ASP B OD1 1 
ATOM   1215 O OD2 . ASP B 1 60 ? 9.813   17.028  -11.293 1.00 63.35  ? 60   ASP B OD2 1 
ATOM   1216 N N   . GLN B 1 61 ? 11.635  17.243  -6.204  1.00 37.32  ? 61   GLN B N   1 
ATOM   1217 C CA  . GLN B 1 61 ? 12.658  17.665  -5.256  1.00 40.17  ? 61   GLN B CA  1 
ATOM   1218 C C   . GLN B 1 61 ? 12.066  18.278  -4.001  1.00 35.17  ? 61   GLN B C   1 
ATOM   1219 O O   . GLN B 1 61 ? 12.433  19.363  -3.546  1.00 37.73  ? 61   GLN B O   1 
ATOM   1220 C CB  . GLN B 1 61 ? 13.595  18.632  -6.002  1.00 43.53  ? 61   GLN B CB  1 
ATOM   1221 C CG  . GLN B 1 61 ? 14.679  17.933  -6.806  1.00 42.53  ? 61   GLN B CG  1 
ATOM   1222 C CD  . GLN B 1 61 ? 14.247  17.260  -8.083  1.00 68.90  ? 61   GLN B CD  1 
ATOM   1223 O OE1 . GLN B 1 61 ? 14.072  17.892  -9.130  1.00 103.45 ? 61   GLN B OE1 1 
ATOM   1224 N NE2 . GLN B 1 61 ? 14.078  15.939  -8.035  1.00 88.94  ? 61   GLN B NE2 1 
ATOM   1225 N N   . ILE B 1 62 ? 11.100  17.572  -3.418  1.00 28.74  ? 62   ILE B N   1 
ATOM   1226 C CA  . ILE B 1 62 ? 10.407  18.020  -2.218  1.00 23.46  ? 62   ILE B CA  1 
ATOM   1227 C C   . ILE B 1 62 ? 10.982  17.248  -1.037  1.00 25.24  ? 62   ILE B C   1 
ATOM   1228 O O   . ILE B 1 62 ? 11.131  16.030  -1.161  1.00 26.87  ? 62   ILE B O   1 
ATOM   1229 C CB  . ILE B 1 62 ? 8.883   17.822  -2.285  1.00 28.52  ? 62   ILE B CB  1 
ATOM   1230 C CG1 . ILE B 1 62 ? 8.218   18.562  -3.449  1.00 27.27  ? 62   ILE B CG1 1 
ATOM   1231 C CG2 . ILE B 1 62 ? 8.218   18.173  -0.960  1.00 27.26  ? 62   ILE B CG2 1 
ATOM   1232 C CD1 . ILE B 1 62 ? 8.458   20.032  -3.624  1.00 28.67  ? 62   ILE B CD1 1 
ATOM   1233 N N   . LEU B 1 63 ? 11.291  17.976  0.021   1.00 30.49  ? 63   LEU B N   1 
ATOM   1234 C CA  . LEU B 1 63 ? 11.818  17.439  1.264   1.00 32.43  ? 63   LEU B CA  1 
ATOM   1235 C C   . LEU B 1 63 ? 10.711  16.927  2.171   1.00 27.98  ? 63   LEU B C   1 
ATOM   1236 O O   . LEU B 1 63 ? 9.810   17.678  2.546   1.00 30.43  ? 63   LEU B O   1 
ATOM   1237 C CB  . LEU B 1 63 ? 12.596  18.506  2.047   0.68 29.81  ? 63   LEU B CB  1 
ATOM   1238 C CG  . LEU B 1 63 ? 13.837  18.051  2.811   0.68 39.89  ? 63   LEU B CG  1 
ATOM   1239 C CD1 . LEU B 1 63 ? 14.625  19.249  3.332   0.68 43.00  ? 63   LEU B CD1 1 
ATOM   1240 C CD2 . LEU B 1 63 ? 13.474  17.122  3.956   0.68 40.04  ? 63   LEU B CD2 1 
ATOM   1241 N N   . ILE B 1 64 ? 10.758  15.657  2.569   1.00 25.89  ? 64   ILE B N   1 
ATOM   1242 C CA  . ILE B 1 64 ? 9.849   15.201  3.621   1.00 28.12  ? 64   ILE B CA  1 
ATOM   1243 C C   . ILE B 1 64 ? 10.660  14.586  4.752   1.00 26.76  ? 64   ILE B C   1 
ATOM   1244 O O   . ILE B 1 64 ? 11.478  13.699  4.520   1.00 30.91  ? 64   ILE B O   1 
ATOM   1245 C CB  . ILE B 1 64 ? 8.830   14.179  3.101   1.00 29.07  ? 64   ILE B CB  1 
ATOM   1246 C CG1 . ILE B 1 64 ? 8.033   14.712  1.913   1.00 33.52  ? 64   ILE B CG1 1 
ATOM   1247 C CG2 . ILE B 1 64 ? 7.946   13.697  4.234   1.00 29.67  ? 64   ILE B CG2 1 
ATOM   1248 C CD1 . ILE B 1 64 ? 6.680   14.060  1.721   1.00 36.83  ? 64   ILE B CD1 1 
ATOM   1249 N N   . GLU B 1 65 ? 10.476  15.043  5.978   1.00 30.53  ? 65   GLU B N   1 
ATOM   1250 C CA  . GLU B 1 65 ? 11.257  14.421  7.052   1.00 33.10  ? 65   GLU B CA  1 
ATOM   1251 C C   . GLU B 1 65 ? 10.406  13.333  7.678   1.00 26.30  ? 65   GLU B C   1 
ATOM   1252 O O   . GLU B 1 65 ? 9.247   13.520  8.014   1.00 30.09  ? 65   GLU B O   1 
ATOM   1253 C CB  . GLU B 1 65 ? 11.707  15.471  8.063   1.00 40.89  ? 65   GLU B CB  1 
ATOM   1254 C CG  . GLU B 1 65 ? 12.503  14.908  9.229   1.00 43.92  ? 65   GLU B CG  1 
ATOM   1255 C CD  . GLU B 1 65 ? 13.468  15.922  9.815   1.00 49.90  ? 65   GLU B CD  1 
ATOM   1256 O OE1 . GLU B 1 65 ? 14.193  15.568  10.767  1.00 64.10  ? 65   GLU B OE1 1 
ATOM   1257 O OE2 . GLU B 1 65 ? 13.497  17.067  9.317   1.00 63.53  ? 65   GLU B OE2 1 
ATOM   1258 N N   . ILE B 1 66 ? 10.995  12.161  7.810   1.00 33.70  ? 66   ILE B N   1 
ATOM   1259 C CA  . ILE B 1 66 ? 10.224  11.035  8.330   1.00 30.93  ? 66   ILE B CA  1 
ATOM   1260 C C   . ILE B 1 66 ? 10.971  10.443  9.514   1.00 36.69  ? 66   ILE B C   1 
ATOM   1261 O O   . ILE B 1 66 ? 12.010  9.814   9.323   1.00 35.50  ? 66   ILE B O   1 
ATOM   1262 C CB  . ILE B 1 66 ? 9.992   9.988   7.239   1.00 34.12  ? 66   ILE B CB  1 
ATOM   1263 C CG1 . ILE B 1 66 ? 9.115   10.494  6.097   1.00 41.29  ? 66   ILE B CG1 1 
ATOM   1264 C CG2 . ILE B 1 66 ? 9.410   8.703   7.815   1.00 53.52  ? 66   ILE B CG2 1 
ATOM   1265 C CD1 . ILE B 1 66 ? 9.584   10.051  4.729   1.00 42.17  ? 66   ILE B CD1 1 
ATOM   1266 N N   . CYS B 1 67 ? 10.431  10.669  10.704  1.00 50.91  ? 67   CYS B N   1 
ATOM   1267 C CA  . CYS B 1 67 ? 11.039  10.172  11.937  1.00 50.91  ? 67   CYS B CA  1 
ATOM   1268 C C   . CYS B 1 67 ? 12.518  10.527  11.974  1.00 49.13  ? 67   CYS B C   1 
ATOM   1269 O O   . CYS B 1 67 ? 13.397  9.744   12.313  1.00 39.26  ? 67   CYS B O   1 
ATOM   1270 C CB  . CYS B 1 67 ? 10.815  8.664   12.084  1.00 55.08  ? 67   CYS B CB  1 
ATOM   1271 S SG  . CYS B 1 67 ? 9.081   8.135   12.010  1.00 60.46  ? 67   CYS B SG  1 
ATOM   1272 N N   . GLY B 1 68 ? 12.808  11.771  11.583  1.00 54.58  ? 68   GLY B N   1 
ATOM   1273 C CA  . GLY B 1 68 ? 14.160  12.271  11.641  1.00 45.86  ? 68   GLY B CA  1 
ATOM   1274 C C   . GLY B 1 68 ? 15.002  11.979  10.420  1.00 40.49  ? 68   GLY B C   1 
ATOM   1275 O O   . GLY B 1 68 ? 16.154  12.399  10.410  1.00 39.48  ? 68   GLY B O   1 
ATOM   1276 N N   . HIS B 1 69 ? 14.481  11.293  9.412   1.00 32.93  ? 69   HIS B N   1 
ATOM   1277 C CA  . HIS B 1 69 ? 15.225  10.956  8.208   1.00 35.07  ? 69   HIS B CA  1 
ATOM   1278 C C   . HIS B 1 69 ? 14.804  11.856  7.048   1.00 32.30  ? 69   HIS B C   1 
ATOM   1279 O O   . HIS B 1 69 ? 13.618  11.849  6.711   1.00 34.75  ? 69   HIS B O   1 
ATOM   1280 C CB  . HIS B 1 69 ? 14.991  9.514   7.759   1.00 33.65  ? 69   HIS B CB  1 
ATOM   1281 C CG  . HIS B 1 69 ? 15.479  8.419   8.637   1.00 32.39  ? 69   HIS B CG  1 
ATOM   1282 N ND1 . HIS B 1 69 ? 16.526  7.597   8.264   1.00 35.28  ? 69   HIS B ND1 1 
ATOM   1283 C CD2 . HIS B 1 69 ? 15.081  7.985   9.860   1.00 31.71  ? 69   HIS B CD2 1 
ATOM   1284 C CE1 . HIS B 1 69 ? 16.753  6.715   9.216   1.00 34.20  ? 69   HIS B CE1 1 
ATOM   1285 N NE2 . HIS B 1 69 ? 15.891  6.936   10.195  1.00 28.49  ? 69   HIS B NE2 1 
ATOM   1286 N N   . LYS B 1 70 ? 15.717  12.589  6.422   1.00 28.51  ? 70   LYS B N   1 
ATOM   1287 C CA  . LYS B 1 70 ? 15.297  13.489  5.342   1.00 28.37  ? 70   LYS B CA  1 
ATOM   1288 C C   . LYS B 1 70 ? 15.284  12.806  3.992   1.00 28.16  ? 70   LYS B C   1 
ATOM   1289 O O   . LYS B 1 70 ? 16.270  12.350  3.425   1.00 28.83  ? 70   LYS B O   1 
ATOM   1290 C CB  . LYS B 1 70 ? 16.204  14.735  5.329   1.00 26.89  ? 70   LYS B CB  1 
ATOM   1291 C CG  . LYS B 1 70 ? 16.012  15.542  6.603   1.00 32.09  ? 70   LYS B CG  1 
ATOM   1292 C CD  . LYS B 1 70 ? 16.802  16.836  6.607   1.00 36.60  ? 70   LYS B CD  1 
ATOM   1293 C CE  . LYS B 1 70 ? 16.821  17.438  8.012   1.00 37.73  ? 70   LYS B CE  1 
ATOM   1294 N NZ  . LYS B 1 70 ? 16.156  18.776  8.029   1.00 59.44  ? 70   LYS B NZ  1 
ATOM   1295 N N   . ALA B 1 71 ? 14.079  12.731  3.419   1.00 33.95  ? 71   ALA B N   1 
ATOM   1296 C CA  . ALA B 1 71 ? 13.921  12.197  2.076   1.00 27.24  ? 71   ALA B CA  1 
ATOM   1297 C C   . ALA B 1 71 ? 13.583  13.340  1.121   1.00 27.41  ? 71   ALA B C   1 
ATOM   1298 O O   . ALA B 1 71 ? 12.809  14.217  1.500   1.00 26.39  ? 71   ALA B O   1 
ATOM   1299 C CB  . ALA B 1 71 ? 12.827  11.145  2.007   1.00 34.16  ? 71   ALA B CB  1 
ATOM   1300 N N   . ILE B 1 72 ? 14.150  13.279  -0.074  1.00 30.06  ? 72   ILE B N   1 
ATOM   1301 C CA  . ILE B 1 72 ? 13.926  14.334  -1.063  1.00 31.11  ? 72   ILE B CA  1 
ATOM   1302 C C   . ILE B 1 72 ? 13.566  13.693  -2.381  1.00 25.51  ? 72   ILE B C   1 
ATOM   1303 O O   . ILE B 1 72 ? 14.328  12.870  -2.895  1.00 30.90  ? 72   ILE B O   1 
ATOM   1304 C CB  . ILE B 1 72 ? 15.182  15.202  -1.238  1.00 33.47  ? 72   ILE B CB  1 
ATOM   1305 C CG1 . ILE B 1 72 ? 15.665  15.821  0.077   1.00 39.63  ? 72   ILE B CG1 1 
ATOM   1306 C CG2 . ILE B 1 72 ? 14.934  16.242  -2.305  1.00 36.84  ? 72   ILE B CG2 1 
ATOM   1307 C CD1 . ILE B 1 72 ? 16.977  16.565  -0.075  1.00 45.80  ? 72   ILE B CD1 1 
ATOM   1308 N N   . GLY B 1 73 ? 12.401  14.034  -2.912  1.00 25.65  ? 73   GLY B N   1 
ATOM   1309 C CA  . GLY B 1 73 ? 12.021  13.451  -4.183  1.00 23.10  ? 73   GLY B CA  1 
ATOM   1310 C C   . GLY B 1 73 ? 10.655  13.942  -4.631  1.00 23.68  ? 73   GLY B C   1 
ATOM   1311 O O   . GLY B 1 73 ? 10.106  14.910  -4.119  1.00 27.99  ? 73   GLY B O   1 
ATOM   1312 N N   . THR B 1 74 ? 10.120  13.232  -5.608  1.00 30.32  ? 74   THR B N   1 
ATOM   1313 C CA  . THR B 1 74 ? 8.834   13.595  -6.197  1.00 26.14  ? 74   THR B CA  1 
ATOM   1314 C C   . THR B 1 74 ? 7.676   13.333  -5.267  1.00 30.25  ? 74   THR B C   1 
ATOM   1315 O O   . THR B 1 74 ? 7.621   12.287  -4.619  1.00 26.41  ? 74   THR B O   1 
ATOM   1316 C CB  . THR B 1 74 ? 8.681   12.772  -7.496  1.00 29.37  ? 74   THR B CB  1 
ATOM   1317 O OG1 . THR B 1 74 ? 9.773   13.195  -8.323  1.00 32.73  ? 74   THR B OG1 1 
ATOM   1318 C CG2 . THR B 1 74 ? 7.383   13.041  -8.214  1.00 34.87  ? 74   THR B CG2 1 
ATOM   1319 N N   . VAL B 1 75 ? 6.762   14.294  -5.213  1.00 25.65  ? 75   VAL B N   1 
ATOM   1320 C CA  . VAL B 1 75 ? 5.514   14.104  -4.497  1.00 24.77  ? 75   VAL B CA  1 
ATOM   1321 C C   . VAL B 1 75 ? 4.355   14.515  -5.402  1.00 30.00  ? 75   VAL B C   1 
ATOM   1322 O O   . VAL B 1 75 ? 4.478   15.409  -6.236  1.00 27.60  ? 75   VAL B O   1 
ATOM   1323 C CB  . VAL B 1 75 ? 5.484   14.880  -3.174  1.00 34.96  ? 75   VAL B CB  1 
ATOM   1324 C CG1 . VAL B 1 75 ? 6.645   14.392  -2.311  1.00 26.61  ? 75   VAL B CG1 1 
ATOM   1325 C CG2 . VAL B 1 75 ? 5.535   16.374  -3.441  1.00 35.65  ? 75   VAL B CG2 1 
ATOM   1326 N N   . LEU B 1 76 ? 3.263   13.794  -5.215  1.00 26.87  ? 76   LEU B N   1 
ATOM   1327 C CA  . LEU B 1 76 ? 2.014   13.996  -5.922  1.00 23.30  ? 76   LEU B CA  1 
ATOM   1328 C C   . LEU B 1 76 ? 0.968   14.565  -4.964  1.00 27.98  ? 76   LEU B C   1 
ATOM   1329 O O   . LEU B 1 76 ? 0.633   13.982  -3.937  1.00 32.24  ? 76   LEU B O   1 
ATOM   1330 C CB  . LEU B 1 76 ? 1.545   12.682  -6.530  1.00 18.46  ? 76   LEU B CB  1 
ATOM   1331 C CG  . LEU B 1 76 ? 2.540   11.844  -7.308  1.00 21.60  ? 76   LEU B CG  1 
ATOM   1332 C CD1 . LEU B 1 76 ? 1.899   10.618  -7.942  1.00 26.86  ? 76   LEU B CD1 1 
ATOM   1333 C CD2 . LEU B 1 76 ? 3.213   12.708  -8.377  1.00 28.00  ? 76   LEU B CD2 1 
ATOM   1334 N N   . VAL B 1 77 ? 0.432   15.733  -5.290  1.00 24.26  ? 77   VAL B N   1 
ATOM   1335 C CA  . VAL B 1 77 ? -0.497  16.447  -4.432  1.00 24.37  ? 77   VAL B CA  1 
ATOM   1336 C C   . VAL B 1 77 ? -1.894  16.411  -5.044  1.00 29.32  ? 77   VAL B C   1 
ATOM   1337 O O   . VAL B 1 77 ? -2.029  16.744  -6.230  1.00 25.85  ? 77   VAL B O   1 
ATOM   1338 C CB  . VAL B 1 77 ? -0.071  17.921  -4.236  1.00 27.41  ? 77   VAL B CB  1 
ATOM   1339 C CG1 . VAL B 1 77 ? -1.121  18.679  -3.448  1.00 25.76  ? 77   VAL B CG1 1 
ATOM   1340 C CG2 . VAL B 1 77 ? 1.290   17.983  -3.556  1.00 29.76  ? 77   VAL B CG2 1 
ATOM   1341 N N   . GLY B 1 78 ? -2.861  16.006  -4.238  1.00 21.10  ? 78   GLY B N   1 
ATOM   1342 C CA  . GLY B 1 78 ? -4.229  15.871  -4.688  1.00 26.20  ? 78   GLY B CA  1 
ATOM   1343 C C   . GLY B 1 78 ? -5.196  15.480  -3.595  1.00 30.01  ? 78   GLY B C   1 
ATOM   1344 O O   . GLY B 1 78 ? -4.863  15.430  -2.408  1.00 27.36  ? 78   GLY B O   1 
ATOM   1345 N N   . PRO B 1 79 ? -6.429  15.203  -4.016  1.00 23.63  ? 79   PRO B N   1 
ATOM   1346 C CA  . PRO B 1 79 ? -7.513  14.867  -3.095  1.00 32.53  ? 79   PRO B CA  1 
ATOM   1347 C C   . PRO B 1 79 ? -7.457  13.430  -2.577  1.00 40.11  ? 79   PRO B C   1 
ATOM   1348 O O   . PRO B 1 79 ? -8.266  12.573  -2.911  1.00 37.93  ? 79   PRO B O   1 
ATOM   1349 C CB  . PRO B 1 79 ? -8.766  15.058  -3.951  1.00 29.10  ? 79   PRO B CB  1 
ATOM   1350 C CG  . PRO B 1 79 ? -8.314  14.894  -5.358  1.00 25.97  ? 79   PRO B CG  1 
ATOM   1351 C CD  . PRO B 1 79 ? -6.861  15.249  -5.415  1.00 24.81  ? 79   PRO B CD  1 
ATOM   1352 N N   . THR B 1 80 ? -6.479  13.172  -1.727  1.00 30.57  ? 80   THR B N   1 
ATOM   1353 C CA  . THR B 1 80 ? -6.387  11.917  -0.984  1.00 30.25  ? 80   THR B CA  1 
ATOM   1354 C C   . THR B 1 80 ? -6.786  12.217  0.454   1.00 34.62  ? 80   THR B C   1 
ATOM   1355 O O   . THR B 1 80 ? -6.472  13.304  0.955   1.00 32.53  ? 80   THR B O   1 
ATOM   1356 C CB  . THR B 1 80 ? -4.981  11.297  -1.042  1.00 29.93  ? 80   THR B CB  1 
ATOM   1357 O OG1 . THR B 1 80 ? -4.863  10.231  -0.082  1.00 32.96  ? 80   THR B OG1 1 
ATOM   1358 C CG2 . THR B 1 80 ? -3.904  12.310  -0.664  1.00 27.61  ? 80   THR B CG2 1 
ATOM   1359 N N   . PRO B 1 81 ? -7.473  11.314  1.139   1.00 29.98  ? 81   PRO B N   1 
ATOM   1360 C CA  . PRO B 1 81 ? -7.805  11.526  2.540   1.00 35.72  ? 81   PRO B CA  1 
ATOM   1361 C C   . PRO B 1 81 ? -6.649  11.267  3.496   1.00 39.42  ? 81   PRO B C   1 
ATOM   1362 O O   . PRO B 1 81 ? -6.789  11.555  4.681   1.00 38.53  ? 81   PRO B O   1 
ATOM   1363 C CB  . PRO B 1 81 ? -8.836  10.420  2.819   1.00 34.76  ? 81   PRO B CB  1 
ATOM   1364 C CG  . PRO B 1 81 ? -8.413  9.336   1.883   1.00 34.69  ? 81   PRO B CG  1 
ATOM   1365 C CD  . PRO B 1 81 ? -8.002  10.046  0.617   1.00 36.15  ? 81   PRO B CD  1 
ATOM   1366 N N   . VAL B 1 82 ? -5.563  10.692  2.995   1.00 32.29  ? 82   VAL B N   1 
ATOM   1367 C CA  . VAL B 1 82 ? -4.404  10.358  3.798   1.00 30.52  ? 82   VAL B CA  1 
ATOM   1368 C C   . VAL B 1 82 ? -3.105  10.612  3.033   1.00 24.44  ? 82   VAL B C   1 
ATOM   1369 O O   . VAL B 1 82 ? -3.017  10.291  1.849   1.00 25.96  ? 82   VAL B O   1 
ATOM   1370 C CB  . VAL B 1 82 ? -4.359  8.875   4.239   1.00 41.44  ? 82   VAL B CB  1 
ATOM   1371 C CG1 . VAL B 1 82 ? -3.292  8.713   5.323   1.00 53.46  ? 82   VAL B CG1 1 
ATOM   1372 C CG2 . VAL B 1 82 ? -5.697  8.368   4.735   1.00 52.67  ? 82   VAL B CG2 1 
ATOM   1373 N N   . ASN B 1 83 ? -2.120  11.159  3.744   1.00 25.56  ? 83   ASN B N   1 
ATOM   1374 C CA  . ASN B 1 83 ? -0.776  11.289  3.183   1.00 24.96  ? 83   ASN B CA  1 
ATOM   1375 C C   . ASN B 1 83 ? -0.171  9.882   3.099   1.00 21.70  ? 83   ASN B C   1 
ATOM   1376 O O   . ASN B 1 83 ? -0.224  9.110   4.043   1.00 25.40  ? 83   ASN B O   1 
ATOM   1377 C CB  . ASN B 1 83 ? 0.132   12.214  3.977   1.00 26.25  ? 83   ASN B CB  1 
ATOM   1378 C CG  . ASN B 1 83 ? -0.374  13.632  4.145   1.00 29.99  ? 83   ASN B CG  1 
ATOM   1379 O OD1 . ASN B 1 83 ? -0.600  14.383  3.193   1.00 30.82  ? 83   ASN B OD1 1 
ATOM   1380 N ND2 . ASN B 1 83 ? -0.525  14.020  5.408   1.00 36.85  ? 83   ASN B ND2 1 
ATOM   1381 N N   . ILE B 1 84 ? 0.398   9.599   1.946   1.00 21.09  ? 84   ILE B N   1 
ATOM   1382 C CA  . ILE B 1 84 ? 0.936   8.290   1.616   1.00 21.31  ? 84   ILE B CA  1 
ATOM   1383 C C   . ILE B 1 84 ? 2.418   8.401   1.256   1.00 22.98  ? 84   ILE B C   1 
ATOM   1384 O O   . ILE B 1 84 ? 2.739   9.073   0.268   1.00 24.54  ? 84   ILE B O   1 
ATOM   1385 C CB  . ILE B 1 84 ? 0.188   7.670   0.424   1.00 25.81  ? 84   ILE B CB  1 
ATOM   1386 C CG1 . ILE B 1 84 ? -1.274  7.300   0.696   1.00 32.50  ? 84   ILE B CG1 1 
ATOM   1387 C CG2 . ILE B 1 84 ? 0.917   6.439   -0.089  1.00 29.71  ? 84   ILE B CG2 1 
ATOM   1388 C CD1 . ILE B 1 84 ? -2.070  7.162   -0.586  1.00 37.65  ? 84   ILE B CD1 1 
ATOM   1389 N N   . ILE B 1 85 ? 3.279   7.775   2.046   1.00 21.05  ? 85   ILE B N   1 
ATOM   1390 C CA  . ILE B 1 85 ? 4.696   7.705   1.720   1.00 24.15  ? 85   ILE B CA  1 
ATOM   1391 C C   . ILE B 1 85 ? 4.950   6.422   0.917   1.00 25.25  ? 85   ILE B C   1 
ATOM   1392 O O   . ILE B 1 85 ? 4.808   5.315   1.423   1.00 24.72  ? 85   ILE B O   1 
ATOM   1393 C CB  . ILE B 1 85 ? 5.596   7.760   2.955   1.00 22.62  ? 85   ILE B CB  1 
ATOM   1394 C CG1 . ILE B 1 85 ? 5.350   8.956   3.881   1.00 23.92  ? 85   ILE B CG1 1 
ATOM   1395 C CG2 . ILE B 1 85 ? 7.055   7.713   2.519   1.00 24.73  ? 85   ILE B CG2 1 
ATOM   1396 C CD1 . ILE B 1 85 ? 5.408   10.303  3.179   1.00 30.65  ? 85   ILE B CD1 1 
ATOM   1397 N N   . GLY B 1 86 ? 5.297   6.589   -0.354  1.00 22.96  ? 86   GLY B N   1 
ATOM   1398 C CA  . GLY B 1 86 ? 5.501   5.460   -1.251  1.00 23.82  ? 86   GLY B CA  1 
ATOM   1399 C C   . GLY B 1 86 ? 6.955   5.045   -1.338  1.00 24.68  ? 86   GLY B C   1 
ATOM   1400 O O   . GLY B 1 86 ? 7.816   5.628   -0.688  1.00 20.18  ? 86   GLY B O   1 
ATOM   1401 N N   . ARG B 1 87 ? 7.258   4.033   -2.153  1.00 22.76  ? 87   ARG B N   1 
ATOM   1402 C CA  . ARG B 1 87 ? 8.605   3.479   -2.208  1.00 21.64  ? 87   ARG B CA  1 
ATOM   1403 C C   . ARG B 1 87 ? 9.657   4.494   -2.647  1.00 28.30  ? 87   ARG B C   1 
ATOM   1404 O O   . ARG B 1 87 ? 10.838  4.325   -2.286  1.00 24.12  ? 87   ARG B O   1 
ATOM   1405 C CB  . ARG B 1 87 ? 8.662   2.263   -3.146  1.00 21.78  ? 87   ARG B CB  1 
ATOM   1406 C CG  . ARG B 1 87 ? 7.798   1.105   -2.717  1.00 19.58  ? 87   ARG B CG  1 
ATOM   1407 C CD  . ARG B 1 87 ? 7.832   -0.122  -3.603  1.00 24.91  ? 87   ARG B CD  1 
ATOM   1408 N NE  . ARG B 1 87 ? 7.485   0.168   -4.990  1.00 26.56  ? 87   ARG B NE  1 
ATOM   1409 C CZ  . ARG B 1 87 ? 8.317   0.425   -5.989  1.00 25.51  ? 87   ARG B CZ  1 
ATOM   1410 N NH1 . ARG B 1 87 ? 9.637   0.440   -5.827  1.00 26.29  ? 87   ARG B NH1 1 
ATOM   1411 N NH2 . ARG B 1 87 ? 7.833   0.673   -7.205  1.00 25.85  ? 87   ARG B NH2 1 
ATOM   1412 N N   . ASN B 1 88 ? 9.255   5.522   -3.403  1.00 22.78  ? 88   ASN B N   1 
ATOM   1413 C CA  . ASN B 1 88 ? 10.274  6.463   -3.886  1.00 25.41  ? 88   ASN B CA  1 
ATOM   1414 C C   . ASN B 1 88 ? 10.960  7.151   -2.720  1.00 27.67  ? 88   ASN B C   1 
ATOM   1415 O O   . ASN B 1 88 ? 12.147  7.469   -2.811  1.00 27.05  ? 88   ASN B O   1 
ATOM   1416 C CB  . ASN B 1 88 ? 9.645   7.455   -4.867  1.00 31.15  ? 88   ASN B CB  1 
ATOM   1417 C CG  . ASN B 1 88 ? 8.791   8.504   -4.182  1.00 32.50  ? 88   ASN B CG  1 
ATOM   1418 O OD1 . ASN B 1 88 ? 7.841   8.162   -3.482  1.00 25.04  ? 88   ASN B OD1 1 
ATOM   1419 N ND2 . ASN B 1 88 ? 9.149   9.761   -4.400  1.00 24.90  ? 88   ASN B ND2 1 
ATOM   1420 N N   . LEU B 1 89 ? 10.228  7.361   -1.617  1.00 24.70  ? 89   LEU B N   1 
ATOM   1421 C CA  . LEU B 1 89 ? 10.880  7.910   -0.428  1.00 22.46  ? 89   LEU B CA  1 
ATOM   1422 C C   . LEU B 1 89 ? 11.193  6.844   0.609   1.00 26.21  ? 89   LEU B C   1 
ATOM   1423 O O   . LEU B 1 89 ? 12.140  7.014   1.373   1.00 28.67  ? 89   LEU B O   1 
ATOM   1424 C CB  . LEU B 1 89 ? 10.005  9.006   0.170   1.00 20.47  ? 89   LEU B CB  1 
ATOM   1425 C CG  . LEU B 1 89 ? 9.643   10.144  -0.793  1.00 25.66  ? 89   LEU B CG  1 
ATOM   1426 C CD1 . LEU B 1 89 ? 8.908   11.235  -0.043  1.00 28.84  ? 89   LEU B CD1 1 
ATOM   1427 C CD2 . LEU B 1 89 ? 10.889  10.683  -1.474  1.00 27.89  ? 89   LEU B CD2 1 
ATOM   1428 N N   . LEU B 1 90 ? 10.460  5.733   0.669   1.00 22.85  ? 90   LEU B N   1 
ATOM   1429 C CA  . LEU B 1 90 ? 10.766  4.718   1.683   1.00 23.37  ? 90   LEU B CA  1 
ATOM   1430 C C   . LEU B 1 90 ? 12.169  4.147   1.497   1.00 25.60  ? 90   LEU B C   1 
ATOM   1431 O O   . LEU B 1 90 ? 12.850  3.820   2.463   1.00 28.00  ? 90   LEU B O   1 
ATOM   1432 C CB  . LEU B 1 90 ? 9.756   3.570   1.606   1.00 21.56  ? 90   LEU B CB  1 
ATOM   1433 C CG  . LEU B 1 90 ? 8.301   3.920   1.892   1.00 20.59  ? 90   LEU B CG  1 
ATOM   1434 C CD1 . LEU B 1 90 ? 7.419   2.710   1.643   1.00 21.67  ? 90   LEU B CD1 1 
ATOM   1435 C CD2 . LEU B 1 90 ? 8.143   4.452   3.313   1.00 23.70  ? 90   LEU B CD2 1 
ATOM   1436 N N   . THR B 1 91 ? 12.593  4.027   0.235   1.00 26.22  ? 91   THR B N   1 
ATOM   1437 C CA  . THR B 1 91 ? 13.924  3.518   -0.055  1.00 25.36  ? 91   THR B CA  1 
ATOM   1438 C C   . THR B 1 91 ? 14.980  4.448   0.543   1.00 31.94  ? 91   THR B C   1 
ATOM   1439 O O   . THR B 1 91 ? 15.994  4.000   1.078   1.00 30.97  ? 91   THR B O   1 
ATOM   1440 C CB  . THR B 1 91 ? 14.221  3.351   -1.556  1.00 25.96  ? 91   THR B CB  1 
ATOM   1441 O OG1 . THR B 1 91 ? 13.878  4.537   -2.289  1.00 29.01  ? 91   THR B OG1 1 
ATOM   1442 C CG2 . THR B 1 91 ? 13.374  2.224   -2.131  1.00 30.28  ? 91   THR B CG2 1 
ATOM   1443 N N   . GLN B 1 92 ? 14.723  5.752   0.428   1.00 23.72  ? 92   GLN B N   1 
ATOM   1444 C CA  . GLN B 1 92 ? 15.735  6.730   0.822   1.00 29.39  ? 92   GLN B CA  1 
ATOM   1445 C C   . GLN B 1 92 ? 16.026  6.663   2.315   1.00 33.21  ? 92   GLN B C   1 
ATOM   1446 O O   . GLN B 1 92 ? 17.144  6.926   2.759   1.00 32.24  ? 92   GLN B O   1 
ATOM   1447 C CB  . GLN B 1 92 ? 15.245  8.121   0.419   1.00 29.61  ? 92   GLN B CB  1 
ATOM   1448 C CG  . GLN B 1 92 ? 15.050  8.292   -1.083  1.00 25.76  ? 92   GLN B CG  1 
ATOM   1449 C CD  . GLN B 1 92 ? 14.858  9.760   -1.425  1.00 31.82  ? 92   GLN B CD  1 
ATOM   1450 O OE1 . GLN B 1 92 ? 15.204  10.626  -0.621  1.00 32.53  ? 92   GLN B OE1 1 
ATOM   1451 N NE2 . GLN B 1 92 ? 14.305  10.037  -2.598  1.00 33.38  ? 92   GLN B NE2 1 
ATOM   1452 N N   . ILE B 1 93 ? 14.994  6.312   3.085   1.00 26.08  ? 93   ILE B N   1 
ATOM   1453 C CA  . ILE B 1 93 ? 15.131  6.303   4.543   1.00 30.07  ? 93   ILE B CA  1 
ATOM   1454 C C   . ILE B 1 93 ? 15.533  4.926   5.049   1.00 26.57  ? 93   ILE B C   1 
ATOM   1455 O O   . ILE B 1 93 ? 15.691  4.687   6.242   1.00 25.82  ? 93   ILE B O   1 
ATOM   1456 C CB  . ILE B 1 93 ? 13.832  6.793   5.190   1.00 32.64  ? 93   ILE B CB  1 
ATOM   1457 C CG1 . ILE B 1 93 ? 12.647  5.828   5.085   1.00 31.23  ? 93   ILE B CG1 1 
ATOM   1458 C CG2 . ILE B 1 93 ? 13.432  8.139   4.597   1.00 32.76  ? 93   ILE B CG2 1 
ATOM   1459 C CD1 . ILE B 1 93 ? 11.453  6.290   5.891   1.00 30.96  ? 93   ILE B CD1 1 
ATOM   1460 N N   . GLY B 1 94 ? 15.728  4.003   4.113   1.00 31.78  ? 94   GLY B N   1 
ATOM   1461 C CA  . GLY B 1 94 ? 16.240  2.687   4.426   1.00 39.00  ? 94   GLY B CA  1 
ATOM   1462 C C   . GLY B 1 94 ? 15.136  1.762   4.897   1.00 40.09  ? 94   GLY B C   1 
ATOM   1463 O O   . GLY B 1 94 ? 15.369  0.794   5.626   1.00 32.21  ? 94   GLY B O   1 
ATOM   1464 N N   . CYS B 1 95 ? 13.905  2.068   4.482   1.00 23.85  ? 95   CYS B N   1 
ATOM   1465 C CA  . CYS B 1 95 ? 12.809  1.224   4.962   1.00 19.45  ? 95   CYS B CA  1 
ATOM   1466 C C   . CYS B 1 95 ? 12.750  -0.129  4.286   1.00 25.31  ? 95   CYS B C   1 
ATOM   1467 O O   . CYS B 1 95 ? 12.771  -0.273  3.059   1.00 28.49  ? 95   CYS B O   1 
ATOM   1468 C CB  . CYS B 1 95 ? 11.512  2.016   4.786   1.00 22.13  ? 95   CYS B CB  1 
ATOM   1469 S SG  . CYS B 1 95 ? 10.094  1.145   5.500   1.00 31.09  ? 95   CYS B SG  1 
ATOM   1470 N N   . THR B 1 96 ? 12.664  -1.186  5.106   1.00 23.83  ? 96   THR B N   1 
ATOM   1471 C CA  . THR B 1 96 ? 12.457  -2.514  4.550   1.00 26.81  ? 96   THR B CA  1 
ATOM   1472 C C   . THR B 1 96 ? 11.227  -3.196  5.165   1.00 29.02  ? 96   THR B C   1 
ATOM   1473 O O   . THR B 1 96 ? 10.777  -2.807  6.248   1.00 25.34  ? 96   THR B O   1 
ATOM   1474 C CB  . THR B 1 96 ? 13.654  -3.457  4.781   1.00 26.96  ? 96   THR B CB  1 
ATOM   1475 O OG1 . THR B 1 96 ? 13.877  -3.552  6.201   1.00 27.16  ? 96   THR B OG1 1 
ATOM   1476 C CG2 . THR B 1 96 ? 14.915  -2.908  4.132   1.00 25.63  ? 96   THR B CG2 1 
ATOM   1477 N N   . LEU B 1 97 ? 10.754  -4.193  4.441   1.00 28.03  ? 97   LEU B N   1 
ATOM   1478 C CA  . LEU B 1 97 ? 9.742   -5.157  4.828   1.00 29.09  ? 97   LEU B CA  1 
ATOM   1479 C C   . LEU B 1 97 ? 10.416  -6.365  5.456   1.00 27.63  ? 97   LEU B C   1 
ATOM   1480 O O   . LEU B 1 97 ? 11.343  -6.917  4.858   1.00 32.29  ? 97   LEU B O   1 
ATOM   1481 C CB  . LEU B 1 97 ? 8.937   -5.659  3.633   1.00 33.40  ? 97   LEU B CB  1 
ATOM   1482 C CG  . LEU B 1 97 ? 7.622   -4.954  3.330   1.00 41.92  ? 97   LEU B CG  1 
ATOM   1483 C CD1 . LEU B 1 97 ? 7.177   -5.257  1.904   1.00 31.96  ? 97   LEU B CD1 1 
ATOM   1484 C CD2 . LEU B 1 97 ? 6.573   -5.371  4.349   1.00 52.06  ? 97   LEU B CD2 1 
ATOM   1485 N N   . ASN B 1 98 ? 10.004  -6.801  6.646   1.00 22.58  ? 98   ASN B N   1 
ATOM   1486 C CA  . ASN B 1 98 ? 10.704  -7.990  7.172   1.00 24.33  ? 98   ASN B CA  1 
ATOM   1487 C C   . ASN B 1 98 ? 9.736   -8.990  7.787   1.00 30.45  ? 98   ASN B C   1 
ATOM   1488 O O   . ASN B 1 98 ? 8.845   -8.563  8.526   1.00 33.78  ? 98   ASN B O   1 
ATOM   1489 C CB  . ASN B 1 98 ? 11.698  -7.566  8.238   1.00 28.83  ? 98   ASN B CB  1 
ATOM   1490 C CG  . ASN B 1 98 ? 12.742  -6.574  7.772   1.00 30.09  ? 98   ASN B CG  1 
ATOM   1491 O OD1 . ASN B 1 98 ? 12.430  -5.410  7.523   1.00 30.28  ? 98   ASN B OD1 1 
ATOM   1492 N ND2 . ASN B 1 98 ? 13.973  -7.046  7.655   1.00 27.96  ? 98   ASN B ND2 1 
ATOM   1493 N N   . PHE B 1 99 ? 9.901   -10.275 7.523   1.00 28.49  ? 99   PHE B N   1 
ATOM   1494 C CA  . PHE B 1 99 ? 9.093   -11.313 8.145   1.00 31.65  ? 99   PHE B CA  1 
ATOM   1495 C C   . PHE B 1 99 ? 9.869   -12.628 8.218   1.00 45.94  ? 99   PHE B C   1 
ATOM   1496 O O   . PHE B 1 99 ? 9.511   -13.480 9.052   1.00 53.88  ? 99   PHE B O   1 
ATOM   1497 C CB  . PHE B 1 99 ? 7.789   -11.550 7.406   1.00 32.30  ? 99   PHE B CB  1 
ATOM   1498 C CG  . PHE B 1 99 ? 7.823   -11.856 5.929   1.00 37.77  ? 99   PHE B CG  1 
ATOM   1499 C CD1 . PHE B 1 99 ? 7.613   -13.149 5.469   1.00 39.60  ? 99   PHE B CD1 1 
ATOM   1500 C CD2 . PHE B 1 99 ? 8.053   -10.863 4.991   1.00 36.00  ? 99   PHE B CD2 1 
ATOM   1501 C CE1 . PHE B 1 99 ? 7.632   -13.435 4.120   1.00 36.15  ? 99   PHE B CE1 1 
ATOM   1502 C CE2 . PHE B 1 99 ? 8.070   -11.137 3.638   1.00 37.62  ? 99   PHE B CE2 1 
ATOM   1503 C CZ  . PHE B 1 99 ? 7.854   -12.428 3.204   1.00 30.93  ? 99   PHE B CZ  1 
ATOM   1504 O OXT . PHE B 1 99 ? 10.819  -12.765 7.428   1.00 41.00  ? 99   PHE B OXT 1 
HETATM 1505 C C2  . BZN C 2 .  ? -2.537  1.101   -0.742  1.00 36.06  ? 2501 BZN B C2  1 
HETATM 1506 C C3  . BZN C 2 .  ? -3.339  1.627   -1.950  1.00 44.70  ? 2501 BZN B C3  1 
HETATM 1507 C C4  . BZN C 2 .  ? -2.260  2.138   -2.934  1.00 38.80  ? 2501 BZN B C4  1 
HETATM 1508 C C5  . BZN C 2 .  ? -1.049  1.236   -2.633  1.00 39.20  ? 2501 BZN B C5  1 
HETATM 1509 C C6  . BZN C 2 .  ? -1.903  3.586   -2.560  1.00 38.08  ? 2501 BZN B C6  1 
HETATM 1510 N N1  . BZN C 2 .  ? -1.151  0.914   -1.191  1.00 39.95  ? 2501 BZN B N1  1 
HETATM 1511 C C15 . BZN C 2 .  ? -4.081  0.442   -2.584  1.00 46.16  ? 2501 BZN B C15 1 
HETATM 1512 N N16 . BZN C 2 .  ? -4.814  0.868   -3.763  1.00 49.71  ? 2501 BZN B N16 1 
HETATM 1513 C C24 . BZN C 2 .  ? -5.411  2.178   -3.898  1.00 55.90  ? 2501 BZN B C24 1 
HETATM 1514 C C25 . BZN C 2 .  ? -6.729  2.305   -3.118  1.00 60.84  ? 2501 BZN B C25 1 
HETATM 1515 C C27 . BZN C 2 .  ? -7.916  1.820   -3.970  1.00 59.72  ? 2501 BZN B C27 1 
HETATM 1516 C C26 . BZN C 2 .  ? -6.962  3.783   -2.749  1.00 65.82  ? 2501 BZN B C26 1 
HETATM 1517 S S17 . BZN C 2 .  ? -4.922  -0.133  -4.896  1.00 46.48  ? 2501 BZN B S17 1 
HETATM 1518 O O29 . BZN C 2 .  ? -5.795  0.394   -5.908  1.00 58.79  ? 2501 BZN B O29 1 
HETATM 1519 O O28 . BZN C 2 .  ? -5.166  -1.447  -4.335  1.00 90.32  ? 2501 BZN B O28 1 
HETATM 1520 C C18 . BZN C 2 .  ? -3.244  -0.134  -5.471  1.00 52.17  ? 2501 BZN B C18 1 
HETATM 1521 C C23 . BZN C 2 .  ? -2.825  0.810   -6.404  1.00 50.96  ? 2501 BZN B C23 1 
HETATM 1522 C C22 . BZN C 2 .  ? -1.506  0.776   -6.863  1.00 56.66  ? 2501 BZN B C22 1 
HETATM 1523 C C21 . BZN C 2 .  ? -0.623  -0.178  -6.352  1.00 56.31  ? 2501 BZN B C21 1 
HETATM 1524 C C20 . BZN C 2 .  ? -1.038  -1.094  -5.383  1.00 55.94  ? 2501 BZN B C20 1 
HETATM 1525 C C19 . BZN C 2 .  ? -2.363  -1.086  -4.949  1.00 55.72  ? 2501 BZN B C19 1 
HETATM 1526 O O7  . BZN C 2 .  ? -1.153  4.260   -3.558  1.00 48.16  ? 2501 BZN B O7  1 
HETATM 1527 C C8  . BZN C 2 .  ? -1.728  4.228   -4.850  1.00 51.22  ? 2501 BZN B C8  1 
HETATM 1528 C C9  . BZN C 2 .  ? -2.686  5.381   -5.103  1.00 54.42  ? 2501 BZN B C9  1 
HETATM 1529 C C14 . BZN C 2 .  ? -3.139  5.602   -6.411  1.00 48.23  ? 2501 BZN B C14 1 
HETATM 1530 C C13 . BZN C 2 .  ? -4.023  6.649   -6.675  1.00 55.68  ? 2501 BZN B C13 1 
HETATM 1531 C C12 . BZN C 2 .  ? -4.482  7.479   -5.651  1.00 55.11  ? 2501 BZN B C12 1 
HETATM 1532 C C11 . BZN C 2 .  ? -4.003  7.287   -4.351  1.00 58.91  ? 2501 BZN B C11 1 
HETATM 1533 C C10 . BZN C 2 .  ? -3.122  6.234   -4.089  1.00 57.06  ? 2501 BZN B C10 1 
HETATM 1534 O O   . HOH D 3 .  ? -8.583  -12.039 7.905   1.00 16.25  ? 3001 HOH A O   1 
HETATM 1535 O O   . HOH D 3 .  ? -8.395  -17.858 10.122  1.00 28.87  ? 3004 HOH A O   1 
HETATM 1536 O O   . HOH D 3 .  ? -9.080  -9.306  2.784   1.00 26.27  ? 3005 HOH A O   1 
HETATM 1537 O O   . HOH D 3 .  ? -0.411  -13.739 -11.251 1.00 23.91  ? 3006 HOH A O   1 
HETATM 1538 O O   . HOH D 3 .  ? -11.354 -15.010 7.569   1.00 31.35  ? 3007 HOH A O   1 
HETATM 1539 O O   . HOH D 3 .  ? -2.713  0.145   6.056   1.00 25.21  ? 3009 HOH A O   1 
HETATM 1540 O O   . HOH D 3 .  ? -18.670 -1.778  -8.412  1.00 30.24  ? 3011 HOH A O   1 
HETATM 1541 O O   . HOH D 3 .  ? 14.221  -0.492  0.726   1.00 26.62  ? 3012 HOH A O   1 
HETATM 1542 O O   . HOH D 3 .  ? -6.144  -11.787 9.787   1.00 33.06  ? 3013 HOH A O   1 
HETATM 1543 O O   . HOH D 3 .  ? 14.352  -3.766  -4.344  1.00 28.60  ? 3015 HOH A O   1 
HETATM 1544 O O   . HOH D 3 .  ? -20.381 -4.151  2.164   1.00 29.34  ? 3017 HOH A O   1 
HETATM 1545 O O   . HOH D 3 .  ? -0.288  -22.614 -10.861 1.00 33.22  ? 3020 HOH A O   1 
HETATM 1546 O O   . HOH D 3 .  ? -17.878 -14.460 3.342   1.00 42.73  ? 3021 HOH A O   1 
HETATM 1547 O O   . HOH D 3 .  ? 9.442   -2.397  -9.789  1.00 38.63  ? 3023 HOH A O   1 
HETATM 1548 O O   . HOH D 3 .  ? -13.571 -0.123  2.870   1.00 35.06  ? 3024 HOH A O   1 
HETATM 1549 O O   . HOH D 3 .  ? -3.680  -13.187 -11.062 1.00 32.51  ? 3026 HOH A O   1 
HETATM 1550 O O   . HOH D 3 .  ? -9.980  -19.271 -11.592 1.00 41.20  ? 3028 HOH A O   1 
HETATM 1551 O O   . HOH D 3 .  ? -11.347 -1.161  -9.748  1.00 38.48  ? 3029 HOH A O   1 
HETATM 1552 O O   . HOH D 3 .  ? 10.686  -5.361  -3.589  1.00 29.73  ? 3030 HOH A O   1 
HETATM 1553 O O   . HOH D 3 .  ? -6.784  -5.109  8.304   1.00 34.87  ? 3031 HOH A O   1 
HETATM 1554 O O   . HOH D 3 .  ? -13.773 6.724   -1.677  1.00 40.67  ? 3033 HOH A O   1 
HETATM 1555 O O   . HOH D 3 .  ? -17.573 -21.015 -4.022  1.00 39.42  ? 3034 HOH A O   1 
HETATM 1556 O O   . HOH D 3 .  ? -10.536 -9.077  -11.562 1.00 28.30  ? 3036 HOH A O   1 
HETATM 1557 O O   . HOH D 3 .  ? -16.496 -17.792 3.181   1.00 32.30  ? 3037 HOH A O   1 
HETATM 1558 O O   . HOH D 3 .  ? -8.310  -13.166 -13.244 1.00 44.33  ? 3039 HOH A O   1 
HETATM 1559 O O   . HOH D 3 .  ? -6.876  -19.079 -11.142 1.00 34.73  ? 3042 HOH A O   1 
HETATM 1560 O O   . HOH D 3 .  ? 17.831  -4.555  -3.461  1.00 34.16  ? 3043 HOH A O   1 
HETATM 1561 O O   . HOH D 3 .  ? 2.907   -25.565 -5.748  1.00 35.94  ? 3044 HOH A O   1 
HETATM 1562 O O   . HOH D 3 .  ? -6.184  -21.917 -0.990  1.00 35.46  ? 3048 HOH A O   1 
HETATM 1563 O O   . HOH D 3 .  ? -15.983 -18.909 -6.252  1.00 40.63  ? 3052 HOH A O   1 
HETATM 1564 O O   . HOH D 3 .  ? -10.188 -15.658 10.445  1.00 39.54  ? 3053 HOH A O   1 
HETATM 1565 O O   . HOH D 3 .  ? -13.030 -8.324  -11.394 1.00 37.74  ? 3054 HOH A O   1 
HETATM 1566 O O   . HOH D 3 .  ? -15.107 -19.701 0.956   1.00 43.20  ? 3056 HOH A O   1 
HETATM 1567 O O   . HOH D 3 .  ? -2.084  -22.348 -0.513  1.00 40.73  ? 3060 HOH A O   1 
HETATM 1568 O O   . HOH D 3 .  ? -7.197  0.177   2.865   1.00 38.12  ? 3062 HOH A O   1 
HETATM 1569 O O   . HOH D 3 .  ? -2.234  -7.184  -12.864 1.00 41.99  ? 3063 HOH A O   1 
HETATM 1570 O O   . HOH D 3 .  ? 2.000   -8.342  -10.771 1.00 40.00  ? 3064 HOH A O   1 
HETATM 1571 O O   . HOH D 3 .  ? 9.081   -8.668  11.341  1.00 32.02  ? 3065 HOH A O   1 
HETATM 1572 O O   . HOH D 3 .  ? -13.189 -21.602 3.629   1.00 39.43  ? 3070 HOH A O   1 
HETATM 1573 O O   . HOH D 3 .  ? -14.561 -19.753 3.388   1.00 31.52  ? 3071 HOH A O   1 
HETATM 1574 O O   . HOH D 3 .  ? -6.229  -13.975 -8.465  1.00 40.11  ? 3074 HOH A O   1 
HETATM 1575 O O   . HOH D 3 .  ? 9.846   -8.850  -6.883  1.00 51.75  ? 3077 HOH A O   1 
HETATM 1576 O O   . HOH D 3 .  ? 11.419  -7.625  -4.471  1.00 45.79  ? 3078 HOH A O   1 
HETATM 1577 O O   . HOH D 3 .  ? 9.316   -6.324  -8.278  1.00 35.31  ? 3079 HOH A O   1 
HETATM 1578 O O   . HOH E 3 .  ? 11.711  10.424  -6.282  1.00 18.39  ? 3002 HOH B O   1 
HETATM 1579 O O   . HOH E 3 .  ? -0.954  24.236  2.382   1.00 27.25  ? 3003 HOH B O   1 
HETATM 1580 O O   . HOH E 3 .  ? -2.359  15.197  9.221   1.00 34.72  ? 3008 HOH B O   1 
HETATM 1581 O O   . HOH E 3 .  ? -5.812  1.208   11.930  1.00 23.75  ? 3010 HOH B O   1 
HETATM 1582 O O   . HOH E 3 .  ? 18.471  12.675  6.828   1.00 30.74  ? 3014 HOH B O   1 
HETATM 1583 O O   . HOH E 3 .  ? 4.983   -0.845  -4.706  1.00 24.99  ? 3016 HOH B O   1 
HETATM 1584 O O   . HOH E 3 .  ? 11.993  14.626  -7.625  1.00 38.55  ? 3018 HOH B O   1 
HETATM 1585 O O   . HOH E 3 .  ? 10.666  20.848  0.405   1.00 42.70  ? 3019 HOH B O   1 
HETATM 1586 O O   . HOH E 3 .  ? 2.660   -6.517  12.126  1.00 31.38  ? 3022 HOH B O   1 
HETATM 1587 O O   . HOH E 3 .  ? -1.499  4.576   -11.701 1.00 34.08  ? 3025 HOH B O   1 
HETATM 1588 O O   . HOH E 3 .  ? -6.544  16.107  0.222   1.00 30.51  ? 3027 HOH B O   1 
HETATM 1589 O O   . HOH E 3 .  ? 0.171   -1.869  17.955  1.00 33.00  ? 3032 HOH B O   1 
HETATM 1590 O O   . HOH E 3 .  ? 8.945   12.714  12.057  1.00 41.29  ? 3035 HOH B O   1 
HETATM 1591 O O   . HOH E 3 .  ? 13.502  8.462   -5.130  1.00 46.75  ? 3038 HOH B O   1 
HETATM 1592 O O   . HOH E 3 .  ? 15.826  -1.652  7.548   1.00 45.47  ? 3040 HOH B O   1 
HETATM 1593 O O   . HOH E 3 .  ? 5.955   -2.108  16.495  1.00 42.23  ? 3041 HOH B O   1 
HETATM 1594 O O   . HOH E 3 .  ? 18.154  0.799   6.638   1.00 37.13  ? 3045 HOH B O   1 
HETATM 1595 O O   . HOH E 3 .  ? 9.516   21.494  -6.774  1.00 36.82  ? 3046 HOH B O   1 
HETATM 1596 O O   . HOH E 3 .  ? 17.494  3.275   7.638   1.00 41.42  ? 3047 HOH B O   1 
HETATM 1597 O O   . HOH E 3 .  ? -2.791  11.351  6.625   1.00 47.24  ? 3049 HOH B O   1 
HETATM 1598 O O   . HOH E 3 .  ? 1.048   0.578   12.796  1.00 38.23  ? 3050 HOH B O   1 
HETATM 1599 O O   . HOH E 3 .  ? 5.534   8.818   14.336  1.00 40.44  ? 3051 HOH B O   1 
HETATM 1600 O O   . HOH E 3 .  ? 19.390  -0.808  8.733   1.00 38.32  ? 3055 HOH B O   1 
HETATM 1601 O O   . HOH E 3 .  ? 6.720   6.025   -10.371 1.00 49.16  ? 3057 HOH B O   1 
HETATM 1602 O O   . HOH E 3 .  ? 5.747   10.443  -5.774  1.00 29.98  ? 3058 HOH B O   1 
HETATM 1603 O O   . HOH E 3 .  ? 10.511  22.331  2.494   1.00 42.90  ? 3059 HOH B O   1 
HETATM 1604 O O   . HOH E 3 .  ? -12.303 9.318   -9.599  1.00 45.30  ? 3061 HOH B O   1 
HETATM 1605 O O   . HOH E 3 .  ? -5.774  -5.104  15.083  1.00 41.97  ? 3066 HOH B O   1 
HETATM 1606 O O   . HOH E 3 .  ? 7.517   8.401   -7.484  1.00 38.93  ? 3067 HOH B O   1 
HETATM 1607 O O   . HOH E 3 .  ? -1.876  3.736   13.361  1.00 42.01  ? 3068 HOH B O   1 
HETATM 1608 O O   . HOH E 3 .  ? 3.121   -0.372  -6.604  1.00 37.82  ? 3069 HOH B O   1 
HETATM 1609 O O   . HOH E 3 .  ? -4.614  24.057  -4.532  1.00 40.55  ? 3072 HOH B O   1 
HETATM 1610 O O   . HOH E 3 .  ? 16.419  1.209   1.274   1.00 36.22  ? 3073 HOH B O   1 
HETATM 1611 O O   . HOH E 3 .  ? 1.585   2.864   -6.989  1.00 37.62  ? 3075 HOH B O   1 
HETATM 1612 O O   . HOH E 3 .  ? 1.656   5.797   -6.191  1.00 41.38  ? 3076 HOH B O   1 
# 
loop_
_pdbx_poly_seq_scheme.asym_id 
_pdbx_poly_seq_scheme.entity_id 
_pdbx_poly_seq_scheme.seq_id 
_pdbx_poly_seq_scheme.mon_id 
_pdbx_poly_seq_scheme.ndb_seq_num 
_pdbx_poly_seq_scheme.pdb_seq_num 
_pdbx_poly_seq_scheme.auth_seq_num 
_pdbx_poly_seq_scheme.pdb_mon_id 
_pdbx_poly_seq_scheme.auth_mon_id 
_pdbx_poly_seq_scheme.pdb_strand_id 
_pdbx_poly_seq_scheme.pdb_ins_code 
_pdbx_poly_seq_scheme.hetero 
A 1 1  PRO 1  1  1  PRO PRO A . n 
A 1 2  GLN 2  2  2  GLN GLN A . n 
A 1 3  ILE 3  3  3  ILE ILE A . n 
A 1 4  THR 4  4  4  THR THR A . n 
A 1 5  LEU 5  5  5  LEU LEU A . n 
A 1 6  TRP 6  6  6  TRP TRP A . n 
A 1 7  GLN 7  7  7  GLN GLN A . n 
A 1 8  ARG 8  8  8  ARG ARG A . n 
A 1 9  PRO 9  9  9  PRO PRO A . n 
A 1 10 LEU 10 10 10 LEU LEU A . n 
A 1 11 VAL 11 11 11 VAL VAL A . n 
A 1 12 THR 12 12 12 THR THR A . n 
A 1 13 ILE 13 13 13 ILE ILE A . n 
A 1 14 LYS 14 14 14 LYS LYS A . n 
A 1 15 ILE 15 15 15 ILE ILE A . n 
A 1 16 GLY 16 16 16 GLY GLY A . n 
A 1 17 GLY 17 17 17 GLY GLY A . n 
A 1 18 GLN 18 18 18 GLN GLN A . n 
A 1 19 LEU 19 19 19 LEU LEU A . n 
A 1 20 LYS 20 20 20 LYS LYS A . n 
A 1 21 GLU 21 21 21 GLU GLU A . n 
A 1 22 ALA 22 22 22 ALA ALA A . n 
A 1 23 LEU 23 23 23 LEU LEU A . n 
A 1 24 LEU 24 24 24 LEU LEU A . n 
A 1 25 ASP 25 25 25 ASP ASP A . n 
A 1 26 THR 26 26 26 THR THR A . n 
A 1 27 GLY 27 27 27 GLY GLY A . n 
A 1 28 ALA 28 28 28 ALA ALA A . n 
A 1 29 ASP 29 29 29 ASP ASP A . n 
A 1 30 ASP 30 30 30 ASP ASP A . n 
A 1 31 THR 31 31 31 THR THR A . n 
A 1 32 VAL 32 32 32 VAL VAL A . n 
A 1 33 LEU 33 33 33 LEU LEU A . n 
A 1 34 GLU 34 34 34 GLU GLU A . n 
A 1 35 GLU 35 35 35 GLU GLU A . n 
A 1 36 MET 36 36 36 MET MET A . n 
A 1 37 SER 37 37 37 SER SER A . n 
A 1 38 LEU 38 38 38 LEU LEU A . n 
A 1 39 PRO 39 39 39 PRO PRO A . n 
A 1 40 GLY 40 40 40 GLY GLY A . n 
A 1 41 ARG 41 41 41 ARG ARG A . n 
A 1 42 TRP 42 42 42 TRP TRP A . n 
A 1 43 LYS 43 43 43 LYS LYS A . n 
A 1 44 PRO 44 44 44 PRO PRO A . n 
A 1 45 LYS 45 45 45 LYS LYS A . n 
A 1 46 MET 46 46 46 MET MET A . n 
A 1 47 ILE 47 47 47 ILE ILE A . n 
A 1 48 GLY 48 48 48 GLY GLY A . n 
A 1 49 GLY 49 49 49 GLY GLY A . n 
A 1 50 ILE 50 50 50 ILE ILE A . n 
A 1 51 GLY 51 51 51 GLY GLY A . n 
A 1 52 GLY 52 52 52 GLY GLY A . n 
A 1 53 PHE 53 53 53 PHE PHE A . n 
A 1 54 ILE 54 54 54 ILE ILE A . n 
A 1 55 LYS 55 55 55 LYS LYS A . n 
A 1 56 VAL 56 56 56 VAL VAL A . n 
A 1 57 ARG 57 57 57 ARG ARG A . n 
A 1 58 GLN 58 58 58 GLN GLN A . n 
A 1 59 TYR 59 59 59 TYR TYR A . n 
A 1 60 ASP 60 60 60 ASP ASP A . n 
A 1 61 GLN 61 61 61 GLN GLN A . n 
A 1 62 ILE 62 62 62 ILE ILE A . n 
A 1 63 LEU 63 63 63 LEU LEU A . n 
A 1 64 ILE 64 64 64 ILE ILE A . n 
A 1 65 GLU 65 65 65 GLU GLU A . n 
A 1 66 ILE 66 66 66 ILE ILE A . n 
A 1 67 CYS 67 67 67 CYS CYS A . n 
A 1 68 GLY 68 68 68 GLY GLY A . n 
A 1 69 HIS 69 69 69 HIS HIS A . n 
A 1 70 LYS 70 70 70 LYS LYS A . n 
A 1 71 ALA 71 71 71 ALA ALA A . n 
A 1 72 ILE 72 72 72 ILE ILE A . n 
A 1 73 GLY 73 73 73 GLY GLY A . n 
A 1 74 THR 74 74 74 THR THR A . n 
A 1 75 VAL 75 75 75 VAL VAL A . n 
A 1 76 LEU 76 76 76 LEU LEU A . n 
A 1 77 VAL 77 77 77 VAL VAL A . n 
A 1 78 GLY 78 78 78 GLY GLY A . n 
A 1 79 PRO 79 79 79 PRO PRO A . n 
A 1 80 THR 80 80 80 THR THR A . n 
A 1 81 PRO 81 81 81 PRO PRO A . n 
A 1 82 VAL 82 82 82 VAL VAL A . n 
A 1 83 ASN 83 83 83 ASN ASN A . n 
A 1 84 ILE 84 84 84 ILE ILE A . n 
A 1 85 ILE 85 85 85 ILE ILE A . n 
A 1 86 GLY 86 86 86 GLY GLY A . n 
A 1 87 ARG 87 87 87 ARG ARG A . n 
A 1 88 ASN 88 88 88 ASN ASN A . n 
A 1 89 LEU 89 89 89 LEU LEU A . n 
A 1 90 LEU 90 90 90 LEU LEU A . n 
A 1 91 THR 91 91 91 THR THR A . n 
A 1 92 GLN 92 92 92 GLN GLN A . n 
A 1 93 ILE 93 93 93 ILE ILE A . n 
A 1 94 GLY 94 94 94 GLY GLY A . n 
A 1 95 CYS 95 95 95 CYS CYS A . n 
A 1 96 THR 96 96 96 THR THR A . n 
A 1 97 LEU 97 97 97 LEU LEU A . n 
A 1 98 ASN 98 98 98 ASN ASN A . n 
A 1 99 PHE 99 99 99 PHE PHE A . n 
B 1 1  PRO 1  1  1  PRO PRO B . n 
B 1 2  GLN 2  2  2  GLN GLN B . n 
B 1 3  ILE 3  3  3  ILE ILE B . n 
B 1 4  THR 4  4  4  THR THR B . n 
B 1 5  LEU 5  5  5  LEU LEU B . n 
B 1 6  TRP 6  6  6  TRP TRP B . n 
B 1 7  GLN 7  7  7  GLN GLN B . n 
B 1 8  ARG 8  8  8  ARG ARG B . n 
B 1 9  PRO 9  9  9  PRO PRO B . n 
B 1 10 LEU 10 10 10 LEU LEU B . n 
B 1 11 VAL 11 11 11 VAL VAL B . n 
B 1 12 THR 12 12 12 THR THR B . n 
B 1 13 ILE 13 13 13 ILE ILE B . n 
B 1 14 LYS 14 14 14 LYS LYS B . n 
B 1 15 ILE 15 15 15 ILE ILE B . n 
B 1 16 GLY 16 16 16 GLY GLY B . n 
B 1 17 GLY 17 17 17 GLY GLY B . n 
B 1 18 GLN 18 18 18 GLN GLN B . n 
B 1 19 LEU 19 19 19 LEU LEU B . n 
B 1 20 LYS 20 20 20 LYS LYS B . n 
B 1 21 GLU 21 21 21 GLU GLU B . n 
B 1 22 ALA 22 22 22 ALA ALA B . n 
B 1 23 LEU 23 23 23 LEU LEU B . n 
B 1 24 LEU 24 24 24 LEU LEU B . n 
B 1 25 ASP 25 25 25 ASP ASP B . n 
B 1 26 THR 26 26 26 THR THR B . n 
B 1 27 GLY 27 27 27 GLY GLY B . n 
B 1 28 ALA 28 28 28 ALA ALA B . n 
B 1 29 ASP 29 29 29 ASP ASP B . n 
B 1 30 ASP 30 30 30 ASP ASP B . n 
B 1 31 THR 31 31 31 THR THR B . n 
B 1 32 VAL 32 32 32 VAL VAL B . n 
B 1 33 LEU 33 33 33 LEU LEU B . n 
B 1 34 GLU 34 34 34 GLU GLU B . n 
B 1 35 GLU 35 35 35 GLU GLU B . n 
B 1 36 MET 36 36 36 MET MET B . n 
B 1 37 SER 37 37 37 SER SER B . n 
B 1 38 LEU 38 38 38 LEU LEU B . n 
B 1 39 PRO 39 39 39 PRO PRO B . n 
B 1 40 GLY 40 40 40 GLY GLY B . n 
B 1 41 ARG 41 41 41 ARG ARG B . n 
B 1 42 TRP 42 42 42 TRP TRP B . n 
B 1 43 LYS 43 43 43 LYS LYS B . n 
B 1 44 PRO 44 44 44 PRO PRO B . n 
B 1 45 LYS 45 45 45 LYS LYS B . n 
B 1 46 MET 46 46 46 MET MET B . n 
B 1 47 ILE 47 47 47 ILE ILE B . n 
B 1 48 GLY 48 48 48 GLY GLY B . n 
B 1 49 GLY 49 49 49 GLY GLY B . n 
B 1 50 ILE 50 50 50 ILE ILE B . n 
B 1 51 GLY 51 51 51 GLY GLY B . n 
B 1 52 GLY 52 52 52 GLY GLY B . n 
B 1 53 PHE 53 53 53 PHE PHE B . n 
B 1 54 ILE 54 54 54 ILE ILE B . n 
B 1 55 LYS 55 55 55 LYS LYS B . n 
B 1 56 VAL 56 56 56 VAL VAL B . n 
B 1 57 ARG 57 57 57 ARG ARG B . n 
B 1 58 GLN 58 58 58 GLN GLN B . n 
B 1 59 TYR 59 59 59 TYR TYR B . n 
B 1 60 ASP 60 60 60 ASP ASP B . n 
B 1 61 GLN 61 61 61 GLN GLN B . n 
B 1 62 ILE 62 62 62 ILE ILE B . n 
B 1 63 LEU 63 63 63 LEU LEU B . n 
B 1 64 ILE 64 64 64 ILE ILE B . n 
B 1 65 GLU 65 65 65 GLU GLU B . n 
B 1 66 ILE 66 66 66 ILE ILE B . n 
B 1 67 CYS 67 67 67 CYS CYS B . n 
B 1 68 GLY 68 68 68 GLY GLY B . n 
B 1 69 HIS 69 69 69 HIS HIS B . n 
B 1 70 LYS 70 70 70 LYS LYS B . n 
B 1 71 ALA 71 71 71 ALA ALA B . n 
B 1 72 ILE 72 72 72 ILE ILE B . n 
B 1 73 GLY 73 73 73 GLY GLY B . n 
B 1 74 THR 74 74 74 THR THR B . n 
B 1 75 VAL 75 75 75 VAL VAL B . n 
B 1 76 LEU 76 76 76 LEU LEU B . n 
B 1 77 VAL 77 77 77 VAL VAL B . n 
B 1 78 GLY 78 78 78 GLY GLY B . n 
B 1 79 PRO 79 79 79 PRO PRO B . n 
B 1 80 THR 80 80 80 THR THR B . n 
B 1 81 PRO 81 81 81 PRO PRO B . n 
B 1 82 VAL 82 82 82 VAL VAL B . n 
B 1 83 ASN 83 83 83 ASN ASN B . n 
B 1 84 ILE 84 84 84 ILE ILE B . n 
B 1 85 ILE 85 85 85 ILE ILE B . n 
B 1 86 GLY 86 86 86 GLY GLY B . n 
B 1 87 ARG 87 87 87 ARG ARG B . n 
B 1 88 ASN 88 88 88 ASN ASN B . n 
B 1 89 LEU 89 89 89 LEU LEU B . n 
B 1 90 LEU 90 90 90 LEU LEU B . n 
B 1 91 THR 91 91 91 THR THR B . n 
B 1 92 GLN 92 92 92 GLN GLN B . n 
B 1 93 ILE 93 93 93 ILE ILE B . n 
B 1 94 GLY 94 94 94 GLY GLY B . n 
B 1 95 CYS 95 95 95 CYS CYS B . n 
B 1 96 THR 96 96 96 THR THR B . n 
B 1 97 LEU 97 97 97 LEU LEU B . n 
B 1 98 ASN 98 98 98 ASN ASN B . n 
B 1 99 PHE 99 99 99 PHE PHE B . n 
# 
loop_
_pdbx_nonpoly_scheme.asym_id 
_pdbx_nonpoly_scheme.entity_id 
_pdbx_nonpoly_scheme.mon_id 
_pdbx_nonpoly_scheme.ndb_seq_num 
_pdbx_nonpoly_scheme.pdb_seq_num 
_pdbx_nonpoly_scheme.auth_seq_num 
_pdbx_nonpoly_scheme.pdb_mon_id 
_pdbx_nonpoly_scheme.auth_mon_id 
_pdbx_nonpoly_scheme.pdb_strand_id 
_pdbx_nonpoly_scheme.pdb_ins_code 
C 2 BZN 1  2501 2501 BZN BZN B . 
D 3 HOH 1  3001 3001 HOH HOH A . 
D 3 HOH 2  3004 3004 HOH HOH A . 
D 3 HOH 3  3005 3005 HOH HOH A . 
D 3 HOH 4  3006 3006 HOH HOH A . 
D 3 HOH 5  3007 3007 HOH HOH A . 
D 3 HOH 6  3009 3009 HOH HOH A . 
D 3 HOH 7  3011 3011 HOH HOH A . 
D 3 HOH 8  3012 3012 HOH HOH A . 
D 3 HOH 9  3013 3013 HOH HOH A . 
D 3 HOH 10 3015 3015 HOH HOH A . 
D 3 HOH 11 3017 3017 HOH HOH A . 
D 3 HOH 12 3020 3020 HOH HOH A . 
D 3 HOH 13 3021 3021 HOH HOH A . 
D 3 HOH 14 3023 3023 HOH HOH A . 
D 3 HOH 15 3024 3024 HOH HOH A . 
D 3 HOH 16 3026 3026 HOH HOH A . 
D 3 HOH 17 3028 3028 HOH HOH A . 
D 3 HOH 18 3029 3029 HOH HOH A . 
D 3 HOH 19 3030 3030 HOH HOH A . 
D 3 HOH 20 3031 3031 HOH HOH A . 
D 3 HOH 21 3033 3033 HOH HOH A . 
D 3 HOH 22 3034 3034 HOH HOH A . 
D 3 HOH 23 3036 3036 HOH HOH A . 
D 3 HOH 24 3037 3037 HOH HOH A . 
D 3 HOH 25 3039 3039 HOH HOH A . 
D 3 HOH 26 3042 3042 HOH HOH A . 
D 3 HOH 27 3043 3043 HOH HOH A . 
D 3 HOH 28 3044 3044 HOH HOH A . 
D 3 HOH 29 3048 3048 HOH HOH A . 
D 3 HOH 30 3052 3052 HOH HOH A . 
D 3 HOH 31 3053 3053 HOH HOH A . 
D 3 HOH 32 3054 3054 HOH HOH A . 
D 3 HOH 33 3056 3056 HOH HOH A . 
D 3 HOH 34 3060 3060 HOH HOH A . 
D 3 HOH 35 3062 3062 HOH HOH A . 
D 3 HOH 36 3063 3063 HOH HOH A . 
D 3 HOH 37 3064 3064 HOH HOH A . 
D 3 HOH 38 3065 3065 HOH HOH A . 
D 3 HOH 39 3070 3070 HOH HOH A . 
D 3 HOH 40 3071 3071 HOH HOH A . 
D 3 HOH 41 3074 3074 HOH HOH A . 
D 3 HOH 42 3077 3077 HOH HOH A . 
D 3 HOH 43 3078 3078 HOH HOH A . 
D 3 HOH 44 3079 3079 HOH HOH A . 
E 3 HOH 1  3002 3002 HOH HOH B . 
E 3 HOH 2  3003 3003 HOH HOH B . 
E 3 HOH 3  3008 3008 HOH HOH B . 
E 3 HOH 4  3010 3010 HOH HOH B . 
E 3 HOH 5  3014 3014 HOH HOH B . 
E 3 HOH 6  3016 3016 HOH HOH B . 
E 3 HOH 7  3018 3018 HOH HOH B . 
E 3 HOH 8  3019 3019 HOH HOH B . 
E 3 HOH 9  3022 3022 HOH HOH B . 
E 3 HOH 10 3025 3025 HOH HOH B . 
E 3 HOH 11 3027 3027 HOH HOH B . 
E 3 HOH 12 3032 3032 HOH HOH B . 
E 3 HOH 13 3035 3035 HOH HOH B . 
E 3 HOH 14 3038 3038 HOH HOH B . 
E 3 HOH 15 3040 3040 HOH HOH B . 
E 3 HOH 16 3041 3041 HOH HOH B . 
E 3 HOH 17 3045 3045 HOH HOH B . 
E 3 HOH 18 3046 3046 HOH HOH B . 
E 3 HOH 19 3047 3047 HOH HOH B . 
E 3 HOH 20 3049 3049 HOH HOH B . 
E 3 HOH 21 3050 3050 HOH HOH B . 
E 3 HOH 22 3051 3051 HOH HOH B . 
E 3 HOH 23 3055 3055 HOH HOH B . 
E 3 HOH 24 3057 3057 HOH HOH B . 
E 3 HOH 25 3058 3058 HOH HOH B . 
E 3 HOH 26 3059 3059 HOH HOH B . 
E 3 HOH 27 3061 3061 HOH HOH B . 
E 3 HOH 28 3066 3066 HOH HOH B . 
E 3 HOH 29 3067 3067 HOH HOH B . 
E 3 HOH 30 3068 3068 HOH HOH B . 
E 3 HOH 31 3069 3069 HOH HOH B . 
E 3 HOH 32 3072 3072 HOH HOH B . 
E 3 HOH 33 3073 3073 HOH HOH B . 
E 3 HOH 34 3075 3075 HOH HOH B . 
E 3 HOH 35 3076 3076 HOH HOH B . 
# 
_pdbx_struct_assembly.id                   1 
_pdbx_struct_assembly.details              author_and_software_defined_assembly 
_pdbx_struct_assembly.method_details       PISA 
_pdbx_struct_assembly.oligomeric_details   dimeric 
_pdbx_struct_assembly.oligomeric_count     2 
# 
_pdbx_struct_assembly_gen.assembly_id       1 
_pdbx_struct_assembly_gen.oper_expression   1 
_pdbx_struct_assembly_gen.asym_id_list      A,B,C,D,E 
# 
_pdbx_struct_assembly_prop.biol_id   1 
_pdbx_struct_assembly_prop.type      'ABSA (A^2)' 
_pdbx_struct_assembly_prop.value     3600 
_pdbx_struct_assembly_prop.details   ? 
# 
_pdbx_struct_oper_list.id                   1 
_pdbx_struct_oper_list.type                 'identity operation' 
_pdbx_struct_oper_list.name                 1_555 
_pdbx_struct_oper_list.symmetry_operation   x,y,z 
_pdbx_struct_oper_list.matrix[1][1]         1.0000000000 
_pdbx_struct_oper_list.matrix[1][2]         0.0000000000 
_pdbx_struct_oper_list.matrix[1][3]         0.0000000000 
_pdbx_struct_oper_list.vector[1]            0.0000000000 
_pdbx_struct_oper_list.matrix[2][1]         0.0000000000 
_pdbx_struct_oper_list.matrix[2][2]         1.0000000000 
_pdbx_struct_oper_list.matrix[2][3]         0.0000000000 
_pdbx_struct_oper_list.vector[2]            0.0000000000 
_pdbx_struct_oper_list.matrix[3][1]         0.0000000000 
_pdbx_struct_oper_list.matrix[3][2]         0.0000000000 
_pdbx_struct_oper_list.matrix[3][3]         1.0000000000 
_pdbx_struct_oper_list.vector[3]            0.0000000000 
# 
loop_
_pdbx_audit_revision_history.ordinal 
_pdbx_audit_revision_history.data_content_type 
_pdbx_audit_revision_history.major_revision 
_pdbx_audit_revision_history.minor_revision 
_pdbx_audit_revision_history.revision_date 
1 'Structure model' 1 0 2008-12-09 
2 'Structure model' 1 1 2011-07-13 
3 'Structure model' 1 2 2023-11-01 
# 
_pdbx_audit_revision_details.ordinal             1 
_pdbx_audit_revision_details.revision_ordinal    1 
_pdbx_audit_revision_details.data_content_type   'Structure model' 
_pdbx_audit_revision_details.provider            repository 
_pdbx_audit_revision_details.type                'Initial release' 
_pdbx_audit_revision_details.description         ? 
_pdbx_audit_revision_details.details             ? 
# 
loop_
_pdbx_audit_revision_group.ordinal 
_pdbx_audit_revision_group.revision_ordinal 
_pdbx_audit_revision_group.data_content_type 
_pdbx_audit_revision_group.group 
1 2 'Structure model' 'Version format compliance' 
2 3 'Structure model' 'Data collection'           
3 3 'Structure model' 'Database references'       
4 3 'Structure model' 'Refinement description'    
# 
loop_
_pdbx_audit_revision_category.ordinal 
_pdbx_audit_revision_category.revision_ordinal 
_pdbx_audit_revision_category.data_content_type 
_pdbx_audit_revision_category.category 
1 3 'Structure model' chem_comp_atom                
2 3 'Structure model' chem_comp_bond                
3 3 'Structure model' database_2                    
4 3 'Structure model' pdbx_initial_refinement_model 
# 
loop_
_pdbx_audit_revision_item.ordinal 
_pdbx_audit_revision_item.revision_ordinal 
_pdbx_audit_revision_item.data_content_type 
_pdbx_audit_revision_item.item 
1 3 'Structure model' '_database_2.pdbx_DOI'                
2 3 'Structure model' '_database_2.pdbx_database_accession' 
# 
loop_
_software.name 
_software.classification 
_software.version 
_software.citation_id 
_software.pdbx_ordinal 
SHELX        'model building'  . ? 1 
SHELXL-97    refinement        . ? 2 
CrystalClear 'data collection' . ? 3 
HKL-2000     'data reduction'  . ? 4 
HKL-2000     'data scaling'    . ? 5 
PHASER       phasing           . ? 6 
# 
_pdbx_validate_rmsd_angle.id                         1 
_pdbx_validate_rmsd_angle.PDB_model_num              1 
_pdbx_validate_rmsd_angle.auth_atom_id_1             CD 
_pdbx_validate_rmsd_angle.auth_asym_id_1             B 
_pdbx_validate_rmsd_angle.auth_comp_id_1             ARG 
_pdbx_validate_rmsd_angle.auth_seq_id_1              57 
_pdbx_validate_rmsd_angle.PDB_ins_code_1             ? 
_pdbx_validate_rmsd_angle.label_alt_id_1             ? 
_pdbx_validate_rmsd_angle.auth_atom_id_2             NE 
_pdbx_validate_rmsd_angle.auth_asym_id_2             B 
_pdbx_validate_rmsd_angle.auth_comp_id_2             ARG 
_pdbx_validate_rmsd_angle.auth_seq_id_2              57 
_pdbx_validate_rmsd_angle.PDB_ins_code_2             ? 
_pdbx_validate_rmsd_angle.label_alt_id_2             ? 
_pdbx_validate_rmsd_angle.auth_atom_id_3             CZ 
_pdbx_validate_rmsd_angle.auth_asym_id_3             B 
_pdbx_validate_rmsd_angle.auth_comp_id_3             ARG 
_pdbx_validate_rmsd_angle.auth_seq_id_3              57 
_pdbx_validate_rmsd_angle.PDB_ins_code_3             ? 
_pdbx_validate_rmsd_angle.label_alt_id_3             ? 
_pdbx_validate_rmsd_angle.angle_value                132.76 
_pdbx_validate_rmsd_angle.angle_target_value         123.60 
_pdbx_validate_rmsd_angle.angle_deviation            9.16 
_pdbx_validate_rmsd_angle.angle_standard_deviation   1.40 
_pdbx_validate_rmsd_angle.linker_flag                N 
# 
loop_
_pdbx_unobs_or_zero_occ_atoms.id 
_pdbx_unobs_or_zero_occ_atoms.PDB_model_num 
_pdbx_unobs_or_zero_occ_atoms.polymer_flag 
_pdbx_unobs_or_zero_occ_atoms.occupancy_flag 
_pdbx_unobs_or_zero_occ_atoms.auth_asym_id 
_pdbx_unobs_or_zero_occ_atoms.auth_comp_id 
_pdbx_unobs_or_zero_occ_atoms.auth_seq_id 
_pdbx_unobs_or_zero_occ_atoms.PDB_ins_code 
_pdbx_unobs_or_zero_occ_atoms.auth_atom_id 
_pdbx_unobs_or_zero_occ_atoms.label_alt_id 
_pdbx_unobs_or_zero_occ_atoms.label_asym_id 
_pdbx_unobs_or_zero_occ_atoms.label_comp_id 
_pdbx_unobs_or_zero_occ_atoms.label_seq_id 
_pdbx_unobs_or_zero_occ_atoms.label_atom_id 
1  1 Y 1 A LYS 43 ? CG ? A LYS 43 CG 
2  1 Y 1 A LYS 43 ? CD ? A LYS 43 CD 
3  1 Y 1 A LYS 43 ? CE ? A LYS 43 CE 
4  1 Y 1 A LYS 43 ? NZ ? A LYS 43 NZ 
5  1 Y 1 A LYS 55 ? CG ? A LYS 55 CG 
6  1 Y 1 A LYS 55 ? CD ? A LYS 55 CD 
7  1 Y 1 A LYS 55 ? CE ? A LYS 55 CE 
8  1 Y 1 A LYS 55 ? NZ ? A LYS 55 NZ 
9  1 Y 1 A LYS 70 ? CG ? A LYS 70 CG 
10 1 Y 1 A LYS 70 ? CD ? A LYS 70 CD 
11 1 Y 1 A LYS 70 ? CE ? A LYS 70 CE 
12 1 Y 1 A LYS 70 ? NZ ? A LYS 70 NZ 
# 
loop_
_chem_comp_atom.comp_id 
_chem_comp_atom.atom_id 
_chem_comp_atom.type_symbol 
_chem_comp_atom.pdbx_aromatic_flag 
_chem_comp_atom.pdbx_stereo_config 
_chem_comp_atom.pdbx_ordinal 
ALA N    N N N 1   
ALA CA   C N S 2   
ALA C    C N N 3   
ALA O    O N N 4   
ALA CB   C N N 5   
ALA OXT  O N N 6   
ALA H    H N N 7   
ALA H2   H N N 8   
ALA HA   H N N 9   
ALA HB1  H N N 10  
ALA HB2  H N N 11  
ALA HB3  H N N 12  
ALA HXT  H N N 13  
ARG N    N N N 14  
ARG CA   C N S 15  
ARG C    C N N 16  
ARG O    O N N 17  
ARG CB   C N N 18  
ARG CG   C N N 19  
ARG CD   C N N 20  
ARG NE   N N N 21  
ARG CZ   C N N 22  
ARG NH1  N N N 23  
ARG NH2  N N N 24  
ARG OXT  O N N 25  
ARG H    H N N 26  
ARG H2   H N N 27  
ARG HA   H N N 28  
ARG HB2  H N N 29  
ARG HB3  H N N 30  
ARG HG2  H N N 31  
ARG HG3  H N N 32  
ARG HD2  H N N 33  
ARG HD3  H N N 34  
ARG HE   H N N 35  
ARG HH11 H N N 36  
ARG HH12 H N N 37  
ARG HH21 H N N 38  
ARG HH22 H N N 39  
ARG HXT  H N N 40  
ASN N    N N N 41  
ASN CA   C N S 42  
ASN C    C N N 43  
ASN O    O N N 44  
ASN CB   C N N 45  
ASN CG   C N N 46  
ASN OD1  O N N 47  
ASN ND2  N N N 48  
ASN OXT  O N N 49  
ASN H    H N N 50  
ASN H2   H N N 51  
ASN HA   H N N 52  
ASN HB2  H N N 53  
ASN HB3  H N N 54  
ASN HD21 H N N 55  
ASN HD22 H N N 56  
ASN HXT  H N N 57  
ASP N    N N N 58  
ASP CA   C N S 59  
ASP C    C N N 60  
ASP O    O N N 61  
ASP CB   C N N 62  
ASP CG   C N N 63  
ASP OD1  O N N 64  
ASP OD2  O N N 65  
ASP OXT  O N N 66  
ASP H    H N N 67  
ASP H2   H N N 68  
ASP HA   H N N 69  
ASP HB2  H N N 70  
ASP HB3  H N N 71  
ASP HD2  H N N 72  
ASP HXT  H N N 73  
BZN C2   C N N 74  
BZN C3   C N R 75  
BZN C4   C N R 76  
BZN C5   C N N 77  
BZN C6   C N N 78  
BZN N1   N N N 79  
BZN C15  C N N 80  
BZN N16  N N N 81  
BZN C24  C N N 82  
BZN C25  C N N 83  
BZN C27  C N N 84  
BZN C26  C N N 85  
BZN S17  S N N 86  
BZN O29  O N N 87  
BZN O28  O N N 88  
BZN C18  C Y N 89  
BZN C23  C Y N 90  
BZN C22  C Y N 91  
BZN C21  C Y N 92  
BZN C20  C Y N 93  
BZN C19  C Y N 94  
BZN O7   O N N 95  
BZN C8   C N N 96  
BZN C9   C Y N 97  
BZN C14  C Y N 98  
BZN C13  C Y N 99  
BZN C12  C Y N 100 
BZN C11  C Y N 101 
BZN C10  C Y N 102 
BZN H2   H N N 103 
BZN H2A  H N N 104 
BZN H3   H N N 105 
BZN H4   H N N 106 
BZN H5   H N N 107 
BZN H5A  H N N 108 
BZN H6   H N N 109 
BZN H6A  H N N 110 
BZN HN1  H N N 111 
BZN H15  H N N 112 
BZN H15A H N N 113 
BZN H24  H N N 114 
BZN H24A H N N 115 
BZN H25  H N N 116 
BZN H27  H N N 117 
BZN H27A H N N 118 
BZN H27B H N N 119 
BZN H26  H N N 120 
BZN H26A H N N 121 
BZN H26B H N N 122 
BZN H23  H N N 123 
BZN H22  H N N 124 
BZN H21  H N N 125 
BZN H20  H N N 126 
BZN H19  H N N 127 
BZN H8   H N N 128 
BZN H8A  H N N 129 
BZN H14  H N N 130 
BZN H13  H N N 131 
BZN H12  H N N 132 
BZN H11  H N N 133 
BZN H10  H N N 134 
CYS N    N N N 135 
CYS CA   C N R 136 
CYS C    C N N 137 
CYS O    O N N 138 
CYS CB   C N N 139 
CYS SG   S N N 140 
CYS OXT  O N N 141 
CYS H    H N N 142 
CYS H2   H N N 143 
CYS HA   H N N 144 
CYS HB2  H N N 145 
CYS HB3  H N N 146 
CYS HG   H N N 147 
CYS HXT  H N N 148 
GLN N    N N N 149 
GLN CA   C N S 150 
GLN C    C N N 151 
GLN O    O N N 152 
GLN CB   C N N 153 
GLN CG   C N N 154 
GLN CD   C N N 155 
GLN OE1  O N N 156 
GLN NE2  N N N 157 
GLN OXT  O N N 158 
GLN H    H N N 159 
GLN H2   H N N 160 
GLN HA   H N N 161 
GLN HB2  H N N 162 
GLN HB3  H N N 163 
GLN HG2  H N N 164 
GLN HG3  H N N 165 
GLN HE21 H N N 166 
GLN HE22 H N N 167 
GLN HXT  H N N 168 
GLU N    N N N 169 
GLU CA   C N S 170 
GLU C    C N N 171 
GLU O    O N N 172 
GLU CB   C N N 173 
GLU CG   C N N 174 
GLU CD   C N N 175 
GLU OE1  O N N 176 
GLU OE2  O N N 177 
GLU OXT  O N N 178 
GLU H    H N N 179 
GLU H2   H N N 180 
GLU HA   H N N 181 
GLU HB2  H N N 182 
GLU HB3  H N N 183 
GLU HG2  H N N 184 
GLU HG3  H N N 185 
GLU HE2  H N N 186 
GLU HXT  H N N 187 
GLY N    N N N 188 
GLY CA   C N N 189 
GLY C    C N N 190 
GLY O    O N N 191 
GLY OXT  O N N 192 
GLY H    H N N 193 
GLY H2   H N N 194 
GLY HA2  H N N 195 
GLY HA3  H N N 196 
GLY HXT  H N N 197 
HIS N    N N N 198 
HIS CA   C N S 199 
HIS C    C N N 200 
HIS O    O N N 201 
HIS CB   C N N 202 
HIS CG   C Y N 203 
HIS ND1  N Y N 204 
HIS CD2  C Y N 205 
HIS CE1  C Y N 206 
HIS NE2  N Y N 207 
HIS OXT  O N N 208 
HIS H    H N N 209 
HIS H2   H N N 210 
HIS HA   H N N 211 
HIS HB2  H N N 212 
HIS HB3  H N N 213 
HIS HD1  H N N 214 
HIS HD2  H N N 215 
HIS HE1  H N N 216 
HIS HE2  H N N 217 
HIS HXT  H N N 218 
HOH O    O N N 219 
HOH H1   H N N 220 
HOH H2   H N N 221 
ILE N    N N N 222 
ILE CA   C N S 223 
ILE C    C N N 224 
ILE O    O N N 225 
ILE CB   C N S 226 
ILE CG1  C N N 227 
ILE CG2  C N N 228 
ILE CD1  C N N 229 
ILE OXT  O N N 230 
ILE H    H N N 231 
ILE H2   H N N 232 
ILE HA   H N N 233 
ILE HB   H N N 234 
ILE HG12 H N N 235 
ILE HG13 H N N 236 
ILE HG21 H N N 237 
ILE HG22 H N N 238 
ILE HG23 H N N 239 
ILE HD11 H N N 240 
ILE HD12 H N N 241 
ILE HD13 H N N 242 
ILE HXT  H N N 243 
LEU N    N N N 244 
LEU CA   C N S 245 
LEU C    C N N 246 
LEU O    O N N 247 
LEU CB   C N N 248 
LEU CG   C N N 249 
LEU CD1  C N N 250 
LEU CD2  C N N 251 
LEU OXT  O N N 252 
LEU H    H N N 253 
LEU H2   H N N 254 
LEU HA   H N N 255 
LEU HB2  H N N 256 
LEU HB3  H N N 257 
LEU HG   H N N 258 
LEU HD11 H N N 259 
LEU HD12 H N N 260 
LEU HD13 H N N 261 
LEU HD21 H N N 262 
LEU HD22 H N N 263 
LEU HD23 H N N 264 
LEU HXT  H N N 265 
LYS N    N N N 266 
LYS CA   C N S 267 
LYS C    C N N 268 
LYS O    O N N 269 
LYS CB   C N N 270 
LYS CG   C N N 271 
LYS CD   C N N 272 
LYS CE   C N N 273 
LYS NZ   N N N 274 
LYS OXT  O N N 275 
LYS H    H N N 276 
LYS H2   H N N 277 
LYS HA   H N N 278 
LYS HB2  H N N 279 
LYS HB3  H N N 280 
LYS HG2  H N N 281 
LYS HG3  H N N 282 
LYS HD2  H N N 283 
LYS HD3  H N N 284 
LYS HE2  H N N 285 
LYS HE3  H N N 286 
LYS HZ1  H N N 287 
LYS HZ2  H N N 288 
LYS HZ3  H N N 289 
LYS HXT  H N N 290 
MET N    N N N 291 
MET CA   C N S 292 
MET C    C N N 293 
MET O    O N N 294 
MET CB   C N N 295 
MET CG   C N N 296 
MET SD   S N N 297 
MET CE   C N N 298 
MET OXT  O N N 299 
MET H    H N N 300 
MET H2   H N N 301 
MET HA   H N N 302 
MET HB2  H N N 303 
MET HB3  H N N 304 
MET HG2  H N N 305 
MET HG3  H N N 306 
MET HE1  H N N 307 
MET HE2  H N N 308 
MET HE3  H N N 309 
MET HXT  H N N 310 
PHE N    N N N 311 
PHE CA   C N S 312 
PHE C    C N N 313 
PHE O    O N N 314 
PHE CB   C N N 315 
PHE CG   C Y N 316 
PHE CD1  C Y N 317 
PHE CD2  C Y N 318 
PHE CE1  C Y N 319 
PHE CE2  C Y N 320 
PHE CZ   C Y N 321 
PHE OXT  O N N 322 
PHE H    H N N 323 
PHE H2   H N N 324 
PHE HA   H N N 325 
PHE HB2  H N N 326 
PHE HB3  H N N 327 
PHE HD1  H N N 328 
PHE HD2  H N N 329 
PHE HE1  H N N 330 
PHE HE2  H N N 331 
PHE HZ   H N N 332 
PHE HXT  H N N 333 
PRO N    N N N 334 
PRO CA   C N S 335 
PRO C    C N N 336 
PRO O    O N N 337 
PRO CB   C N N 338 
PRO CG   C N N 339 
PRO CD   C N N 340 
PRO OXT  O N N 341 
PRO H    H N N 342 
PRO HA   H N N 343 
PRO HB2  H N N 344 
PRO HB3  H N N 345 
PRO HG2  H N N 346 
PRO HG3  H N N 347 
PRO HD2  H N N 348 
PRO HD3  H N N 349 
PRO HXT  H N N 350 
SER N    N N N 351 
SER CA   C N S 352 
SER C    C N N 353 
SER O    O N N 354 
SER CB   C N N 355 
SER OG   O N N 356 
SER OXT  O N N 357 
SER H    H N N 358 
SER H2   H N N 359 
SER HA   H N N 360 
SER HB2  H N N 361 
SER HB3  H N N 362 
SER HG   H N N 363 
SER HXT  H N N 364 
THR N    N N N 365 
THR CA   C N S 366 
THR C    C N N 367 
THR O    O N N 368 
THR CB   C N R 369 
THR OG1  O N N 370 
THR CG2  C N N 371 
THR OXT  O N N 372 
THR H    H N N 373 
THR H2   H N N 374 
THR HA   H N N 375 
THR HB   H N N 376 
THR HG1  H N N 377 
THR HG21 H N N 378 
THR HG22 H N N 379 
THR HG23 H N N 380 
THR HXT  H N N 381 
TRP N    N N N 382 
TRP CA   C N S 383 
TRP C    C N N 384 
TRP O    O N N 385 
TRP CB   C N N 386 
TRP CG   C Y N 387 
TRP CD1  C Y N 388 
TRP CD2  C Y N 389 
TRP NE1  N Y N 390 
TRP CE2  C Y N 391 
TRP CE3  C Y N 392 
TRP CZ2  C Y N 393 
TRP CZ3  C Y N 394 
TRP CH2  C Y N 395 
TRP OXT  O N N 396 
TRP H    H N N 397 
TRP H2   H N N 398 
TRP HA   H N N 399 
TRP HB2  H N N 400 
TRP HB3  H N N 401 
TRP HD1  H N N 402 
TRP HE1  H N N 403 
TRP HE3  H N N 404 
TRP HZ2  H N N 405 
TRP HZ3  H N N 406 
TRP HH2  H N N 407 
TRP HXT  H N N 408 
TYR N    N N N 409 
TYR CA   C N S 410 
TYR C    C N N 411 
TYR O    O N N 412 
TYR CB   C N N 413 
TYR CG   C Y N 414 
TYR CD1  C Y N 415 
TYR CD2  C Y N 416 
TYR CE1  C Y N 417 
TYR CE2  C Y N 418 
TYR CZ   C Y N 419 
TYR OH   O N N 420 
TYR OXT  O N N 421 
TYR H    H N N 422 
TYR H2   H N N 423 
TYR HA   H N N 424 
TYR HB2  H N N 425 
TYR HB3  H N N 426 
TYR HD1  H N N 427 
TYR HD2  H N N 428 
TYR HE1  H N N 429 
TYR HE2  H N N 430 
TYR HH   H N N 431 
TYR HXT  H N N 432 
VAL N    N N N 433 
VAL CA   C N S 434 
VAL C    C N N 435 
VAL O    O N N 436 
VAL CB   C N N 437 
VAL CG1  C N N 438 
VAL CG2  C N N 439 
VAL OXT  O N N 440 
VAL H    H N N 441 
VAL H2   H N N 442 
VAL HA   H N N 443 
VAL HB   H N N 444 
VAL HG11 H N N 445 
VAL HG12 H N N 446 
VAL HG13 H N N 447 
VAL HG21 H N N 448 
VAL HG22 H N N 449 
VAL HG23 H N N 450 
VAL HXT  H N N 451 
# 
loop_
_chem_comp_bond.comp_id 
_chem_comp_bond.atom_id_1 
_chem_comp_bond.atom_id_2 
_chem_comp_bond.value_order 
_chem_comp_bond.pdbx_aromatic_flag 
_chem_comp_bond.pdbx_stereo_config 
_chem_comp_bond.pdbx_ordinal 
ALA N   CA   sing N N 1   
ALA N   H    sing N N 2   
ALA N   H2   sing N N 3   
ALA CA  C    sing N N 4   
ALA CA  CB   sing N N 5   
ALA CA  HA   sing N N 6   
ALA C   O    doub N N 7   
ALA C   OXT  sing N N 8   
ALA CB  HB1  sing N N 9   
ALA CB  HB2  sing N N 10  
ALA CB  HB3  sing N N 11  
ALA OXT HXT  sing N N 12  
ARG N   CA   sing N N 13  
ARG N   H    sing N N 14  
ARG N   H2   sing N N 15  
ARG CA  C    sing N N 16  
ARG CA  CB   sing N N 17  
ARG CA  HA   sing N N 18  
ARG C   O    doub N N 19  
ARG C   OXT  sing N N 20  
ARG CB  CG   sing N N 21  
ARG CB  HB2  sing N N 22  
ARG CB  HB3  sing N N 23  
ARG CG  CD   sing N N 24  
ARG CG  HG2  sing N N 25  
ARG CG  HG3  sing N N 26  
ARG CD  NE   sing N N 27  
ARG CD  HD2  sing N N 28  
ARG CD  HD3  sing N N 29  
ARG NE  CZ   sing N N 30  
ARG NE  HE   sing N N 31  
ARG CZ  NH1  sing N N 32  
ARG CZ  NH2  doub N N 33  
ARG NH1 HH11 sing N N 34  
ARG NH1 HH12 sing N N 35  
ARG NH2 HH21 sing N N 36  
ARG NH2 HH22 sing N N 37  
ARG OXT HXT  sing N N 38  
ASN N   CA   sing N N 39  
ASN N   H    sing N N 40  
ASN N   H2   sing N N 41  
ASN CA  C    sing N N 42  
ASN CA  CB   sing N N 43  
ASN CA  HA   sing N N 44  
ASN C   O    doub N N 45  
ASN C   OXT  sing N N 46  
ASN CB  CG   sing N N 47  
ASN CB  HB2  sing N N 48  
ASN CB  HB3  sing N N 49  
ASN CG  OD1  doub N N 50  
ASN CG  ND2  sing N N 51  
ASN ND2 HD21 sing N N 52  
ASN ND2 HD22 sing N N 53  
ASN OXT HXT  sing N N 54  
ASP N   CA   sing N N 55  
ASP N   H    sing N N 56  
ASP N   H2   sing N N 57  
ASP CA  C    sing N N 58  
ASP CA  CB   sing N N 59  
ASP CA  HA   sing N N 60  
ASP C   O    doub N N 61  
ASP C   OXT  sing N N 62  
ASP CB  CG   sing N N 63  
ASP CB  HB2  sing N N 64  
ASP CB  HB3  sing N N 65  
ASP CG  OD1  doub N N 66  
ASP CG  OD2  sing N N 67  
ASP OD2 HD2  sing N N 68  
ASP OXT HXT  sing N N 69  
BZN C2  C3   sing N N 70  
BZN C2  N1   sing N N 71  
BZN C3  C4   sing N N 72  
BZN C3  C15  sing N N 73  
BZN C4  C5   sing N N 74  
BZN C4  C6   sing N N 75  
BZN C5  N1   sing N N 76  
BZN C6  O7   sing N N 77  
BZN C15 N16  sing N N 78  
BZN N16 C24  sing N N 79  
BZN N16 S17  sing N N 80  
BZN C24 C25  sing N N 81  
BZN C25 C27  sing N N 82  
BZN C25 C26  sing N N 83  
BZN S17 O29  doub N N 84  
BZN S17 O28  doub N N 85  
BZN S17 C18  sing N N 86  
BZN C18 C23  doub Y N 87  
BZN C18 C19  sing Y N 88  
BZN C23 C22  sing Y N 89  
BZN C22 C21  doub Y N 90  
BZN C21 C20  sing Y N 91  
BZN C20 C19  doub Y N 92  
BZN O7  C8   sing N N 93  
BZN C8  C9   sing N N 94  
BZN C9  C14  doub Y N 95  
BZN C9  C10  sing Y N 96  
BZN C14 C13  sing Y N 97  
BZN C13 C12  doub Y N 98  
BZN C12 C11  sing Y N 99  
BZN C11 C10  doub Y N 100 
BZN C2  H2   sing N N 101 
BZN C2  H2A  sing N N 102 
BZN C3  H3   sing N N 103 
BZN C4  H4   sing N N 104 
BZN C5  H5   sing N N 105 
BZN C5  H5A  sing N N 106 
BZN C6  H6   sing N N 107 
BZN C6  H6A  sing N N 108 
BZN N1  HN1  sing N N 109 
BZN C15 H15  sing N N 110 
BZN C15 H15A sing N N 111 
BZN C24 H24  sing N N 112 
BZN C24 H24A sing N N 113 
BZN C25 H25  sing N N 114 
BZN C27 H27  sing N N 115 
BZN C27 H27A sing N N 116 
BZN C27 H27B sing N N 117 
BZN C26 H26  sing N N 118 
BZN C26 H26A sing N N 119 
BZN C26 H26B sing N N 120 
BZN C23 H23  sing N N 121 
BZN C22 H22  sing N N 122 
BZN C21 H21  sing N N 123 
BZN C20 H20  sing N N 124 
BZN C19 H19  sing N N 125 
BZN C8  H8   sing N N 126 
BZN C8  H8A  sing N N 127 
BZN C14 H14  sing N N 128 
BZN C13 H13  sing N N 129 
BZN C12 H12  sing N N 130 
BZN C11 H11  sing N N 131 
BZN C10 H10  sing N N 132 
CYS N   CA   sing N N 133 
CYS N   H    sing N N 134 
CYS N   H2   sing N N 135 
CYS CA  C    sing N N 136 
CYS CA  CB   sing N N 137 
CYS CA  HA   sing N N 138 
CYS C   O    doub N N 139 
CYS C   OXT  sing N N 140 
CYS CB  SG   sing N N 141 
CYS CB  HB2  sing N N 142 
CYS CB  HB3  sing N N 143 
CYS SG  HG   sing N N 144 
CYS OXT HXT  sing N N 145 
GLN N   CA   sing N N 146 
GLN N   H    sing N N 147 
GLN N   H2   sing N N 148 
GLN CA  C    sing N N 149 
GLN CA  CB   sing N N 150 
GLN CA  HA   sing N N 151 
GLN C   O    doub N N 152 
GLN C   OXT  sing N N 153 
GLN CB  CG   sing N N 154 
GLN CB  HB2  sing N N 155 
GLN CB  HB3  sing N N 156 
GLN CG  CD   sing N N 157 
GLN CG  HG2  sing N N 158 
GLN CG  HG3  sing N N 159 
GLN CD  OE1  doub N N 160 
GLN CD  NE2  sing N N 161 
GLN NE2 HE21 sing N N 162 
GLN NE2 HE22 sing N N 163 
GLN OXT HXT  sing N N 164 
GLU N   CA   sing N N 165 
GLU N   H    sing N N 166 
GLU N   H2   sing N N 167 
GLU CA  C    sing N N 168 
GLU CA  CB   sing N N 169 
GLU CA  HA   sing N N 170 
GLU C   O    doub N N 171 
GLU C   OXT  sing N N 172 
GLU CB  CG   sing N N 173 
GLU CB  HB2  sing N N 174 
GLU CB  HB3  sing N N 175 
GLU CG  CD   sing N N 176 
GLU CG  HG2  sing N N 177 
GLU CG  HG3  sing N N 178 
GLU CD  OE1  doub N N 179 
GLU CD  OE2  sing N N 180 
GLU OE2 HE2  sing N N 181 
GLU OXT HXT  sing N N 182 
GLY N   CA   sing N N 183 
GLY N   H    sing N N 184 
GLY N   H2   sing N N 185 
GLY CA  C    sing N N 186 
GLY CA  HA2  sing N N 187 
GLY CA  HA3  sing N N 188 
GLY C   O    doub N N 189 
GLY C   OXT  sing N N 190 
GLY OXT HXT  sing N N 191 
HIS N   CA   sing N N 192 
HIS N   H    sing N N 193 
HIS N   H2   sing N N 194 
HIS CA  C    sing N N 195 
HIS CA  CB   sing N N 196 
HIS CA  HA   sing N N 197 
HIS C   O    doub N N 198 
HIS C   OXT  sing N N 199 
HIS CB  CG   sing N N 200 
HIS CB  HB2  sing N N 201 
HIS CB  HB3  sing N N 202 
HIS CG  ND1  sing Y N 203 
HIS CG  CD2  doub Y N 204 
HIS ND1 CE1  doub Y N 205 
HIS ND1 HD1  sing N N 206 
HIS CD2 NE2  sing Y N 207 
HIS CD2 HD2  sing N N 208 
HIS CE1 NE2  sing Y N 209 
HIS CE1 HE1  sing N N 210 
HIS NE2 HE2  sing N N 211 
HIS OXT HXT  sing N N 212 
HOH O   H1   sing N N 213 
HOH O   H2   sing N N 214 
ILE N   CA   sing N N 215 
ILE N   H    sing N N 216 
ILE N   H2   sing N N 217 
ILE CA  C    sing N N 218 
ILE CA  CB   sing N N 219 
ILE CA  HA   sing N N 220 
ILE C   O    doub N N 221 
ILE C   OXT  sing N N 222 
ILE CB  CG1  sing N N 223 
ILE CB  CG2  sing N N 224 
ILE CB  HB   sing N N 225 
ILE CG1 CD1  sing N N 226 
ILE CG1 HG12 sing N N 227 
ILE CG1 HG13 sing N N 228 
ILE CG2 HG21 sing N N 229 
ILE CG2 HG22 sing N N 230 
ILE CG2 HG23 sing N N 231 
ILE CD1 HD11 sing N N 232 
ILE CD1 HD12 sing N N 233 
ILE CD1 HD13 sing N N 234 
ILE OXT HXT  sing N N 235 
LEU N   CA   sing N N 236 
LEU N   H    sing N N 237 
LEU N   H2   sing N N 238 
LEU CA  C    sing N N 239 
LEU CA  CB   sing N N 240 
LEU CA  HA   sing N N 241 
LEU C   O    doub N N 242 
LEU C   OXT  sing N N 243 
LEU CB  CG   sing N N 244 
LEU CB  HB2  sing N N 245 
LEU CB  HB3  sing N N 246 
LEU CG  CD1  sing N N 247 
LEU CG  CD2  sing N N 248 
LEU CG  HG   sing N N 249 
LEU CD1 HD11 sing N N 250 
LEU CD1 HD12 sing N N 251 
LEU CD1 HD13 sing N N 252 
LEU CD2 HD21 sing N N 253 
LEU CD2 HD22 sing N N 254 
LEU CD2 HD23 sing N N 255 
LEU OXT HXT  sing N N 256 
LYS N   CA   sing N N 257 
LYS N   H    sing N N 258 
LYS N   H2   sing N N 259 
LYS CA  C    sing N N 260 
LYS CA  CB   sing N N 261 
LYS CA  HA   sing N N 262 
LYS C   O    doub N N 263 
LYS C   OXT  sing N N 264 
LYS CB  CG   sing N N 265 
LYS CB  HB2  sing N N 266 
LYS CB  HB3  sing N N 267 
LYS CG  CD   sing N N 268 
LYS CG  HG2  sing N N 269 
LYS CG  HG3  sing N N 270 
LYS CD  CE   sing N N 271 
LYS CD  HD2  sing N N 272 
LYS CD  HD3  sing N N 273 
LYS CE  NZ   sing N N 274 
LYS CE  HE2  sing N N 275 
LYS CE  HE3  sing N N 276 
LYS NZ  HZ1  sing N N 277 
LYS NZ  HZ2  sing N N 278 
LYS NZ  HZ3  sing N N 279 
LYS OXT HXT  sing N N 280 
MET N   CA   sing N N 281 
MET N   H    sing N N 282 
MET N   H2   sing N N 283 
MET CA  C    sing N N 284 
MET CA  CB   sing N N 285 
MET CA  HA   sing N N 286 
MET C   O    doub N N 287 
MET C   OXT  sing N N 288 
MET CB  CG   sing N N 289 
MET CB  HB2  sing N N 290 
MET CB  HB3  sing N N 291 
MET CG  SD   sing N N 292 
MET CG  HG2  sing N N 293 
MET CG  HG3  sing N N 294 
MET SD  CE   sing N N 295 
MET CE  HE1  sing N N 296 
MET CE  HE2  sing N N 297 
MET CE  HE3  sing N N 298 
MET OXT HXT  sing N N 299 
PHE N   CA   sing N N 300 
PHE N   H    sing N N 301 
PHE N   H2   sing N N 302 
PHE CA  C    sing N N 303 
PHE CA  CB   sing N N 304 
PHE CA  HA   sing N N 305 
PHE C   O    doub N N 306 
PHE C   OXT  sing N N 307 
PHE CB  CG   sing N N 308 
PHE CB  HB2  sing N N 309 
PHE CB  HB3  sing N N 310 
PHE CG  CD1  doub Y N 311 
PHE CG  CD2  sing Y N 312 
PHE CD1 CE1  sing Y N 313 
PHE CD1 HD1  sing N N 314 
PHE CD2 CE2  doub Y N 315 
PHE CD2 HD2  sing N N 316 
PHE CE1 CZ   doub Y N 317 
PHE CE1 HE1  sing N N 318 
PHE CE2 CZ   sing Y N 319 
PHE CE2 HE2  sing N N 320 
PHE CZ  HZ   sing N N 321 
PHE OXT HXT  sing N N 322 
PRO N   CA   sing N N 323 
PRO N   CD   sing N N 324 
PRO N   H    sing N N 325 
PRO CA  C    sing N N 326 
PRO CA  CB   sing N N 327 
PRO CA  HA   sing N N 328 
PRO C   O    doub N N 329 
PRO C   OXT  sing N N 330 
PRO CB  CG   sing N N 331 
PRO CB  HB2  sing N N 332 
PRO CB  HB3  sing N N 333 
PRO CG  CD   sing N N 334 
PRO CG  HG2  sing N N 335 
PRO CG  HG3  sing N N 336 
PRO CD  HD2  sing N N 337 
PRO CD  HD3  sing N N 338 
PRO OXT HXT  sing N N 339 
SER N   CA   sing N N 340 
SER N   H    sing N N 341 
SER N   H2   sing N N 342 
SER CA  C    sing N N 343 
SER CA  CB   sing N N 344 
SER CA  HA   sing N N 345 
SER C   O    doub N N 346 
SER C   OXT  sing N N 347 
SER CB  OG   sing N N 348 
SER CB  HB2  sing N N 349 
SER CB  HB3  sing N N 350 
SER OG  HG   sing N N 351 
SER OXT HXT  sing N N 352 
THR N   CA   sing N N 353 
THR N   H    sing N N 354 
THR N   H2   sing N N 355 
THR CA  C    sing N N 356 
THR CA  CB   sing N N 357 
THR CA  HA   sing N N 358 
THR C   O    doub N N 359 
THR C   OXT  sing N N 360 
THR CB  OG1  sing N N 361 
THR CB  CG2  sing N N 362 
THR CB  HB   sing N N 363 
THR OG1 HG1  sing N N 364 
THR CG2 HG21 sing N N 365 
THR CG2 HG22 sing N N 366 
THR CG2 HG23 sing N N 367 
THR OXT HXT  sing N N 368 
TRP N   CA   sing N N 369 
TRP N   H    sing N N 370 
TRP N   H2   sing N N 371 
TRP CA  C    sing N N 372 
TRP CA  CB   sing N N 373 
TRP CA  HA   sing N N 374 
TRP C   O    doub N N 375 
TRP C   OXT  sing N N 376 
TRP CB  CG   sing N N 377 
TRP CB  HB2  sing N N 378 
TRP CB  HB3  sing N N 379 
TRP CG  CD1  doub Y N 380 
TRP CG  CD2  sing Y N 381 
TRP CD1 NE1  sing Y N 382 
TRP CD1 HD1  sing N N 383 
TRP CD2 CE2  doub Y N 384 
TRP CD2 CE3  sing Y N 385 
TRP NE1 CE2  sing Y N 386 
TRP NE1 HE1  sing N N 387 
TRP CE2 CZ2  sing Y N 388 
TRP CE3 CZ3  doub Y N 389 
TRP CE3 HE3  sing N N 390 
TRP CZ2 CH2  doub Y N 391 
TRP CZ2 HZ2  sing N N 392 
TRP CZ3 CH2  sing Y N 393 
TRP CZ3 HZ3  sing N N 394 
TRP CH2 HH2  sing N N 395 
TRP OXT HXT  sing N N 396 
TYR N   CA   sing N N 397 
TYR N   H    sing N N 398 
TYR N   H2   sing N N 399 
TYR CA  C    sing N N 400 
TYR CA  CB   sing N N 401 
TYR CA  HA   sing N N 402 
TYR C   O    doub N N 403 
TYR C   OXT  sing N N 404 
TYR CB  CG   sing N N 405 
TYR CB  HB2  sing N N 406 
TYR CB  HB3  sing N N 407 
TYR CG  CD1  doub Y N 408 
TYR CG  CD2  sing Y N 409 
TYR CD1 CE1  sing Y N 410 
TYR CD1 HD1  sing N N 411 
TYR CD2 CE2  doub Y N 412 
TYR CD2 HD2  sing N N 413 
TYR CE1 CZ   doub Y N 414 
TYR CE1 HE1  sing N N 415 
TYR CE2 CZ   sing Y N 416 
TYR CE2 HE2  sing N N 417 
TYR CZ  OH   sing N N 418 
TYR OH  HH   sing N N 419 
TYR OXT HXT  sing N N 420 
VAL N   CA   sing N N 421 
VAL N   H    sing N N 422 
VAL N   H2   sing N N 423 
VAL CA  C    sing N N 424 
VAL CA  CB   sing N N 425 
VAL CA  HA   sing N N 426 
VAL C   O    doub N N 427 
VAL C   OXT  sing N N 428 
VAL CB  CG1  sing N N 429 
VAL CB  CG2  sing N N 430 
VAL CB  HB   sing N N 431 
VAL CG1 HG11 sing N N 432 
VAL CG1 HG12 sing N N 433 
VAL CG1 HG13 sing N N 434 
VAL CG2 HG21 sing N N 435 
VAL CG2 HG22 sing N N 436 
VAL CG2 HG23 sing N N 437 
VAL OXT HXT  sing N N 438 
# 
loop_
_pdbx_entity_nonpoly.entity_id 
_pdbx_entity_nonpoly.name 
_pdbx_entity_nonpoly.comp_id 
2 'N-({(3R,4R)-4-[(benzyloxy)methyl]pyrrolidin-3-yl}methyl)-N-(2-methylpropyl)benzenesulfonamide' BZN 
3 water                                                                                           HOH 
# 
_pdbx_initial_refinement_model.id               1 
_pdbx_initial_refinement_model.entity_id_list   ? 
_pdbx_initial_refinement_model.type             'experimental model' 
_pdbx_initial_refinement_model.source_name      PDB 
_pdbx_initial_refinement_model.accession_code   1XL2 
_pdbx_initial_refinement_model.details          'pdb entry 1XL2' 
# 
